data_6MW3
#
_entry.id   6MW3
#
_cell.length_a   1
_cell.length_b   1
_cell.length_c   1
_cell.angle_alpha   90.00
_cell.angle_beta   90.00
_cell.angle_gamma   90.00
#
_symmetry.space_group_name_H-M   'P 1'
#
loop_
_entity.id
_entity.type
_entity.pdbx_description
1 polymer 'Ribonucleoside-diphosphate reductase'
2 polymer 'Ribonucleoside-diphosphate reductase NrdF beta subunit'
3 non-polymer "2'-DEOXYADENOSINE 5'-TRIPHOSPHATE"
#
loop_
_entity_poly.entity_id
_entity_poly.type
_entity_poly.pdbx_seq_one_letter_code
_entity_poly.pdbx_strand_id
1 'polypeptide(L)'
;MSQNQVPKWIQLNNEIMIQKDGKFQFDKDKEAVHSYFVDYINQNTVFFHNLKEKLDYLVENQYYEEEFLSLYSFEDIKEV
FKTAYAKKFRFPSFMSAFKFYNDYALKTNDKKKILERYEDRISIVALFFANGDTEKAKEYVNLMINQEYQPSTPTFLNAG
RKRRGELVSCFLLEVNDSLNDISRAIDISMQLSKLGGGVSLNLSKLRAKGEAIKDVENATKGVVGVMKLLDNAFRYADQM
GQRQGSGAAYLNIFHRDINDFLDTKKISADEDVRVKTLSIGVVIPDKFVELAREDKAAYVFYPHTIYKEYGQHMDEMDMN
EMYDKFVDNPRVKKEKINPRKLLEKLAMLRSESGYPYIMFQDNVNKVHANNHISKVKFSNLCSEVLQASQVSSYTDYDEE
DEIGLDISCNLGSLNILNVMEHKSIEKTVKLATDSLTHVSETTDIRNAPAVRRANKAMKSIGLGAMNLHGYLAQNGIAYE
SPEARDFANTFFMMVNFYSIQRSAEIAKEKGETFDQYEGSTYATGEYFDKYVSTDFSPKYEKIANLFEGMHIPTTEDWKK
LKAFVAEHGMYHSYRLCIAPTGSISYVQSSTASVMPIMERIEERTYGNSKTYYPMPGLASNNWFFYKEAYDMDMFKVVDM
IATIQQHIDQGISFTLFLKDTMTTRDLNRIDLYAHHRGIKTIYYARTKDTGQDSCLSCVV
;
C,D
2 'polypeptide(L)' (UNK)(UNK)(UNK)(UNK)(UNK)(UNK)(UNK)(UNK) I,J
#
# COMPACT_ATOMS: atom_id res chain seq x y z
N ASN A 4 29.88 0.71 38.12
CA ASN A 4 28.74 -0.20 38.23
C ASN A 4 27.83 0.15 39.40
N GLN A 5 28.27 1.10 40.21
CA GLN A 5 27.54 1.47 41.40
C GLN A 5 26.32 2.30 41.04
N VAL A 6 25.24 2.07 41.78
CA VAL A 6 24.02 2.85 41.60
C VAL A 6 24.27 4.25 42.14
N PRO A 7 23.90 5.32 41.42
CA PRO A 7 24.14 6.67 41.91
C PRO A 7 23.25 7.01 43.11
N LYS A 8 23.55 8.18 43.68
CA LYS A 8 23.08 8.52 45.02
C LYS A 8 21.58 8.69 45.09
N TRP A 9 21.00 9.39 44.10
CA TRP A 9 19.58 9.72 44.18
C TRP A 9 18.70 8.50 43.97
N ILE A 10 19.12 7.54 43.14
CA ILE A 10 18.36 6.32 42.96
C ILE A 10 18.41 5.48 44.22
N GLN A 11 19.56 5.45 44.88
CA GLN A 11 19.69 4.74 46.15
C GLN A 11 18.82 5.37 47.22
N LEU A 12 18.71 6.70 47.21
CA LEU A 12 17.81 7.37 48.14
C LEU A 12 16.35 7.11 47.80
N ASN A 13 16.04 6.97 46.52
CA ASN A 13 14.67 6.69 46.12
C ASN A 13 14.26 5.25 46.43
N ASN A 14 15.22 4.35 46.51
CA ASN A 14 14.90 2.99 46.91
C ASN A 14 14.72 2.83 48.40
N GLU A 15 14.93 3.88 49.19
CA GLU A 15 14.87 3.78 50.64
C GLU A 15 13.45 3.80 51.19
N ILE A 16 12.45 4.09 50.35
CA ILE A 16 11.12 4.39 50.86
C ILE A 16 10.42 3.12 51.30
N MET A 17 10.80 1.97 50.75
CA MET A 17 10.17 0.71 51.12
C MET A 17 10.69 0.15 52.43
N ILE A 18 11.64 0.82 53.09
CA ILE A 18 12.10 0.38 54.39
C ILE A 18 11.06 0.75 55.44
N GLN A 19 10.64 -0.24 56.24
CA GLN A 19 9.58 -0.05 57.21
C GLN A 19 10.15 0.66 58.44
N LYS A 20 9.88 1.95 58.55
CA LYS A 20 10.17 2.72 59.75
C LYS A 20 8.85 2.89 60.49
N ASP A 21 8.70 2.11 61.58
CA ASP A 21 7.48 2.04 62.38
C ASP A 21 6.28 1.63 61.52
N GLY A 22 6.51 0.68 60.61
CA GLY A 22 5.46 0.23 59.72
C GLY A 22 5.06 1.24 58.68
N LYS A 23 5.94 2.18 58.35
CA LYS A 23 5.60 3.23 57.40
C LYS A 23 6.61 3.28 56.27
N PHE A 24 6.52 4.33 55.45
CA PHE A 24 7.39 4.52 54.30
C PHE A 24 8.21 5.78 54.49
N GLN A 25 9.41 5.78 53.89
CA GLN A 25 10.34 6.88 54.06
C GLN A 25 10.03 7.95 53.02
N PHE A 26 8.93 8.66 53.26
CA PHE A 26 8.51 9.74 52.38
C PHE A 26 9.48 10.92 52.40
N ASP A 27 9.99 11.25 53.58
CA ASP A 27 10.83 12.42 53.75
C ASP A 27 12.18 12.28 53.07
N LYS A 28 12.63 11.04 52.84
CA LYS A 28 13.83 10.80 52.04
C LYS A 28 13.64 11.23 50.59
N ASP A 29 12.39 11.24 50.10
CA ASP A 29 12.13 11.37 48.68
C ASP A 29 12.59 12.71 48.15
N LYS A 30 12.22 13.80 48.85
CA LYS A 30 12.71 15.13 48.52
C LYS A 30 14.23 15.19 48.51
N GLU A 31 14.86 14.49 49.47
CA GLU A 31 16.32 14.43 49.52
C GLU A 31 16.87 13.81 48.25
N ALA A 32 16.22 12.76 47.75
CA ALA A 32 16.59 12.16 46.48
C ALA A 32 16.46 13.17 45.36
N VAL A 33 15.38 13.95 45.38
CA VAL A 33 15.20 15.01 44.40
C VAL A 33 16.27 16.07 44.60
N HIS A 34 16.62 16.35 45.86
CA HIS A 34 17.67 17.31 46.11
C HIS A 34 19.03 16.74 45.75
N SER A 35 19.13 15.41 45.67
CA SER A 35 20.32 14.82 45.09
C SER A 35 20.32 15.00 43.58
N TYR A 36 19.13 14.86 42.97
CA TYR A 36 19.05 14.75 41.52
C TYR A 36 19.36 16.06 40.84
N PHE A 37 19.19 17.17 41.53
CA PHE A 37 19.56 18.46 40.99
C PHE A 37 20.98 18.87 41.32
N VAL A 38 21.80 17.95 41.81
CA VAL A 38 23.18 18.25 42.12
C VAL A 38 24.14 17.39 41.29
N ASP A 39 23.82 16.11 41.15
CA ASP A 39 24.81 15.20 40.58
C ASP A 39 24.48 14.72 39.18
N TYR A 40 23.37 15.13 38.60
CA TYR A 40 23.20 14.85 37.18
C TYR A 40 22.68 16.01 36.34
N ILE A 41 21.89 16.91 36.90
CA ILE A 41 21.25 17.92 36.08
C ILE A 41 22.13 19.14 35.92
N ASN A 42 22.58 19.71 37.02
CA ASN A 42 23.37 20.94 36.96
C ASN A 42 24.80 20.70 36.51
N GLN A 43 25.14 19.52 36.02
CA GLN A 43 26.44 19.26 35.41
C GLN A 43 26.32 18.83 33.96
N ASN A 44 25.20 19.16 33.31
CA ASN A 44 25.10 18.96 31.86
C ASN A 44 24.35 20.08 31.17
N THR A 45 24.18 21.22 31.82
CA THR A 45 23.52 22.36 31.21
C THR A 45 24.54 23.24 30.53
N VAL A 46 24.28 23.61 29.28
CA VAL A 46 25.20 24.47 28.54
C VAL A 46 25.16 25.87 29.15
N PHE A 47 26.33 26.38 29.51
CA PHE A 47 26.43 27.60 30.28
C PHE A 47 26.48 28.83 29.40
N PHE A 48 25.79 29.87 29.84
CA PHE A 48 25.65 31.12 29.11
C PHE A 48 25.89 32.28 30.05
N HIS A 49 26.29 33.41 29.49
CA HIS A 49 26.42 34.61 30.31
C HIS A 49 25.07 35.16 30.65
N ASN A 50 24.31 35.56 29.63
CA ASN A 50 23.01 36.17 29.86
C ASN A 50 22.11 35.84 28.68
N LEU A 51 21.01 36.58 28.55
CA LEU A 51 19.92 36.15 27.71
C LEU A 51 20.21 36.35 26.23
N LYS A 52 20.91 37.43 25.89
CA LYS A 52 20.93 37.91 24.52
C LYS A 52 21.71 36.97 23.61
N GLU A 53 22.96 36.70 24.00
CA GLU A 53 23.84 35.77 23.24
C GLU A 53 23.15 34.40 23.25
N LYS A 54 22.57 34.01 24.39
CA LYS A 54 21.87 32.75 24.47
C LYS A 54 20.87 32.59 23.34
N LEU A 55 19.99 33.58 23.17
CA LEU A 55 19.00 33.49 22.11
C LEU A 55 19.63 33.57 20.74
N ASP A 56 20.72 34.34 20.62
CA ASP A 56 21.39 34.44 19.34
C ASP A 56 22.05 33.12 18.95
N TYR A 57 22.63 32.41 19.93
CA TYR A 57 23.15 31.08 19.66
C TYR A 57 22.04 30.11 19.35
N LEU A 58 20.88 30.29 19.95
CA LEU A 58 19.76 29.39 19.65
C LEU A 58 19.18 29.63 18.28
N VAL A 59 19.33 30.83 17.73
CA VAL A 59 18.81 31.06 16.39
C VAL A 59 19.73 30.45 15.34
N GLU A 60 21.03 30.67 15.46
CA GLU A 60 21.97 30.38 14.40
C GLU A 60 22.36 28.91 14.31
N ASN A 61 21.62 28.02 14.92
CA ASN A 61 21.89 26.60 14.77
C ASN A 61 20.60 25.82 14.48
N GLN A 62 19.59 26.52 13.96
CA GLN A 62 18.35 25.93 13.46
C GLN A 62 17.58 25.17 14.54
N TYR A 63 17.23 25.89 15.59
CA TYR A 63 16.39 25.33 16.65
C TYR A 63 15.04 26.03 16.71
N TYR A 64 15.03 27.34 16.87
CA TYR A 64 13.80 28.09 17.04
C TYR A 64 13.35 28.71 15.73
N GLU A 65 12.06 28.60 15.44
CA GLU A 65 11.47 29.30 14.32
C GLU A 65 11.50 30.80 14.60
N GLU A 66 12.30 31.52 13.84
CA GLU A 66 12.70 32.88 14.19
C GLU A 66 11.65 33.93 13.91
N GLU A 67 10.50 33.55 13.34
CA GLU A 67 9.52 34.54 12.93
C GLU A 67 8.81 35.16 14.13
N PHE A 68 8.11 34.33 14.90
CA PHE A 68 7.34 34.85 16.03
C PHE A 68 8.24 35.30 17.16
N LEU A 69 9.47 34.81 17.20
CA LEU A 69 10.47 35.29 18.15
C LEU A 69 11.18 36.55 17.66
N SER A 70 10.67 37.17 16.59
CA SER A 70 11.12 38.47 16.15
C SER A 70 10.04 39.52 16.29
N LEU A 71 8.88 39.16 16.84
CA LEU A 71 7.73 40.04 16.85
C LEU A 71 7.51 40.76 18.17
N TYR A 72 8.57 40.92 18.96
CA TYR A 72 8.47 41.65 20.21
C TYR A 72 9.76 42.43 20.41
N SER A 73 9.85 43.13 21.53
CA SER A 73 11.14 43.69 21.90
C SER A 73 11.94 42.65 22.68
N PHE A 74 13.23 42.91 22.80
CA PHE A 74 14.07 42.08 23.66
C PHE A 74 13.68 42.25 25.13
N GLU A 75 13.28 43.48 25.49
CA GLU A 75 13.02 43.79 26.89
C GLU A 75 11.75 43.13 27.39
N ASP A 76 10.73 43.00 26.53
CA ASP A 76 9.50 42.36 26.95
C ASP A 76 9.71 40.88 27.18
N ILE A 77 10.53 40.25 26.33
CA ILE A 77 10.88 38.85 26.51
C ILE A 77 11.70 38.68 27.79
N LYS A 78 12.54 39.67 28.08
CA LYS A 78 13.29 39.66 29.33
C LYS A 78 12.36 39.76 30.52
N GLU A 79 11.30 40.56 30.41
CA GLU A 79 10.33 40.67 31.50
C GLU A 79 9.56 39.37 31.68
N VAL A 80 9.27 38.68 30.59
CA VAL A 80 8.55 37.41 30.67
C VAL A 80 9.42 36.35 31.35
N PHE A 81 10.68 36.24 30.94
CA PHE A 81 11.59 35.31 31.58
C PHE A 81 11.84 35.69 33.04
N LYS A 82 11.83 36.97 33.35
CA LYS A 82 11.99 37.41 34.73
C LYS A 82 10.80 37.00 35.57
N THR A 83 9.60 37.13 35.01
CA THR A 83 8.40 36.69 35.70
C THR A 83 8.39 35.18 35.89
N ALA A 84 8.95 34.45 34.93
CA ALA A 84 9.04 33.00 35.08
C ALA A 84 10.02 32.60 36.17
N TYR A 85 11.20 33.22 36.20
CA TYR A 85 12.16 32.86 37.25
C TYR A 85 11.79 33.43 38.61
N ALA A 86 10.87 34.40 38.67
CA ALA A 86 10.50 34.97 39.95
C ALA A 86 9.69 34.02 40.83
N LYS A 87 9.26 32.88 40.29
CA LYS A 87 8.46 31.95 41.08
C LYS A 87 9.31 31.22 42.12
N LYS A 88 10.57 30.92 41.77
CA LYS A 88 11.43 29.97 42.49
C LYS A 88 10.70 28.64 42.66
N PHE A 89 10.46 28.03 41.50
CA PHE A 89 9.66 26.82 41.43
C PHE A 89 10.49 25.62 41.81
N ARG A 90 9.84 24.64 42.43
CA ARG A 90 10.45 23.37 42.76
C ARG A 90 9.51 22.24 42.35
N PHE A 91 10.09 21.06 42.18
CA PHE A 91 9.36 19.83 41.93
C PHE A 91 9.03 19.13 43.23
N PRO A 92 7.88 18.45 43.31
CA PRO A 92 7.51 17.78 44.55
C PRO A 92 7.94 16.32 44.64
N SER A 93 8.32 15.67 43.54
CA SER A 93 8.53 14.24 43.59
C SER A 93 9.72 13.87 42.72
N PHE A 94 10.07 12.60 42.72
CA PHE A 94 11.25 12.18 41.97
C PHE A 94 10.96 12.05 40.49
N MET A 95 9.82 11.48 40.12
CA MET A 95 9.50 11.36 38.71
C MET A 95 9.15 12.71 38.10
N SER A 96 8.80 13.68 38.95
CA SER A 96 8.43 15.02 38.52
C SER A 96 9.55 15.72 37.77
N ALA A 97 10.79 15.33 38.01
CA ALA A 97 11.89 15.75 37.17
C ALA A 97 12.23 14.76 36.09
N PHE A 98 12.15 13.46 36.40
CA PHE A 98 12.77 12.47 35.53
C PHE A 98 11.97 12.29 34.25
N LYS A 99 10.66 12.47 34.31
CA LYS A 99 9.93 12.36 33.08
C LYS A 99 10.03 13.60 32.22
N PHE A 100 10.56 14.70 32.74
CA PHE A 100 10.68 15.88 31.91
C PHE A 100 12.08 16.12 31.40
N TYR A 101 13.11 15.92 32.22
CA TYR A 101 14.46 16.10 31.71
C TYR A 101 15.03 14.89 31.02
N ASN A 102 14.22 13.90 30.70
CA ASN A 102 14.71 12.80 29.88
C ASN A 102 14.09 12.80 28.50
N ASP A 103 12.84 13.17 28.37
CA ASP A 103 12.24 13.03 27.05
C ASP A 103 11.67 14.32 26.49
N TYR A 104 10.95 15.11 27.30
CA TYR A 104 10.21 16.21 26.69
C TYR A 104 11.07 17.44 26.49
N ALA A 105 11.94 17.75 27.45
CA ALA A 105 12.75 18.94 27.34
C ALA A 105 13.77 18.80 26.24
N LEU A 106 14.22 19.95 25.74
CA LEU A 106 15.01 19.99 24.52
C LEU A 106 16.45 19.57 24.80
N LYS A 107 16.96 18.69 23.96
CA LYS A 107 18.35 18.30 24.03
C LYS A 107 19.10 18.93 22.87
N THR A 108 20.37 18.55 22.74
CA THR A 108 21.24 19.09 21.72
C THR A 108 21.28 18.17 20.51
N ASN A 109 22.19 18.47 19.57
CA ASN A 109 22.25 17.69 18.34
C ASN A 109 22.85 16.31 18.59
N ASP A 110 23.83 16.23 19.48
CA ASP A 110 24.41 14.95 19.84
C ASP A 110 23.59 14.19 20.87
N LYS A 111 22.47 14.78 21.32
CA LYS A 111 21.54 14.21 22.31
C LYS A 111 22.23 13.89 23.63
N LYS A 112 23.19 14.73 24.03
CA LYS A 112 23.95 14.49 25.24
C LYS A 112 23.97 15.65 26.20
N LYS A 113 23.42 16.80 25.83
CA LYS A 113 23.37 17.92 26.75
C LYS A 113 21.99 18.56 26.70
N ILE A 114 21.75 19.47 27.64
CA ILE A 114 20.43 20.01 27.92
C ILE A 114 20.48 21.52 27.79
N LEU A 115 19.57 22.08 26.99
CA LEU A 115 19.53 23.50 26.72
C LEU A 115 18.37 24.21 27.41
N GLU A 116 17.15 23.74 27.21
CA GLU A 116 15.98 24.42 27.77
C GLU A 116 15.79 23.97 29.22
N ARG A 117 15.72 24.94 30.12
CA ARG A 117 15.37 24.66 31.50
C ARG A 117 13.86 24.58 31.62
N TYR A 118 13.35 24.39 32.84
CA TYR A 118 11.92 24.22 32.99
C TYR A 118 11.16 25.52 32.82
N GLU A 119 11.78 26.65 33.16
CA GLU A 119 11.16 27.93 32.84
C GLU A 119 11.13 28.16 31.33
N ASP A 120 12.16 27.66 30.64
CA ASP A 120 12.37 27.97 29.23
C ASP A 120 11.24 27.46 28.36
N ARG A 121 10.91 26.18 28.51
CA ARG A 121 9.91 25.53 27.68
C ARG A 121 8.54 26.18 27.88
N ILE A 122 8.21 26.46 29.14
CA ILE A 122 6.93 27.08 29.47
C ILE A 122 6.84 28.49 28.89
N SER A 123 7.91 29.27 28.99
CA SER A 123 7.80 30.65 28.55
C SER A 123 7.87 30.76 27.03
N ILE A 124 8.54 29.81 26.37
CA ILE A 124 8.47 29.75 24.92
C ILE A 124 7.07 29.42 24.45
N VAL A 125 6.41 28.46 25.12
CA VAL A 125 5.01 28.17 24.85
C VAL A 125 4.14 29.40 25.11
N ALA A 126 4.51 30.19 26.11
CA ALA A 126 3.75 31.39 26.45
C ALA A 126 3.84 32.43 25.34
N LEU A 127 5.05 32.69 24.85
CA LEU A 127 5.16 33.63 23.74
C LEU A 127 4.55 33.10 22.47
N PHE A 128 4.48 31.78 22.30
CA PHE A 128 3.79 31.24 21.13
C PHE A 128 2.29 31.46 21.23
N PHE A 129 1.74 31.30 22.43
CA PHE A 129 0.32 31.57 22.61
C PHE A 129 0.02 33.05 22.68
N ALA A 130 1.04 33.90 22.81
CA ALA A 130 0.79 35.32 22.93
C ALA A 130 0.30 35.91 21.63
N ASN A 131 1.16 35.86 20.59
CA ASN A 131 0.94 36.47 19.29
C ASN A 131 0.56 37.95 19.43
N GLY A 132 1.32 38.68 20.23
CA GLY A 132 1.18 40.12 20.22
C GLY A 132 1.15 40.86 21.53
N ASP A 133 0.55 40.30 22.57
CA ASP A 133 0.42 41.02 23.83
C ASP A 133 1.37 40.48 24.87
N THR A 134 2.15 41.38 25.46
CA THR A 134 3.10 40.99 26.49
C THR A 134 2.39 40.58 27.77
N GLU A 135 1.37 41.34 28.15
CA GLU A 135 0.66 41.07 29.40
C GLU A 135 -0.15 39.78 29.31
N LYS A 136 -0.68 39.46 28.13
CA LYS A 136 -1.35 38.18 27.96
C LYS A 136 -0.37 37.03 28.08
N ALA A 137 0.86 37.23 27.61
CA ALA A 137 1.89 36.22 27.79
C ALA A 137 2.23 36.04 29.25
N LYS A 138 2.27 37.14 30.01
CA LYS A 138 2.46 37.04 31.44
C LYS A 138 1.29 36.32 32.12
N GLU A 139 0.09 36.51 31.58
CA GLU A 139 -1.07 35.78 32.09
C GLU A 139 -0.94 34.29 31.81
N TYR A 140 -0.43 33.93 30.62
CA TYR A 140 -0.19 32.53 30.33
C TYR A 140 0.89 31.95 31.23
N VAL A 141 1.88 32.77 31.60
CA VAL A 141 2.92 32.31 32.52
C VAL A 141 2.32 32.05 33.90
N ASN A 142 1.55 33.01 34.41
CA ASN A 142 0.91 32.84 35.71
C ASN A 142 -0.11 31.72 35.70
N LEU A 143 -0.66 31.40 34.53
CA LEU A 143 -1.51 30.23 34.43
C LEU A 143 -0.70 28.96 34.49
N MET A 144 0.37 28.86 33.71
CA MET A 144 1.04 27.57 33.59
C MET A 144 1.98 27.29 34.74
N ILE A 145 2.64 28.31 35.29
CA ILE A 145 3.69 28.04 36.27
C ILE A 145 3.11 27.68 37.62
N ASN A 146 1.84 27.96 37.86
CA ASN A 146 1.16 27.44 39.03
C ASN A 146 0.54 26.07 38.78
N GLN A 147 0.90 25.45 37.64
CA GLN A 147 0.39 24.13 37.23
C GLN A 147 -1.13 24.11 37.15
N GLU A 148 -1.72 25.22 36.73
CA GLU A 148 -3.16 25.34 36.65
C GLU A 148 -3.71 24.89 35.32
N TYR A 149 -2.85 24.72 34.31
CA TYR A 149 -3.30 24.31 33.00
C TYR A 149 -2.16 23.59 32.30
N GLN A 150 -2.51 22.55 31.54
CA GLN A 150 -1.52 21.78 30.81
C GLN A 150 -1.98 21.62 29.36
N PRO A 151 -1.25 22.14 28.39
CA PRO A 151 -1.55 21.83 26.99
C PRO A 151 -1.19 20.40 26.66
N SER A 152 -1.67 19.97 25.50
CA SER A 152 -1.55 18.58 25.09
C SER A 152 -0.12 18.26 24.67
N THR A 153 0.11 16.96 24.46
CA THR A 153 1.47 16.44 24.29
C THR A 153 2.22 17.00 23.09
N PRO A 154 1.72 16.95 21.84
CA PRO A 154 2.56 17.44 20.74
C PRO A 154 2.67 18.95 20.70
N THR A 155 1.69 19.67 21.25
CA THR A 155 1.83 21.11 21.35
C THR A 155 2.91 21.48 22.35
N PHE A 156 2.94 20.75 23.46
CA PHE A 156 3.97 20.98 24.48
C PHE A 156 5.34 20.56 23.99
N LEU A 157 5.40 19.63 23.06
CA LEU A 157 6.69 19.24 22.52
C LEU A 157 7.18 20.21 21.47
N ASN A 158 6.42 20.37 20.39
CA ASN A 158 6.93 20.94 19.15
C ASN A 158 6.60 22.41 18.97
N ALA A 159 6.61 23.19 20.05
CA ALA A 159 6.42 24.63 19.92
C ALA A 159 7.74 25.26 19.52
N GLY A 160 7.77 25.90 18.36
CA GLY A 160 8.96 26.65 17.94
C GLY A 160 10.17 25.81 17.62
N ARG A 161 9.98 24.70 16.92
CA ARG A 161 11.06 23.78 16.60
C ARG A 161 10.89 23.34 15.15
N LYS A 162 11.46 22.19 14.81
CA LYS A 162 11.28 21.64 13.47
C LYS A 162 10.54 20.31 13.50
N LEU A 167 1.38 18.88 14.72
CA LEU A 167 1.01 19.52 15.98
C LEU A 167 -0.22 18.94 16.63
N VAL A 168 -1.00 18.14 15.91
CA VAL A 168 -2.25 17.60 16.40
C VAL A 168 -2.18 16.08 16.27
N SER A 169 -2.49 15.37 17.35
CA SER A 169 -2.25 13.93 17.43
C SER A 169 -3.54 13.12 17.26
N CYS A 170 -4.44 13.55 16.39
CA CYS A 170 -5.73 12.88 16.29
C CYS A 170 -6.33 13.12 14.92
N PHE A 171 -6.44 12.06 14.13
CA PHE A 171 -6.98 12.15 12.78
C PHE A 171 -8.03 11.07 12.54
N LEU A 172 -9.11 11.45 11.87
CA LEU A 172 -10.24 10.57 11.64
C LEU A 172 -10.65 10.70 10.19
N LEU A 173 -10.73 9.57 9.48
CA LEU A 173 -10.97 9.57 8.05
C LEU A 173 -12.12 8.65 7.70
N GLU A 174 -12.50 8.68 6.43
CA GLU A 174 -13.45 7.74 5.87
C GLU A 174 -12.95 7.22 4.55
N VAL A 175 -13.34 5.98 4.23
CA VAL A 175 -12.89 5.31 3.03
C VAL A 175 -14.12 5.04 2.18
N ASN A 176 -14.22 5.74 1.06
CA ASN A 176 -15.26 5.48 0.08
C ASN A 176 -14.92 4.17 -0.64
N ASP A 177 -15.81 3.67 -1.47
CA ASP A 177 -15.63 2.33 -2.03
C ASP A 177 -15.18 2.43 -3.48
N SER A 178 -13.87 2.47 -3.69
CA SER A 178 -13.28 2.19 -5.00
C SER A 178 -11.86 1.71 -4.78
N LEU A 179 -11.24 1.27 -5.87
CA LEU A 179 -9.80 1.03 -5.88
C LEU A 179 -9.05 2.34 -5.62
N ASN A 180 -9.46 3.41 -6.30
CA ASN A 180 -8.84 4.72 -6.14
C ASN A 180 -8.96 5.22 -4.72
N ASP A 181 -10.06 4.91 -4.06
CA ASP A 181 -10.26 5.35 -2.70
C ASP A 181 -9.31 4.65 -1.74
N ILE A 182 -9.08 3.36 -1.95
CA ILE A 182 -8.16 2.62 -1.10
C ILE A 182 -6.73 3.10 -1.31
N SER A 183 -6.40 3.44 -2.56
CA SER A 183 -5.10 4.04 -2.85
C SER A 183 -4.93 5.37 -2.12
N ARG A 184 -5.95 6.23 -2.19
CA ARG A 184 -5.90 7.52 -1.51
C ARG A 184 -5.82 7.35 0.01
N ALA A 185 -6.48 6.32 0.54
CA ALA A 185 -6.48 6.08 1.97
C ALA A 185 -5.10 5.65 2.46
N ILE A 186 -4.47 4.72 1.75
CA ILE A 186 -3.13 4.28 2.14
C ILE A 186 -2.12 5.41 1.96
N ASP A 187 -2.32 6.24 0.94
CA ASP A 187 -1.50 7.43 0.75
C ASP A 187 -1.59 8.40 1.93
N ILE A 188 -2.81 8.71 2.37
CA ILE A 188 -2.97 9.68 3.44
C ILE A 188 -2.49 9.09 4.77
N SER A 189 -2.65 7.79 4.96
CA SER A 189 -2.14 7.16 6.18
C SER A 189 -0.62 7.20 6.23
N MET A 190 0.04 6.95 5.11
CA MET A 190 1.49 7.06 5.12
C MET A 190 1.96 8.50 5.21
N GLN A 191 1.16 9.45 4.71
CA GLN A 191 1.51 10.86 4.89
C GLN A 191 1.45 11.29 6.34
N LEU A 192 0.36 10.96 7.03
CA LEU A 192 0.24 11.36 8.41
C LEU A 192 1.08 10.51 9.34
N SER A 193 1.56 9.35 8.89
CA SER A 193 2.33 8.48 9.74
C SER A 193 3.67 9.08 10.13
N LYS A 194 4.29 9.86 9.25
CA LYS A 194 5.53 10.51 9.63
C LYS A 194 5.30 11.74 10.48
N LEU A 195 4.07 12.23 10.54
CA LEU A 195 3.75 13.35 11.40
C LEU A 195 3.43 12.91 12.82
N GLY A 196 3.38 11.61 13.08
CA GLY A 196 3.35 11.08 14.42
C GLY A 196 2.01 11.06 15.11
N GLY A 197 0.97 11.62 14.50
CA GLY A 197 -0.32 11.70 15.14
C GLY A 197 -1.06 10.38 15.17
N GLY A 198 -2.24 10.41 15.79
CA GLY A 198 -3.11 9.27 15.82
C GLY A 198 -4.06 9.23 14.65
N VAL A 199 -4.00 8.16 13.87
CA VAL A 199 -4.79 8.02 12.64
C VAL A 199 -5.59 6.74 12.72
N SER A 200 -6.91 6.86 12.62
CA SER A 200 -7.76 5.68 12.61
C SER A 200 -8.79 5.78 11.50
N LEU A 201 -9.09 4.64 10.89
CA LEU A 201 -9.95 4.55 9.73
C LEU A 201 -11.27 3.89 10.10
N ASN A 202 -12.08 3.66 9.08
CA ASN A 202 -13.40 3.06 9.23
C ASN A 202 -13.80 2.43 7.91
N LEU A 203 -14.37 1.24 7.99
CA LEU A 203 -14.61 0.41 6.82
C LEU A 203 -16.10 0.12 6.66
N SER A 204 -16.93 1.16 6.80
CA SER A 204 -18.37 0.97 6.74
C SER A 204 -18.84 0.61 5.34
N LYS A 205 -18.52 1.47 4.38
CA LYS A 205 -19.15 1.43 3.07
C LYS A 205 -18.45 0.49 2.09
N LEU A 206 -17.76 -0.53 2.58
CA LEU A 206 -17.08 -1.46 1.68
C LEU A 206 -17.92 -2.70 1.46
N ARG A 207 -17.83 -3.24 0.26
CA ARG A 207 -18.48 -4.51 -0.05
C ARG A 207 -17.73 -5.66 0.61
N ALA A 208 -18.45 -6.75 0.86
CA ALA A 208 -17.93 -7.82 1.68
C ALA A 208 -17.33 -8.94 0.84
N LYS A 209 -16.86 -9.98 1.53
CA LYS A 209 -16.10 -11.04 0.89
C LYS A 209 -17.00 -11.92 0.03
N GLY A 210 -16.45 -12.38 -1.08
CA GLY A 210 -17.15 -13.35 -1.91
C GLY A 210 -18.24 -12.75 -2.75
N GLU A 211 -18.07 -11.49 -3.16
CA GLU A 211 -19.11 -10.76 -3.85
C GLU A 211 -18.64 -10.34 -5.23
N ALA A 212 -19.58 -9.85 -6.01
CA ALA A 212 -19.30 -9.49 -7.40
C ALA A 212 -18.51 -8.20 -7.47
N ILE A 213 -17.47 -8.19 -8.31
CA ILE A 213 -16.82 -6.94 -8.63
C ILE A 213 -17.18 -6.60 -10.06
N LYS A 214 -18.35 -5.98 -10.24
CA LYS A 214 -18.80 -5.24 -11.41
C LYS A 214 -19.02 -6.07 -12.67
N ASP A 215 -18.49 -7.29 -12.73
CA ASP A 215 -18.70 -8.19 -13.85
C ASP A 215 -18.90 -9.65 -13.46
N VAL A 216 -18.31 -10.13 -12.37
CA VAL A 216 -18.17 -11.55 -12.09
C VAL A 216 -18.48 -11.77 -10.61
N GLU A 217 -19.44 -12.64 -10.33
CA GLU A 217 -19.80 -12.98 -8.96
C GLU A 217 -18.65 -13.69 -8.24
N ASN A 218 -18.63 -13.54 -6.91
CA ASN A 218 -17.70 -14.20 -5.99
C ASN A 218 -16.26 -13.88 -6.35
N ALA A 219 -15.94 -12.59 -6.23
CA ALA A 219 -14.63 -12.09 -6.64
C ALA A 219 -13.93 -11.26 -5.58
N THR A 220 -14.58 -10.94 -4.47
CA THR A 220 -14.04 -10.00 -3.49
C THR A 220 -13.33 -10.75 -2.37
N LYS A 221 -12.07 -10.40 -2.13
CA LYS A 221 -11.34 -11.02 -1.03
C LYS A 221 -11.79 -10.49 0.33
N GLY A 222 -12.43 -9.33 0.37
CA GLY A 222 -13.10 -8.89 1.57
C GLY A 222 -12.28 -7.96 2.43
N VAL A 223 -12.73 -7.84 3.67
CA VAL A 223 -12.22 -6.83 4.59
C VAL A 223 -10.83 -7.22 5.10
N VAL A 224 -10.55 -8.53 5.15
CA VAL A 224 -9.33 -9.04 5.75
C VAL A 224 -8.11 -8.62 4.93
N GLY A 225 -8.23 -8.55 3.61
CA GLY A 225 -7.12 -8.11 2.79
C GLY A 225 -6.79 -6.64 2.96
N VAL A 226 -7.83 -5.81 3.13
CA VAL A 226 -7.60 -4.40 3.38
C VAL A 226 -6.97 -4.18 4.74
N MET A 227 -7.39 -4.99 5.73
CA MET A 227 -6.75 -4.95 7.04
C MET A 227 -5.30 -5.40 6.94
N LYS A 228 -5.02 -6.37 6.09
CA LYS A 228 -3.66 -6.86 5.89
C LYS A 228 -2.79 -5.77 5.27
N LEU A 229 -3.32 -5.04 4.28
CA LEU A 229 -2.57 -3.96 3.68
C LEU A 229 -2.33 -2.83 4.66
N LEU A 230 -3.31 -2.51 5.52
CA LEU A 230 -3.08 -1.45 6.48
C LEU A 230 -2.09 -1.87 7.55
N ASP A 231 -2.13 -3.16 7.93
CA ASP A 231 -1.21 -3.66 8.93
C ASP A 231 0.22 -3.67 8.41
N ASN A 232 0.40 -3.97 7.13
CA ASN A 232 1.72 -3.79 6.55
C ASN A 232 2.04 -2.31 6.38
N ALA A 233 1.03 -1.47 6.21
CA ALA A 233 1.27 -0.07 5.89
C ALA A 233 1.80 0.69 7.09
N PHE A 234 1.23 0.46 8.27
CA PHE A 234 1.73 1.19 9.43
C PHE A 234 3.05 0.64 9.94
N ARG A 235 3.48 -0.53 9.49
CA ARG A 235 4.80 -1.02 9.88
C ARG A 235 5.93 -0.30 9.18
N TYR A 236 5.63 0.56 8.21
CA TYR A 236 6.71 1.20 7.46
C TYR A 236 7.18 2.48 8.14
N ALA A 237 6.31 3.17 8.84
CA ALA A 237 6.70 4.43 9.46
C ALA A 237 6.43 4.43 10.95
N ASP A 238 6.86 5.49 11.64
CA ASP A 238 6.67 5.65 13.09
C ASP A 238 5.20 5.75 13.46
N SER A 246 0.79 3.80 14.10
CA SER A 246 -0.02 2.75 14.72
C SER A 246 -1.36 3.29 15.18
N GLY A 247 -2.43 2.88 14.51
CA GLY A 247 -3.76 3.35 14.81
C GLY A 247 -4.72 2.19 14.99
N ALA A 248 -5.94 2.35 14.47
CA ALA A 248 -6.99 1.35 14.62
C ALA A 248 -8.01 1.57 13.52
N ALA A 249 -9.09 0.79 13.59
CA ALA A 249 -10.20 0.91 12.65
C ALA A 249 -11.47 0.39 13.30
N TYR A 250 -12.61 0.93 12.87
CA TYR A 250 -13.90 0.58 13.42
C TYR A 250 -14.79 -0.04 12.36
N LEU A 251 -15.91 -0.61 12.80
CA LEU A 251 -16.83 -1.30 11.92
C LEU A 251 -18.20 -1.38 12.58
N ASN A 252 -19.25 -1.06 11.81
CA ASN A 252 -20.61 -1.30 12.26
C ASN A 252 -20.94 -2.78 12.13
N ILE A 253 -21.76 -3.27 13.06
CA ILE A 253 -21.86 -4.71 13.27
C ILE A 253 -22.68 -5.41 12.20
N PHE A 254 -23.58 -4.71 11.51
CA PHE A 254 -24.48 -5.34 10.56
C PHE A 254 -23.73 -5.60 9.25
N HIS A 255 -23.01 -6.71 9.23
CA HIS A 255 -22.09 -7.04 8.16
C HIS A 255 -21.75 -8.50 8.31
N ARG A 256 -21.60 -9.22 7.19
CA ARG A 256 -21.41 -10.67 7.29
C ARG A 256 -20.04 -11.00 7.86
N ASP A 257 -19.01 -10.27 7.47
CA ASP A 257 -17.66 -10.64 7.82
C ASP A 257 -17.26 -10.22 9.24
N ILE A 258 -18.22 -9.81 10.07
CA ILE A 258 -17.95 -9.33 11.42
C ILE A 258 -17.28 -10.41 12.27
N ASN A 259 -17.62 -11.68 12.03
CA ASN A 259 -16.97 -12.78 12.71
C ASN A 259 -15.48 -12.83 12.33
N ASP A 260 -15.20 -12.72 11.04
CA ASP A 260 -13.81 -12.61 10.61
C ASP A 260 -13.19 -11.29 11.03
N PHE A 261 -14.02 -10.27 11.28
CA PHE A 261 -13.48 -9.03 11.83
C PHE A 261 -13.09 -9.21 13.28
N LEU A 262 -13.64 -10.20 13.97
CA LEU A 262 -13.32 -10.43 15.36
C LEU A 262 -12.37 -11.60 15.57
N ASP A 263 -12.11 -12.38 14.52
CA ASP A 263 -11.16 -13.48 14.64
C ASP A 263 -9.72 -13.03 14.50
N THR A 264 -9.48 -11.75 14.24
CA THR A 264 -8.12 -11.25 14.09
C THR A 264 -7.39 -11.24 15.42
N LYS A 265 -7.98 -10.57 16.41
CA LYS A 265 -7.43 -10.61 17.76
C LYS A 265 -7.69 -11.98 18.35
N LYS A 266 -6.73 -12.88 18.22
CA LYS A 266 -6.90 -14.26 18.64
C LYS A 266 -5.60 -14.74 19.27
N ILE A 267 -5.72 -15.42 20.41
CA ILE A 267 -4.53 -15.94 21.06
C ILE A 267 -3.95 -17.12 20.27
N SER A 268 -4.80 -17.85 19.55
CA SER A 268 -4.32 -18.83 18.59
C SER A 268 -4.28 -18.19 17.21
N ALA A 269 -3.35 -17.26 17.07
CA ALA A 269 -3.31 -16.38 15.91
C ALA A 269 -2.83 -17.11 14.67
N ASP A 270 -3.57 -16.93 13.58
CA ASP A 270 -3.15 -17.41 12.27
C ASP A 270 -1.96 -16.59 11.78
N GLU A 271 -1.19 -17.16 10.85
CA GLU A 271 -0.07 -16.44 10.26
C GLU A 271 -0.56 -15.28 9.38
N ASP A 272 -1.53 -15.55 8.52
CA ASP A 272 -2.08 -14.48 7.69
C ASP A 272 -2.98 -13.56 8.50
N VAL A 273 -3.88 -14.14 9.30
CA VAL A 273 -4.80 -13.36 10.10
C VAL A 273 -4.04 -12.99 11.36
N ARG A 274 -3.30 -11.88 11.28
CA ARG A 274 -2.38 -11.50 12.34
C ARG A 274 -2.15 -10.01 12.26
N VAL A 275 -2.74 -9.26 13.19
CA VAL A 275 -2.62 -7.81 13.22
C VAL A 275 -2.05 -7.45 14.58
N LYS A 276 -0.78 -7.07 14.60
CA LYS A 276 -0.13 -6.60 15.81
C LYS A 276 -0.07 -5.09 15.87
N THR A 277 -0.71 -4.41 14.94
CA THR A 277 -0.63 -2.95 14.86
C THR A 277 -1.97 -2.29 15.11
N LEU A 278 -2.99 -2.62 14.33
CA LEU A 278 -4.26 -1.92 14.42
C LEU A 278 -5.13 -2.55 15.49
N SER A 279 -5.79 -1.73 16.28
CA SER A 279 -6.88 -2.22 17.07
C SER A 279 -8.16 -2.24 16.24
N ILE A 280 -9.19 -2.87 16.79
CA ILE A 280 -10.48 -2.97 16.13
C ILE A 280 -11.56 -2.53 17.11
N GLY A 281 -12.76 -2.33 16.59
CA GLY A 281 -13.86 -1.87 17.42
C GLY A 281 -15.19 -2.04 16.72
N VAL A 282 -16.24 -2.11 17.52
CA VAL A 282 -17.56 -2.49 17.07
C VAL A 282 -18.52 -1.33 17.33
N VAL A 283 -19.37 -1.04 16.34
CA VAL A 283 -20.44 -0.06 16.48
C VAL A 283 -21.76 -0.81 16.61
N ILE A 284 -22.54 -0.48 17.65
CA ILE A 284 -23.77 -1.20 17.96
C ILE A 284 -24.90 -0.22 18.22
N PRO A 285 -25.99 -0.26 17.46
CA PRO A 285 -27.18 0.53 17.80
C PRO A 285 -28.16 -0.24 18.69
N ASP A 286 -29.32 0.35 18.97
CA ASP A 286 -30.24 -0.23 19.96
C ASP A 286 -30.97 -1.45 19.44
N LYS A 287 -31.10 -1.60 18.12
CA LYS A 287 -31.90 -2.68 17.56
C LYS A 287 -31.25 -4.04 17.81
N PHE A 288 -29.92 -4.10 17.66
CA PHE A 288 -29.20 -5.32 17.94
C PHE A 288 -29.21 -5.65 19.43
N VAL A 289 -29.18 -4.62 20.28
CA VAL A 289 -29.32 -4.81 21.72
C VAL A 289 -30.68 -5.40 22.05
N GLU A 290 -31.72 -4.91 21.38
CA GLU A 290 -33.07 -5.40 21.56
C GLU A 290 -33.19 -6.86 21.13
N LEU A 291 -32.63 -7.20 19.96
CA LEU A 291 -32.68 -8.57 19.47
C LEU A 291 -31.90 -9.53 20.34
N ALA A 292 -30.79 -9.06 20.93
CA ALA A 292 -30.03 -9.91 21.83
C ALA A 292 -30.75 -10.09 23.17
N ARG A 293 -31.51 -9.07 23.60
CA ARG A 293 -32.29 -9.23 24.82
C ARG A 293 -33.43 -10.21 24.62
N GLU A 294 -34.24 -10.00 23.57
CA GLU A 294 -35.47 -10.76 23.43
C GLU A 294 -35.28 -12.15 22.85
N ASP A 295 -34.03 -12.54 22.57
CA ASP A 295 -33.64 -13.89 22.16
C ASP A 295 -34.33 -14.31 20.87
N LYS A 296 -34.02 -13.58 19.80
CA LYS A 296 -34.52 -13.92 18.48
C LYS A 296 -33.37 -14.02 17.50
N ALA A 297 -33.68 -14.06 16.20
CA ALA A 297 -32.65 -14.13 15.18
C ALA A 297 -32.04 -12.75 14.91
N ALA A 298 -31.01 -12.75 14.07
CA ALA A 298 -30.43 -11.50 13.59
C ALA A 298 -30.05 -11.67 12.14
N TYR A 299 -29.95 -10.56 11.41
CA TYR A 299 -29.66 -10.60 9.98
C TYR A 299 -28.59 -9.57 9.63
N VAL A 300 -27.41 -10.06 9.33
CA VAL A 300 -26.37 -9.23 8.74
C VAL A 300 -26.53 -9.25 7.23
N PHE A 301 -25.96 -8.25 6.57
CA PHE A 301 -26.35 -7.90 5.22
C PHE A 301 -25.16 -7.93 4.28
N TYR A 302 -25.45 -7.73 2.99
CA TYR A 302 -24.44 -7.40 2.00
C TYR A 302 -24.68 -5.97 1.57
N PRO A 303 -23.85 -5.02 2.02
CA PRO A 303 -24.22 -3.60 1.90
C PRO A 303 -24.16 -3.08 0.48
N HIS A 304 -23.44 -3.76 -0.41
CA HIS A 304 -23.39 -3.30 -1.79
C HIS A 304 -24.71 -3.54 -2.49
N THR A 305 -25.45 -4.57 -2.08
CA THR A 305 -26.80 -4.76 -2.58
C THR A 305 -27.71 -3.63 -2.13
N ILE A 306 -27.51 -3.14 -0.90
CA ILE A 306 -28.27 -2.00 -0.41
C ILE A 306 -27.91 -0.75 -1.19
N TYR A 307 -26.63 -0.61 -1.53
CA TYR A 307 -26.20 0.53 -2.33
C TYR A 307 -26.79 0.48 -3.74
N LYS A 308 -26.94 -0.72 -4.29
CA LYS A 308 -27.58 -0.86 -5.59
C LYS A 308 -29.08 -0.64 -5.48
N GLU A 309 -29.67 -0.95 -4.34
CA GLU A 309 -31.13 -0.88 -4.22
C GLU A 309 -31.60 0.54 -3.91
N TYR A 310 -31.09 1.12 -2.83
CA TYR A 310 -31.58 2.42 -2.36
C TYR A 310 -30.72 3.58 -2.78
N GLY A 311 -29.51 3.32 -3.31
CA GLY A 311 -28.62 4.37 -3.72
C GLY A 311 -27.72 4.90 -2.63
N GLN A 312 -28.19 4.92 -1.39
CA GLN A 312 -27.39 5.40 -0.27
C GLN A 312 -26.52 4.27 0.25
N HIS A 313 -25.89 4.49 1.40
CA HIS A 313 -25.10 3.47 2.05
C HIS A 313 -25.83 2.99 3.31
N MET A 314 -25.23 1.99 3.96
CA MET A 314 -25.97 1.18 4.92
C MET A 314 -26.24 1.94 6.21
N ASP A 315 -25.18 2.34 6.90
CA ASP A 315 -25.34 2.97 8.20
C ASP A 315 -25.69 4.46 8.12
N GLU A 316 -26.10 4.95 6.97
CA GLU A 316 -26.62 6.30 6.84
C GLU A 316 -28.12 6.36 7.06
N MET A 317 -28.74 5.25 7.44
CA MET A 317 -30.16 5.22 7.77
C MET A 317 -30.35 4.50 9.10
N ASP A 318 -31.52 4.68 9.69
CA ASP A 318 -31.80 4.09 11.00
C ASP A 318 -32.04 2.59 10.86
N MET A 319 -31.36 1.83 11.73
CA MET A 319 -31.62 0.41 11.80
C MET A 319 -33.00 0.12 12.38
N ASN A 320 -33.42 0.94 13.35
CA ASN A 320 -34.72 0.77 13.99
C ASN A 320 -35.86 1.04 13.02
N GLU A 321 -35.63 1.88 12.01
CA GLU A 321 -36.66 2.20 11.03
C GLU A 321 -36.64 1.27 9.83
N MET A 322 -35.49 0.67 9.53
CA MET A 322 -35.33 -0.01 8.26
C MET A 322 -34.97 -1.48 8.37
N TYR A 323 -34.77 -2.02 9.56
CA TYR A 323 -34.25 -3.37 9.71
C TYR A 323 -35.22 -4.41 9.18
N ASP A 324 -36.47 -4.35 9.63
CA ASP A 324 -37.47 -5.28 9.13
C ASP A 324 -37.86 -4.99 7.69
N LYS A 325 -37.63 -3.76 7.22
CA LYS A 325 -37.88 -3.46 5.81
C LYS A 325 -36.82 -4.10 4.92
N PHE A 326 -35.57 -4.14 5.39
CA PHE A 326 -34.55 -4.91 4.68
C PHE A 326 -34.81 -6.39 4.80
N VAL A 327 -35.41 -6.84 5.90
CA VAL A 327 -35.83 -8.24 6.02
C VAL A 327 -36.91 -8.53 4.99
N ASP A 328 -37.83 -7.59 4.77
CA ASP A 328 -38.92 -7.79 3.85
C ASP A 328 -38.51 -7.68 2.39
N ASN A 329 -37.35 -7.11 2.10
CA ASN A 329 -36.95 -6.95 0.72
C ASN A 329 -36.35 -8.26 0.19
N PRO A 330 -36.85 -8.78 -0.93
CA PRO A 330 -36.16 -9.92 -1.56
C PRO A 330 -34.86 -9.55 -2.22
N ARG A 331 -34.61 -8.27 -2.46
CA ARG A 331 -33.40 -7.86 -3.16
C ARG A 331 -32.17 -7.98 -2.26
N VAL A 332 -32.28 -7.60 -1.00
CA VAL A 332 -31.15 -7.60 -0.10
C VAL A 332 -30.88 -9.03 0.37
N LYS A 333 -29.74 -9.57 -0.02
CA LYS A 333 -29.35 -10.89 0.46
C LYS A 333 -28.91 -10.77 1.92
N LYS A 334 -29.36 -11.70 2.74
CA LYS A 334 -29.23 -11.58 4.18
C LYS A 334 -28.51 -12.80 4.74
N GLU A 335 -28.26 -12.76 6.05
CA GLU A 335 -27.70 -13.90 6.75
C GLU A 335 -28.17 -13.88 8.19
N LYS A 336 -28.71 -15.02 8.63
CA LYS A 336 -29.27 -15.15 9.95
C LYS A 336 -28.21 -15.67 10.92
N ILE A 337 -28.12 -15.02 12.08
CA ILE A 337 -27.13 -15.34 13.11
C ILE A 337 -27.78 -15.20 14.49
N ASN A 338 -27.02 -15.59 15.51
CA ASN A 338 -27.44 -15.52 16.90
C ASN A 338 -26.81 -14.32 17.56
N PRO A 339 -27.60 -13.36 18.06
CA PRO A 339 -27.00 -12.23 18.79
C PRO A 339 -26.48 -12.60 20.16
N ARG A 340 -27.16 -13.52 20.86
CA ARG A 340 -26.78 -13.83 22.23
C ARG A 340 -25.44 -14.56 22.28
N LYS A 341 -25.24 -15.53 21.39
CA LYS A 341 -23.94 -16.17 21.28
C LYS A 341 -22.86 -15.20 20.81
N LEU A 342 -23.26 -14.16 20.07
CA LEU A 342 -22.29 -13.17 19.62
C LEU A 342 -21.81 -12.29 20.78
N LEU A 343 -22.73 -11.89 21.66
CA LEU A 343 -22.30 -11.18 22.86
C LEU A 343 -21.50 -12.07 23.80
N GLU A 344 -21.83 -13.38 23.82
CA GLU A 344 -21.00 -14.32 24.56
C GLU A 344 -19.59 -14.38 24.00
N LYS A 345 -19.47 -14.37 22.67
CA LYS A 345 -18.15 -14.39 22.04
C LYS A 345 -17.40 -13.09 22.28
N LEU A 346 -18.12 -11.96 22.32
CA LEU A 346 -17.52 -10.68 22.67
C LEU A 346 -16.99 -10.70 24.10
N ALA A 347 -17.76 -11.29 25.02
CA ALA A 347 -17.32 -11.40 26.40
C ALA A 347 -16.09 -12.30 26.51
N MET A 348 -16.04 -13.37 25.70
CA MET A 348 -14.87 -14.25 25.70
C MET A 348 -13.64 -13.55 25.16
N LEU A 349 -13.78 -12.79 24.08
CA LEU A 349 -12.63 -12.12 23.50
C LEU A 349 -12.16 -10.97 24.37
N ARG A 350 -13.08 -10.31 25.08
CA ARG A 350 -12.65 -9.31 26.04
C ARG A 350 -12.03 -9.95 27.27
N SER A 351 -12.44 -11.18 27.60
CA SER A 351 -11.78 -11.92 28.66
C SER A 351 -10.37 -12.34 28.25
N GLU A 352 -10.14 -12.50 26.95
CA GLU A 352 -8.79 -12.79 26.46
C GLU A 352 -7.87 -11.59 26.70
N SER A 353 -8.19 -10.47 26.06
CA SER A 353 -7.44 -9.24 26.29
C SER A 353 -8.32 -8.13 26.84
N GLY A 354 -9.42 -7.81 26.16
CA GLY A 354 -10.17 -6.59 26.43
C GLY A 354 -10.54 -5.93 25.12
N TYR A 355 -9.86 -6.36 24.06
CA TYR A 355 -10.23 -5.99 22.71
C TYR A 355 -11.58 -6.60 22.35
N PRO A 356 -12.35 -5.95 21.47
CA PRO A 356 -12.18 -4.68 20.77
C PRO A 356 -12.75 -3.49 21.52
N TYR A 357 -12.95 -2.40 20.78
CA TYR A 357 -13.61 -1.23 21.33
C TYR A 357 -15.10 -1.28 21.04
N ILE A 358 -15.86 -0.50 21.80
CA ILE A 358 -17.32 -0.54 21.78
C ILE A 358 -17.84 0.89 21.79
N MET A 359 -18.70 1.22 20.83
CA MET A 359 -19.42 2.48 20.79
C MET A 359 -20.91 2.24 20.64
N PHE A 360 -21.71 2.89 21.50
CA PHE A 360 -23.16 2.81 21.47
C PHE A 360 -23.69 4.12 20.88
N GLN A 361 -23.92 4.12 19.56
CA GLN A 361 -24.16 5.35 18.82
C GLN A 361 -25.50 5.99 19.15
N ASP A 362 -26.48 5.22 19.61
CA ASP A 362 -27.79 5.79 19.84
C ASP A 362 -27.81 6.61 21.12
N ASN A 363 -26.96 6.25 22.08
CA ASN A 363 -26.76 7.12 23.23
C ASN A 363 -26.09 8.42 22.81
N VAL A 364 -25.26 8.37 21.77
CA VAL A 364 -24.51 9.53 21.36
C VAL A 364 -25.38 10.50 20.56
N ASN A 365 -26.07 9.98 19.55
CA ASN A 365 -26.80 10.85 18.64
C ASN A 365 -28.02 11.47 19.29
N LYS A 366 -28.62 10.79 20.26
CA LYS A 366 -29.80 11.35 20.92
C LYS A 366 -29.46 12.50 21.85
N VAL A 367 -28.19 12.71 22.15
CA VAL A 367 -27.76 13.89 22.91
C VAL A 367 -26.89 14.81 22.06
N HIS A 368 -26.50 14.38 20.86
CA HIS A 368 -25.65 15.19 20.00
C HIS A 368 -26.39 16.43 19.50
N ALA A 369 -25.68 17.55 19.51
CA ALA A 369 -26.23 18.79 18.99
C ALA A 369 -26.27 18.79 17.47
N ASN A 370 -25.16 18.43 16.83
CA ASN A 370 -25.04 18.61 15.38
C ASN A 370 -25.43 17.37 14.59
N ASN A 371 -26.60 16.82 14.85
CA ASN A 371 -27.02 15.69 14.04
C ASN A 371 -27.64 16.10 12.71
N HIS A 372 -27.77 17.39 12.45
CA HIS A 372 -28.36 17.83 11.20
C HIS A 372 -27.39 17.70 10.04
N ILE A 373 -26.08 17.67 10.32
CA ILE A 373 -25.12 17.42 9.25
C ILE A 373 -25.06 15.93 8.95
N SER A 374 -24.72 15.13 9.95
CA SER A 374 -24.73 13.68 9.86
C SER A 374 -24.82 13.13 11.27
N LYS A 375 -24.81 11.81 11.39
CA LYS A 375 -24.72 11.17 12.68
C LYS A 375 -23.35 10.53 12.85
N VAL A 376 -22.89 10.49 14.10
CA VAL A 376 -21.55 9.98 14.38
C VAL A 376 -21.54 8.48 14.20
N LYS A 377 -20.52 7.98 13.50
CA LYS A 377 -20.48 6.58 13.13
C LYS A 377 -19.33 5.80 13.73
N PHE A 378 -18.39 6.48 14.38
CA PHE A 378 -17.09 5.90 14.72
C PHE A 378 -16.38 6.87 15.66
N SER A 379 -15.13 6.56 15.98
CA SER A 379 -14.32 7.40 16.85
C SER A 379 -12.86 7.23 16.50
N ASN A 380 -12.01 7.97 17.20
CA ASN A 380 -10.59 7.99 16.98
C ASN A 380 -9.91 6.81 17.68
N LEU A 381 -8.58 6.84 17.72
CA LEU A 381 -7.83 5.87 18.52
C LEU A 381 -8.08 6.09 20.00
N CYS A 382 -8.09 7.33 20.44
CA CYS A 382 -8.27 7.66 21.84
C CYS A 382 -9.71 7.50 22.32
N SER A 383 -10.63 7.05 21.45
CA SER A 383 -12.00 6.65 21.79
C SER A 383 -12.77 7.78 22.45
N GLU A 384 -12.58 8.97 21.97
CA GLU A 384 -13.20 10.10 22.65
C GLU A 384 -13.97 11.04 21.73
N VAL A 385 -13.48 11.30 20.53
CA VAL A 385 -14.00 12.39 19.72
C VAL A 385 -15.10 11.85 18.82
N LEU A 386 -16.29 12.45 18.92
CA LEU A 386 -17.49 11.95 18.25
C LEU A 386 -18.12 13.12 17.51
N GLN A 387 -17.69 13.35 16.28
CA GLN A 387 -18.16 14.48 15.53
C GLN A 387 -18.70 14.00 14.18
N ALA A 388 -19.20 14.94 13.39
CA ALA A 388 -19.74 14.57 12.09
C ALA A 388 -18.60 14.22 11.13
N SER A 389 -18.96 13.52 10.06
CA SER A 389 -17.96 13.05 9.10
C SER A 389 -18.63 12.76 7.77
N GLN A 390 -18.27 13.51 6.73
CA GLN A 390 -18.77 13.27 5.40
C GLN A 390 -17.68 12.63 4.55
N VAL A 391 -18.03 11.55 3.86
CA VAL A 391 -17.05 10.84 3.06
C VAL A 391 -16.78 11.59 1.76
N SER A 392 -15.55 11.54 1.30
CA SER A 392 -15.18 12.10 0.02
C SER A 392 -15.38 11.06 -1.08
N SER A 393 -14.99 11.41 -2.30
CA SER A 393 -15.04 10.49 -3.45
C SER A 393 -13.85 10.82 -4.35
N TYR A 394 -12.87 9.93 -4.36
CA TYR A 394 -11.61 10.17 -5.06
C TYR A 394 -11.68 9.49 -6.42
N THR A 395 -11.86 10.30 -7.44
CA THR A 395 -12.02 9.83 -8.82
C THR A 395 -10.68 9.55 -9.46
N ASP A 396 -10.66 9.47 -10.79
CA ASP A 396 -9.46 9.11 -11.53
C ASP A 396 -8.53 10.33 -11.63
N TYR A 397 -7.49 10.21 -12.47
CA TYR A 397 -6.37 11.13 -12.43
C TYR A 397 -6.75 12.52 -12.95
N ASP A 398 -7.13 12.61 -14.22
CA ASP A 398 -7.60 13.87 -14.75
C ASP A 398 -8.97 14.26 -14.21
N GLU A 399 -9.71 13.30 -13.69
CA GLU A 399 -11.02 13.58 -13.11
C GLU A 399 -10.87 14.30 -11.78
N GLU A 400 -11.69 15.31 -11.57
CA GLU A 400 -11.68 16.02 -10.31
C GLU A 400 -12.39 15.22 -9.24
N ASP A 401 -12.08 15.52 -7.99
CA ASP A 401 -12.66 14.79 -6.88
C ASP A 401 -13.71 15.65 -6.18
N GLU A 402 -14.37 15.04 -5.20
CA GLU A 402 -15.35 15.73 -4.36
C GLU A 402 -14.91 15.57 -2.91
N ILE A 403 -14.88 16.67 -2.19
CA ILE A 403 -14.25 16.73 -0.87
C ILE A 403 -15.31 16.60 0.20
N GLY A 404 -15.15 15.62 1.08
CA GLY A 404 -16.04 15.46 2.21
C GLY A 404 -15.62 16.25 3.43
N LEU A 405 -15.82 15.68 4.62
CA LEU A 405 -15.42 16.32 5.87
C LEU A 405 -14.70 15.33 6.75
N ASP A 406 -13.71 15.80 7.50
CA ASP A 406 -12.92 14.96 8.39
C ASP A 406 -12.90 15.54 9.80
N ILE A 407 -12.24 14.82 10.69
CA ILE A 407 -12.19 15.19 12.10
C ILE A 407 -10.73 15.22 12.54
N SER A 408 -10.30 16.34 13.10
CA SER A 408 -8.94 16.50 13.60
C SER A 408 -9.02 17.31 14.89
N CYS A 409 -8.73 16.68 16.02
CA CYS A 409 -8.99 17.28 17.32
C CYS A 409 -7.70 17.45 18.11
N ASN A 410 -7.27 18.69 18.29
CA ASN A 410 -6.22 18.99 19.25
C ASN A 410 -6.79 19.00 20.67
N LEU A 411 -5.91 18.75 21.63
CA LEU A 411 -6.37 18.36 22.95
C LEU A 411 -5.87 19.35 24.00
N GLY A 412 -6.08 19.00 25.27
CA GLY A 412 -5.61 19.78 26.39
C GLY A 412 -6.49 19.65 27.62
N SER A 413 -5.88 19.44 28.77
CA SER A 413 -6.65 19.29 30.00
C SER A 413 -6.15 20.25 31.07
N LEU A 414 -6.61 20.08 32.30
CA LEU A 414 -6.21 21.00 33.37
C LEU A 414 -6.27 20.27 34.70
N ASN A 415 -5.56 20.84 35.68
CA ASN A 415 -5.62 20.36 37.05
C ASN A 415 -6.90 20.86 37.71
N ILE A 416 -7.55 19.98 38.46
CA ILE A 416 -8.67 20.43 39.28
C ILE A 416 -8.16 21.10 40.55
N LEU A 417 -7.01 20.65 41.06
CA LEU A 417 -6.55 21.00 42.41
C LEU A 417 -6.23 22.48 42.53
N ASN A 418 -5.38 23.00 41.63
CA ASN A 418 -4.97 24.40 41.74
C ASN A 418 -6.10 25.35 41.42
N VAL A 419 -7.04 24.91 40.56
CA VAL A 419 -8.27 25.64 40.34
C VAL A 419 -9.04 25.79 41.63
N MET A 420 -9.15 24.71 42.40
CA MET A 420 -9.78 24.77 43.71
C MET A 420 -8.98 25.61 44.69
N GLU A 421 -7.67 25.69 44.48
CA GLU A 421 -6.85 26.50 45.37
C GLU A 421 -7.03 27.99 45.11
N HIS A 422 -7.22 28.37 43.84
CA HIS A 422 -7.16 29.77 43.48
C HIS A 422 -8.48 30.37 43.03
N LYS A 423 -9.50 29.54 42.75
CA LYS A 423 -10.85 29.97 42.34
C LYS A 423 -10.86 30.83 41.09
N SER A 424 -9.86 30.70 40.23
CA SER A 424 -9.77 31.49 39.00
C SER A 424 -10.21 30.67 37.79
N ILE A 425 -11.23 29.84 38.00
CA ILE A 425 -11.67 28.87 37.02
C ILE A 425 -12.19 29.54 35.75
N GLU A 426 -12.86 30.69 35.90
CA GLU A 426 -13.38 31.41 34.75
C GLU A 426 -12.25 31.92 33.86
N LYS A 427 -11.31 32.66 34.46
CA LYS A 427 -10.16 33.21 33.73
C LYS A 427 -9.28 32.09 33.16
N THR A 428 -9.24 30.95 33.83
CA THR A 428 -8.55 29.78 33.32
C THR A 428 -9.17 29.31 32.00
N VAL A 429 -10.49 29.19 31.96
CA VAL A 429 -11.15 28.80 30.72
C VAL A 429 -11.01 29.87 29.65
N LYS A 430 -11.07 31.15 30.07
CA LYS A 430 -10.86 32.30 29.17
C LYS A 430 -9.53 32.19 28.44
N LEU A 431 -8.47 31.84 29.15
CA LEU A 431 -7.18 31.75 28.51
C LEU A 431 -7.02 30.49 27.69
N ALA A 432 -7.49 29.34 28.21
CA ALA A 432 -7.26 28.08 27.52
C ALA A 432 -8.03 27.99 26.21
N THR A 433 -9.19 28.64 26.17
CA THR A 433 -9.98 28.68 24.94
C THR A 433 -9.25 29.42 23.85
N ASP A 434 -8.70 30.60 24.17
CA ASP A 434 -7.92 31.36 23.20
C ASP A 434 -6.67 30.62 22.78
N SER A 435 -6.07 29.87 23.71
CA SER A 435 -4.88 29.09 23.40
C SER A 435 -5.16 28.05 22.33
N LEU A 436 -6.15 27.19 22.58
CA LEU A 436 -6.46 26.17 21.59
C LEU A 436 -7.04 26.76 20.32
N THR A 437 -7.66 27.93 20.42
CA THR A 437 -8.13 28.65 19.24
C THR A 437 -6.95 29.03 18.35
N HIS A 438 -5.91 29.61 18.95
CA HIS A 438 -4.73 30.00 18.17
C HIS A 438 -3.99 28.78 17.64
N VAL A 439 -4.04 27.67 18.36
CA VAL A 439 -3.44 26.44 17.85
C VAL A 439 -4.15 25.97 16.59
N SER A 440 -5.48 25.93 16.63
CA SER A 440 -6.22 25.53 15.45
C SER A 440 -6.15 26.57 14.33
N GLU A 441 -5.86 27.83 14.66
CA GLU A 441 -5.50 28.80 13.65
C GLU A 441 -4.20 28.40 12.95
N THR A 442 -3.21 27.98 13.74
CA THR A 442 -1.87 27.79 13.21
C THR A 442 -1.75 26.56 12.33
N THR A 443 -2.62 25.58 12.52
CA THR A 443 -2.44 24.26 11.94
C THR A 443 -2.69 24.28 10.43
N ASP A 444 -1.82 23.62 9.68
CA ASP A 444 -2.05 23.39 8.26
C ASP A 444 -1.36 22.10 7.85
N ILE A 445 -2.08 21.28 7.08
CA ILE A 445 -1.55 20.07 6.47
C ILE A 445 -1.71 20.22 4.96
N ARG A 446 -0.68 19.83 4.22
CA ARG A 446 -0.66 20.05 2.79
C ARG A 446 -0.61 18.75 2.00
N ASN A 447 -1.25 17.70 2.52
CA ASN A 447 -1.39 16.45 1.76
C ASN A 447 -2.75 15.82 1.83
N ALA A 448 -3.61 16.18 2.77
CA ALA A 448 -4.96 15.60 2.84
C ALA A 448 -5.96 16.74 2.78
N PRO A 449 -6.59 16.96 1.62
CA PRO A 449 -7.37 18.19 1.44
C PRO A 449 -8.66 18.23 2.25
N ALA A 450 -9.23 17.08 2.58
CA ALA A 450 -10.48 17.13 3.33
C ALA A 450 -10.25 17.49 4.79
N VAL A 451 -9.11 17.04 5.34
CA VAL A 451 -8.72 17.48 6.68
C VAL A 451 -8.48 18.98 6.68
N ARG A 452 -7.91 19.50 5.59
CA ARG A 452 -7.68 20.93 5.43
C ARG A 452 -8.98 21.70 5.45
N ARG A 453 -9.95 21.25 4.64
CA ARG A 453 -11.23 21.95 4.53
C ARG A 453 -12.02 21.88 5.83
N ALA A 454 -12.00 20.73 6.51
CA ALA A 454 -12.74 20.60 7.75
C ALA A 454 -12.11 21.40 8.88
N ASN A 455 -10.77 21.40 8.94
CA ASN A 455 -10.10 22.13 10.00
C ASN A 455 -10.23 23.63 9.80
N LYS A 456 -10.34 24.08 8.55
CA LYS A 456 -10.75 25.46 8.37
C LYS A 456 -12.21 25.66 8.76
N ALA A 457 -13.05 24.66 8.50
CA ALA A 457 -14.49 24.87 8.62
C ALA A 457 -14.99 24.72 10.06
N MET A 458 -14.80 23.55 10.65
CA MET A 458 -15.54 23.20 11.85
C MET A 458 -15.00 23.88 13.10
N LYS A 459 -13.68 24.09 13.17
CA LYS A 459 -13.00 24.78 14.27
C LYS A 459 -13.26 24.11 15.62
N SER A 460 -12.97 22.82 15.69
CA SER A 460 -13.28 22.05 16.88
C SER A 460 -12.10 22.04 17.83
N ILE A 461 -12.33 22.47 19.07
CA ILE A 461 -11.32 22.46 20.11
C ILE A 461 -11.72 21.42 21.14
N GLY A 462 -10.74 20.97 21.90
CA GLY A 462 -11.01 19.96 22.91
C GLY A 462 -10.36 20.25 24.26
N LEU A 463 -11.19 20.39 25.29
CA LEU A 463 -10.72 20.74 26.62
C LEU A 463 -11.20 19.69 27.61
N GLY A 464 -10.31 19.33 28.54
CA GLY A 464 -10.67 18.39 29.58
C GLY A 464 -10.04 18.68 30.93
N ALA A 465 -9.90 17.65 31.75
CA ALA A 465 -9.33 17.82 33.08
C ALA A 465 -8.80 16.48 33.57
N MET A 466 -7.71 16.53 34.29
CA MET A 466 -7.21 15.42 35.08
C MET A 466 -7.39 15.74 36.56
N ASN A 467 -6.86 14.86 37.41
CA ASN A 467 -6.80 15.03 38.87
C ASN A 467 -8.20 15.12 39.49
N LEU A 468 -8.96 14.04 39.32
CA LEU A 468 -10.21 13.88 40.03
C LEU A 468 -10.07 13.05 41.29
N HIS A 469 -9.39 11.90 41.15
CA HIS A 469 -9.29 10.95 42.26
C HIS A 469 -8.48 11.51 43.40
N GLY A 470 -7.36 12.15 43.08
CA GLY A 470 -6.40 12.51 44.11
C GLY A 470 -6.84 13.66 44.99
N TYR A 471 -7.46 14.68 44.39
CA TYR A 471 -7.91 15.85 45.14
C TYR A 471 -9.01 15.49 46.12
N LEU A 472 -10.02 14.79 45.64
CA LEU A 472 -11.13 14.41 46.49
C LEU A 472 -10.75 13.29 47.44
N ALA A 473 -9.71 12.51 47.13
CA ALA A 473 -9.23 11.55 48.10
C ALA A 473 -8.38 12.21 49.17
N GLN A 474 -7.67 13.28 48.81
CA GLN A 474 -6.84 13.99 49.77
C GLN A 474 -7.68 14.84 50.70
N ASN A 475 -8.83 15.31 50.23
CA ASN A 475 -9.72 16.06 51.09
C ASN A 475 -10.46 15.18 52.07
N GLY A 476 -10.48 13.87 51.86
CA GLY A 476 -11.12 12.98 52.80
C GLY A 476 -12.54 12.63 52.41
N ILE A 477 -12.78 12.40 51.12
CA ILE A 477 -14.07 11.98 50.62
C ILE A 477 -13.86 10.73 49.78
N ALA A 478 -14.65 9.70 50.07
CA ALA A 478 -14.53 8.42 49.40
C ALA A 478 -14.90 8.53 47.92
N TYR A 479 -14.32 7.62 47.14
CA TYR A 479 -14.52 7.66 45.70
C TYR A 479 -15.92 7.21 45.31
N GLU A 480 -16.53 6.34 46.11
CA GLU A 480 -17.86 5.82 45.80
C GLU A 480 -18.97 6.62 46.48
N SER A 481 -18.66 7.79 47.00
CA SER A 481 -19.64 8.59 47.71
C SER A 481 -20.58 9.30 46.75
N PRO A 482 -21.84 9.49 47.14
CA PRO A 482 -22.74 10.33 46.34
C PRO A 482 -22.36 11.79 46.36
N GLU A 483 -21.68 12.21 47.43
CA GLU A 483 -21.24 13.59 47.58
C GLU A 483 -20.26 13.98 46.47
N ALA A 484 -19.39 13.06 46.10
CA ALA A 484 -18.47 13.31 44.98
C ALA A 484 -19.22 13.40 43.67
N ARG A 485 -20.32 12.65 43.52
CA ARG A 485 -21.12 12.73 42.30
C ARG A 485 -21.82 14.09 42.19
N ASP A 486 -22.38 14.57 43.30
CA ASP A 486 -22.99 15.91 43.29
C ASP A 486 -21.94 17.00 43.09
N PHE A 487 -20.75 16.79 43.67
CA PHE A 487 -19.64 17.72 43.51
C PHE A 487 -19.22 17.84 42.06
N ALA A 488 -19.01 16.69 41.40
CA ALA A 488 -18.62 16.68 40.01
C ALA A 488 -19.72 17.23 39.12
N ASN A 489 -20.98 17.00 39.49
CA ASN A 489 -22.12 17.54 38.75
C ASN A 489 -22.08 19.06 38.75
N THR A 490 -21.96 19.66 39.94
CA THR A 490 -21.93 21.12 40.05
C THR A 490 -20.69 21.70 39.38
N PHE A 491 -19.55 21.01 39.54
CA PHE A 491 -18.29 21.49 38.99
C PHE A 491 -18.32 21.51 37.47
N PHE A 492 -18.66 20.39 36.84
CA PHE A 492 -18.70 20.33 35.39
C PHE A 492 -19.85 21.14 34.81
N MET A 493 -20.92 21.35 35.58
CA MET A 493 -21.96 22.29 35.18
C MET A 493 -21.39 23.69 35.03
N MET A 494 -20.65 24.15 36.04
CA MET A 494 -20.07 25.49 35.96
C MET A 494 -18.99 25.58 34.90
N VAL A 495 -18.26 24.48 34.68
CA VAL A 495 -17.25 24.41 33.62
C VAL A 495 -17.89 24.63 32.26
N ASN A 496 -18.94 23.88 31.97
CA ASN A 496 -19.62 24.00 30.69
C ASN A 496 -20.28 25.37 30.56
N PHE A 497 -20.75 25.93 31.67
CA PHE A 497 -21.35 27.25 31.68
C PHE A 497 -20.36 28.31 31.22
N TYR A 498 -19.20 28.38 31.87
CA TYR A 498 -18.20 29.37 31.48
C TYR A 498 -17.62 29.07 30.10
N SER A 499 -17.61 27.80 29.71
CA SER A 499 -17.11 27.42 28.40
C SER A 499 -17.98 28.00 27.29
N ILE A 500 -19.28 27.78 27.38
CA ILE A 500 -20.21 28.32 26.39
C ILE A 500 -20.24 29.84 26.47
N GLN A 501 -20.04 30.39 27.68
CA GLN A 501 -19.96 31.83 27.85
C GLN A 501 -18.79 32.42 27.07
N ARG A 502 -17.62 31.80 27.18
CA ARG A 502 -16.46 32.29 26.45
C ARG A 502 -16.60 32.07 24.95
N SER A 503 -17.23 30.97 24.54
CA SER A 503 -17.45 30.73 23.12
C SER A 503 -18.38 31.77 22.53
N ALA A 504 -19.40 32.17 23.28
CA ALA A 504 -20.29 33.22 22.83
C ALA A 504 -19.58 34.58 22.80
N GLU A 505 -18.67 34.81 23.75
CA GLU A 505 -17.89 36.05 23.74
C GLU A 505 -17.03 36.14 22.50
N ILE A 506 -16.33 35.05 22.17
CA ILE A 506 -15.44 35.06 21.00
C ILE A 506 -16.26 35.12 19.72
N ALA A 507 -17.44 34.50 19.71
CA ALA A 507 -18.33 34.61 18.56
C ALA A 507 -18.82 36.04 18.36
N LYS A 508 -19.03 36.76 19.46
CA LYS A 508 -19.35 38.18 19.34
C LYS A 508 -18.14 38.98 18.87
N GLU A 509 -16.95 38.57 19.29
CA GLU A 509 -15.73 39.26 18.89
C GLU A 509 -15.46 39.14 17.41
N LYS A 510 -15.78 37.99 16.82
CA LYS A 510 -15.51 37.81 15.40
C LYS A 510 -16.73 37.96 14.51
N GLY A 511 -17.93 37.68 15.03
CA GLY A 511 -19.12 37.75 14.23
C GLY A 511 -19.22 36.70 13.15
N GLU A 512 -18.50 35.59 13.29
CA GLU A 512 -18.40 34.56 12.26
C GLU A 512 -18.48 33.20 12.96
N THR A 513 -19.69 32.66 13.05
CA THR A 513 -19.82 31.33 13.62
C THR A 513 -19.41 30.28 12.59
N PHE A 514 -19.44 29.03 13.02
CA PHE A 514 -19.18 27.96 12.07
C PHE A 514 -20.38 27.77 11.14
N ASP A 515 -20.14 27.04 10.06
CA ASP A 515 -21.13 26.90 9.01
C ASP A 515 -22.30 26.04 9.46
N GLN A 516 -23.48 26.35 8.91
CA GLN A 516 -24.76 25.69 9.22
C GLN A 516 -25.09 25.78 10.71
N TYR A 517 -24.83 26.95 11.29
CA TYR A 517 -25.08 27.17 12.71
C TYR A 517 -26.57 27.12 13.04
N GLU A 518 -27.41 27.59 12.12
CA GLU A 518 -28.85 27.51 12.31
C GLU A 518 -29.36 26.08 12.23
N GLY A 519 -28.62 25.18 11.57
CA GLY A 519 -29.00 23.79 11.58
C GLY A 519 -28.76 23.11 12.91
N SER A 520 -27.91 23.69 13.75
CA SER A 520 -27.61 23.11 15.04
C SER A 520 -28.78 23.28 16.00
N THR A 521 -28.70 22.56 17.11
CA THR A 521 -29.63 22.78 18.21
C THR A 521 -29.21 23.93 19.09
N TYR A 522 -27.97 24.41 18.97
CA TYR A 522 -27.51 25.55 19.74
C TYR A 522 -28.23 26.83 19.35
N ALA A 523 -28.57 26.98 18.07
CA ALA A 523 -29.29 28.17 17.64
C ALA A 523 -30.73 28.15 18.13
N THR A 524 -31.28 26.94 18.31
CA THR A 524 -32.65 26.79 18.80
C THR A 524 -32.74 26.72 20.32
N GLY A 525 -31.61 26.53 21.01
CA GLY A 525 -31.65 26.45 22.45
C GLY A 525 -32.18 25.13 22.97
N GLU A 526 -32.25 24.11 22.12
CA GLU A 526 -32.73 22.80 22.56
C GLU A 526 -31.74 22.15 23.53
N TYR A 527 -30.45 22.42 23.34
CA TYR A 527 -29.47 22.03 24.34
C TYR A 527 -29.65 22.82 25.63
N PHE A 528 -30.14 24.06 25.55
CA PHE A 528 -30.29 24.88 26.73
C PHE A 528 -31.52 24.52 27.54
N ASP A 529 -32.40 23.69 26.99
CA ASP A 529 -33.66 23.36 27.67
C ASP A 529 -33.45 22.51 28.92
N LYS A 530 -32.30 21.83 29.03
CA LYS A 530 -31.97 21.15 30.27
C LYS A 530 -31.66 22.15 31.38
N TYR A 531 -31.11 23.31 31.05
CA TYR A 531 -30.60 24.21 32.07
C TYR A 531 -31.57 25.32 32.45
N VAL A 532 -32.70 25.44 31.76
CA VAL A 532 -33.68 26.45 32.16
C VAL A 532 -34.38 26.06 33.44
N SER A 533 -34.39 24.77 33.76
CA SER A 533 -34.88 24.24 35.01
C SER A 533 -33.82 23.29 35.57
N THR A 534 -34.20 22.58 36.64
CA THR A 534 -33.42 21.51 37.28
C THR A 534 -32.04 22.02 37.71
N ASP A 535 -32.08 22.95 38.67
CA ASP A 535 -30.87 23.62 39.11
C ASP A 535 -29.94 22.65 39.84
N PHE A 536 -28.64 22.84 39.64
CA PHE A 536 -27.61 21.92 40.11
C PHE A 536 -26.92 22.44 41.35
N SER A 537 -27.69 23.02 42.28
CA SER A 537 -27.15 23.50 43.55
C SER A 537 -26.59 22.33 44.36
N PRO A 538 -25.56 22.57 45.17
CA PRO A 538 -24.97 21.48 45.95
C PRO A 538 -25.93 20.95 47.01
N LYS A 539 -26.01 19.63 47.08
CA LYS A 539 -26.93 18.94 47.98
C LYS A 539 -26.28 18.49 49.27
N TYR A 540 -25.07 18.94 49.55
CA TYR A 540 -24.36 18.58 50.77
C TYR A 540 -23.61 19.79 51.28
N GLU A 541 -23.49 19.87 52.60
CA GLU A 541 -22.84 21.02 53.22
C GLU A 541 -21.33 20.97 53.02
N LYS A 542 -20.74 19.78 53.18
CA LYS A 542 -19.29 19.62 53.03
C LYS A 542 -18.85 19.88 51.60
N ILE A 543 -19.70 19.51 50.62
CA ILE A 543 -19.45 19.87 49.24
C ILE A 543 -19.58 21.38 49.05
N ALA A 544 -20.55 21.99 49.73
CA ALA A 544 -20.79 23.42 49.58
C ALA A 544 -19.66 24.25 50.19
N ASN A 545 -18.96 23.71 51.19
CA ASN A 545 -17.83 24.42 51.76
C ASN A 545 -16.65 24.48 50.80
N LEU A 546 -16.58 23.53 49.88
CA LEU A 546 -15.47 23.50 48.93
C LEU A 546 -15.60 24.60 47.90
N PHE A 547 -16.80 24.78 47.34
CA PHE A 547 -17.03 25.88 46.42
C PHE A 547 -17.33 27.19 47.14
N GLU A 548 -17.32 27.18 48.46
CA GLU A 548 -17.61 28.38 49.24
C GLU A 548 -16.50 29.41 49.08
N GLY A 549 -16.89 30.64 48.76
CA GLY A 549 -15.95 31.71 48.51
C GLY A 549 -15.95 32.22 47.09
N MET A 550 -16.90 31.81 46.27
CA MET A 550 -16.99 32.26 44.90
C MET A 550 -18.43 32.13 44.42
N HIS A 551 -18.72 32.78 43.30
CA HIS A 551 -20.08 32.81 42.78
C HIS A 551 -20.42 31.53 42.03
N ILE A 552 -21.65 31.08 42.19
CA ILE A 552 -22.20 29.97 41.42
C ILE A 552 -23.45 30.47 40.70
N PRO A 553 -23.58 30.23 39.41
CA PRO A 553 -24.71 30.81 38.65
C PRO A 553 -26.03 30.12 38.96
N THR A 554 -27.10 30.71 38.44
CA THR A 554 -28.47 30.23 38.59
C THR A 554 -29.04 29.90 37.22
N THR A 555 -30.27 29.39 37.20
CA THR A 555 -30.92 29.06 35.94
C THR A 555 -31.33 30.31 35.17
N GLU A 556 -31.59 31.41 35.88
CA GLU A 556 -31.84 32.67 35.19
C GLU A 556 -30.59 33.19 34.52
N ASP A 557 -29.42 32.88 35.09
CA ASP A 557 -28.18 33.17 34.42
C ASP A 557 -28.02 32.32 33.16
N TRP A 558 -28.50 31.08 33.19
CA TRP A 558 -28.59 30.27 31.98
C TRP A 558 -29.55 30.88 30.98
N LYS A 559 -30.62 31.53 31.44
CA LYS A 559 -31.56 32.14 30.52
C LYS A 559 -30.95 33.37 29.86
N LYS A 560 -30.21 34.16 30.64
CA LYS A 560 -29.46 35.27 30.07
C LYS A 560 -28.40 34.78 29.10
N LEU A 561 -27.79 33.63 29.41
CA LEU A 561 -26.84 33.00 28.51
C LEU A 561 -27.52 32.57 27.22
N LYS A 562 -28.72 32.01 27.32
CA LYS A 562 -29.49 31.60 26.15
C LYS A 562 -29.85 32.80 25.28
N ALA A 563 -30.21 33.91 25.92
CA ALA A 563 -30.51 35.13 25.16
C ALA A 563 -29.26 35.68 24.49
N PHE A 564 -28.12 35.62 25.17
CA PHE A 564 -26.88 36.14 24.60
C PHE A 564 -26.39 35.24 23.47
N VAL A 565 -26.66 33.94 23.56
CA VAL A 565 -26.40 33.04 22.45
C VAL A 565 -27.31 33.35 21.28
N ALA A 566 -28.60 33.58 21.55
CA ALA A 566 -29.56 33.93 20.51
C ALA A 566 -29.26 35.28 19.88
N GLU A 567 -28.50 36.13 20.55
CA GLU A 567 -28.03 37.37 19.93
C GLU A 567 -27.10 37.07 18.75
N HIS A 568 -25.98 36.39 19.02
CA HIS A 568 -25.00 36.12 17.99
C HIS A 568 -24.87 34.64 17.67
N GLY A 569 -24.54 33.82 18.66
CA GLY A 569 -24.26 32.43 18.40
C GLY A 569 -22.99 32.00 19.11
N MET A 570 -22.48 30.83 18.71
CA MET A 570 -21.30 30.25 19.31
C MET A 570 -20.20 30.09 18.27
N TYR A 571 -18.95 30.29 18.70
CA TYR A 571 -17.84 30.26 17.75
C TYR A 571 -17.47 28.83 17.38
N HIS A 572 -17.52 27.92 18.34
CA HIS A 572 -17.06 26.56 18.14
C HIS A 572 -18.24 25.62 17.98
N SER A 573 -17.99 24.48 17.34
CA SER A 573 -18.99 23.44 17.25
C SER A 573 -18.80 22.32 18.27
N TYR A 574 -17.60 22.22 18.84
CA TYR A 574 -17.30 21.21 19.83
C TYR A 574 -16.31 21.81 20.79
N ARG A 575 -16.38 21.43 22.07
CA ARG A 575 -15.54 22.10 23.05
C ARG A 575 -14.75 21.15 23.93
N LEU A 576 -15.30 19.97 24.22
CA LEU A 576 -14.82 19.19 25.35
C LEU A 576 -14.38 17.80 24.91
N CYS A 577 -13.43 17.25 25.64
CA CYS A 577 -12.92 15.90 25.42
C CYS A 577 -12.22 15.46 26.69
N ILE A 578 -12.14 14.14 26.90
CA ILE A 578 -11.48 13.59 28.07
C ILE A 578 -10.56 12.47 27.60
N ALA A 579 -9.26 12.68 27.75
CA ALA A 579 -8.28 11.76 27.21
C ALA A 579 -7.45 11.15 28.33
N PRO A 580 -7.00 9.91 28.18
CA PRO A 580 -6.12 9.34 29.22
C PRO A 580 -4.71 9.90 29.12
N THR A 581 -4.56 11.12 29.63
CA THR A 581 -3.32 11.89 29.44
C THR A 581 -2.31 11.51 30.52
N GLY A 582 -1.87 10.25 30.45
CA GLY A 582 -0.95 9.75 31.44
C GLY A 582 0.48 10.19 31.21
N SER A 583 0.86 10.38 29.95
CA SER A 583 2.24 10.71 29.65
C SER A 583 2.59 12.13 30.03
N ILE A 584 1.60 13.01 30.14
CA ILE A 584 1.82 14.33 30.70
C ILE A 584 1.09 14.50 32.03
N SER A 585 0.70 13.38 32.63
CA SER A 585 0.23 13.42 34.00
C SER A 585 1.39 13.60 34.97
N TYR A 586 2.55 13.04 34.62
CA TYR A 586 3.66 13.00 35.55
C TYR A 586 4.30 14.37 35.73
N VAL A 587 4.26 15.20 34.70
CA VAL A 587 4.85 16.53 34.81
C VAL A 587 4.00 17.40 35.71
N GLN A 588 2.68 17.29 35.60
CA GLN A 588 1.80 18.02 36.51
C GLN A 588 1.81 17.46 37.92
N SER A 589 2.46 16.31 38.13
CA SER A 589 2.65 15.68 39.44
C SER A 589 1.32 15.37 40.10
N SER A 590 0.55 14.53 39.44
CA SER A 590 -0.80 14.29 39.86
C SER A 590 -1.24 12.91 39.41
N THR A 591 -2.52 12.64 39.55
CA THR A 591 -3.11 11.37 39.17
C THR A 591 -3.38 11.38 37.67
N ALA A 592 -4.14 10.39 37.22
CA ALA A 592 -4.67 10.40 35.87
C ALA A 592 -5.92 11.28 35.81
N SER A 593 -6.69 11.12 34.75
CA SER A 593 -8.04 11.68 34.72
C SER A 593 -8.99 10.80 35.51
N VAL A 594 -10.29 10.98 35.30
CA VAL A 594 -11.38 10.51 36.16
C VAL A 594 -11.36 9.03 36.55
N MET A 595 -10.62 8.20 35.83
CA MET A 595 -10.41 6.82 36.26
C MET A 595 -9.56 6.78 37.52
N PRO A 596 -9.97 6.08 38.56
CA PRO A 596 -9.17 6.04 39.79
C PRO A 596 -7.92 5.20 39.60
N ILE A 597 -6.98 5.35 40.54
CA ILE A 597 -5.63 4.83 40.35
C ILE A 597 -5.62 3.32 40.49
N MET A 598 -4.66 2.67 39.83
CA MET A 598 -4.55 1.23 39.93
C MET A 598 -3.88 0.82 41.24
N GLU A 599 -2.64 1.22 41.44
CA GLU A 599 -1.88 0.82 42.61
C GLU A 599 -1.39 2.05 43.36
N ARG A 600 -1.19 1.87 44.67
CA ARG A 600 -0.73 2.98 45.49
C ARG A 600 0.72 3.32 45.21
N ILE A 601 1.51 2.34 44.81
CA ILE A 601 2.91 2.54 44.47
C ILE A 601 3.13 1.98 43.07
N GLU A 602 3.69 2.79 42.19
CA GLU A 602 4.13 2.33 40.89
C GLU A 602 5.59 1.94 40.99
N GLU A 603 5.97 0.89 40.28
CA GLU A 603 7.35 0.43 40.29
C GLU A 603 7.82 0.23 38.86
N ARG A 604 8.92 0.86 38.50
CA ARG A 604 9.48 0.70 37.18
C ARG A 604 10.96 0.35 37.29
N THR A 605 11.49 -0.21 36.21
CA THR A 605 12.90 -0.50 36.08
C THR A 605 13.40 0.25 34.85
N TYR A 606 14.04 1.39 35.08
CA TYR A 606 14.62 2.15 33.98
C TYR A 606 15.78 1.39 33.37
N GLY A 607 16.79 1.09 34.18
CA GLY A 607 17.79 0.10 33.81
C GLY A 607 18.71 -0.13 34.98
N ASN A 608 18.86 -1.40 35.37
CA ASN A 608 19.54 -1.82 36.61
C ASN A 608 19.06 -1.02 37.82
N SER A 609 17.75 -0.76 37.88
CA SER A 609 17.21 0.19 38.83
C SER A 609 15.81 -0.22 39.22
N LYS A 610 15.37 0.25 40.39
CA LYS A 610 14.02 0.03 40.88
C LYS A 610 13.46 1.39 41.30
N THR A 611 12.91 2.12 40.34
CA THR A 611 12.28 3.39 40.62
C THR A 611 10.93 3.15 41.27
N TYR A 612 10.73 3.78 42.42
CA TYR A 612 9.56 3.61 43.26
C TYR A 612 8.80 4.91 43.29
N TYR A 613 7.65 4.95 42.61
CA TYR A 613 6.84 6.16 42.57
C TYR A 613 5.71 6.03 43.56
N PRO A 614 5.65 6.88 44.59
CA PRO A 614 4.43 6.99 45.37
C PRO A 614 3.43 7.93 44.71
N MET A 615 2.17 7.66 44.96
CA MET A 615 1.11 8.58 44.54
C MET A 615 1.23 9.88 45.36
N PRO A 616 0.89 11.01 44.77
CA PRO A 616 0.98 12.28 45.50
C PRO A 616 -0.06 12.36 46.61
N GLY A 617 0.36 12.89 47.75
CA GLY A 617 -0.50 12.97 48.91
C GLY A 617 -0.55 11.73 49.75
N LEU A 618 0.35 10.78 49.52
CA LEU A 618 0.33 9.51 50.27
C LEU A 618 0.87 9.75 51.67
N ALA A 619 -0.04 9.79 52.64
CA ALA A 619 0.32 9.87 54.05
C ALA A 619 -0.38 8.72 54.78
N SER A 620 -0.21 8.67 56.09
CA SER A 620 -0.80 7.59 56.86
C SER A 620 -2.31 7.76 57.00
N ASN A 621 -2.78 9.00 57.08
CA ASN A 621 -4.19 9.26 57.35
C ASN A 621 -5.07 8.89 56.16
N ASN A 622 -4.65 9.28 54.97
CA ASN A 622 -5.44 9.08 53.75
C ASN A 622 -5.12 7.76 53.06
N TRP A 623 -4.67 6.76 53.81
CA TRP A 623 -4.43 5.44 53.24
C TRP A 623 -5.72 4.79 52.77
N PHE A 624 -6.84 5.08 53.44
CA PHE A 624 -8.09 4.44 53.09
C PHE A 624 -8.78 5.10 51.91
N PHE A 625 -8.62 6.41 51.76
CA PHE A 625 -9.23 7.08 50.62
C PHE A 625 -8.47 6.80 49.33
N TYR A 626 -7.21 6.39 49.42
CA TYR A 626 -6.50 5.83 48.28
C TYR A 626 -6.85 4.35 48.14
N LYS A 627 -8.05 4.12 47.63
CA LYS A 627 -8.51 2.75 47.42
C LYS A 627 -7.79 2.11 46.24
N GLU A 628 -8.08 0.84 46.01
CA GLU A 628 -7.47 0.08 44.93
C GLU A 628 -8.51 -0.22 43.86
N ALA A 629 -8.08 -0.17 42.60
CA ALA A 629 -8.99 -0.25 41.46
C ALA A 629 -9.62 -1.62 41.31
N TYR A 630 -9.01 -2.66 41.84
CA TYR A 630 -9.59 -3.99 41.78
C TYR A 630 -10.62 -4.22 42.87
N ASP A 631 -10.87 -3.24 43.73
CA ASP A 631 -11.69 -3.42 44.92
C ASP A 631 -12.74 -2.32 45.01
N MET A 632 -13.45 -2.10 43.90
CA MET A 632 -14.40 -1.01 43.81
C MET A 632 -15.71 -1.50 43.21
N ASP A 633 -16.77 -0.74 43.46
CA ASP A 633 -18.06 -0.98 42.82
C ASP A 633 -18.03 -0.38 41.42
N MET A 634 -18.17 -1.23 40.41
CA MET A 634 -18.17 -0.76 39.03
C MET A 634 -19.42 0.05 38.73
N PHE A 635 -20.54 -0.28 39.37
CA PHE A 635 -21.80 0.39 39.10
C PHE A 635 -21.75 1.85 39.55
N LYS A 636 -21.15 2.11 40.71
CA LYS A 636 -20.99 3.48 41.16
C LYS A 636 -20.00 4.25 40.30
N VAL A 637 -19.01 3.56 39.75
CA VAL A 637 -18.09 4.19 38.81
C VAL A 637 -18.83 4.61 37.55
N VAL A 638 -19.70 3.73 37.04
CA VAL A 638 -20.47 4.04 35.84
C VAL A 638 -21.45 5.17 36.12
N ASP A 639 -22.00 5.22 37.35
CA ASP A 639 -22.90 6.32 37.70
C ASP A 639 -22.15 7.63 37.84
N MET A 640 -20.91 7.58 38.35
CA MET A 640 -20.04 8.75 38.36
C MET A 640 -19.79 9.27 36.96
N ILE A 641 -19.46 8.36 36.03
CA ILE A 641 -19.17 8.75 34.67
C ILE A 641 -20.44 9.24 33.97
N ALA A 642 -21.60 8.71 34.34
CA ALA A 642 -22.86 9.19 33.78
C ALA A 642 -23.19 10.59 34.29
N THR A 643 -22.85 10.85 35.55
CA THR A 643 -23.02 12.19 36.10
C THR A 643 -22.08 13.17 35.40
N ILE A 644 -20.87 12.71 35.08
CA ILE A 644 -19.93 13.52 34.30
C ILE A 644 -20.45 13.72 32.89
N GLN A 645 -21.13 12.72 32.34
CA GLN A 645 -21.62 12.72 30.97
C GLN A 645 -22.70 13.77 30.74
N GLN A 646 -23.31 14.28 31.83
CA GLN A 646 -24.39 15.24 31.77
C GLN A 646 -24.00 16.57 31.16
N HIS A 647 -22.71 16.84 30.95
CA HIS A 647 -22.29 18.12 30.45
C HIS A 647 -21.30 18.03 29.29
N ILE A 648 -20.85 16.84 28.93
CA ILE A 648 -19.79 16.67 27.94
C ILE A 648 -20.41 16.31 26.61
N ASP A 649 -19.97 16.98 25.54
CA ASP A 649 -20.49 16.67 24.22
C ASP A 649 -19.89 15.38 23.67
N GLN A 650 -18.60 15.17 23.84
CA GLN A 650 -17.94 14.03 23.25
C GLN A 650 -17.95 12.86 24.21
N GLY A 651 -17.11 11.87 23.92
CA GLY A 651 -16.97 10.72 24.78
C GLY A 651 -16.03 10.99 25.95
N ILE A 652 -15.98 10.01 26.84
CA ILE A 652 -15.21 10.07 28.07
C ILE A 652 -14.37 8.80 28.14
N SER A 653 -13.09 8.94 28.48
CA SER A 653 -12.14 7.83 28.41
C SER A 653 -12.39 6.86 29.55
N PHE A 654 -13.45 6.08 29.42
CA PHE A 654 -13.86 5.15 30.47
C PHE A 654 -13.16 3.81 30.29
N THR A 655 -12.39 3.41 31.28
CA THR A 655 -11.59 2.19 31.23
C THR A 655 -12.08 1.20 32.28
N LEU A 656 -12.30 -0.04 31.87
CA LEU A 656 -12.73 -1.09 32.78
C LEU A 656 -11.55 -1.67 33.55
N PHE A 657 -11.78 -1.95 34.82
CA PHE A 657 -10.76 -2.51 35.73
C PHE A 657 -11.30 -3.85 36.21
N LEU A 658 -10.67 -4.93 35.79
CA LEU A 658 -11.23 -6.26 36.04
C LEU A 658 -10.23 -7.12 36.80
N LYS A 659 -10.73 -8.26 37.28
CA LYS A 659 -9.92 -9.27 37.93
C LYS A 659 -10.13 -10.61 37.26
N ASP A 660 -9.19 -11.52 37.48
CA ASP A 660 -9.31 -12.88 36.95
C ASP A 660 -10.42 -13.66 37.64
N THR A 661 -10.74 -13.30 38.88
CA THR A 661 -11.81 -13.94 39.62
C THR A 661 -13.19 -13.47 39.20
N MET A 662 -13.28 -12.46 38.34
CA MET A 662 -14.57 -11.94 37.92
C MET A 662 -15.19 -12.84 36.87
N THR A 663 -16.34 -12.41 36.33
CA THR A 663 -17.16 -13.26 35.50
C THR A 663 -17.67 -12.49 34.29
N THR A 664 -17.64 -13.14 33.13
CA THR A 664 -18.17 -12.54 31.91
C THR A 664 -19.67 -12.30 31.99
N ARG A 665 -20.38 -13.08 32.81
CA ARG A 665 -21.76 -12.77 33.17
C ARG A 665 -21.84 -11.39 33.80
N ASP A 666 -21.02 -11.14 34.81
CA ASP A 666 -20.98 -9.83 35.47
C ASP A 666 -20.45 -8.77 34.52
N LEU A 667 -19.53 -9.14 33.63
CA LEU A 667 -19.00 -8.20 32.65
C LEU A 667 -20.10 -7.71 31.71
N ASN A 668 -20.84 -8.64 31.12
CA ASN A 668 -21.92 -8.27 30.21
C ASN A 668 -23.04 -7.57 30.95
N ARG A 669 -23.24 -7.89 32.23
CA ARG A 669 -24.19 -7.13 33.04
C ARG A 669 -23.76 -5.68 33.20
N ILE A 670 -22.46 -5.46 33.43
CA ILE A 670 -21.92 -4.10 33.49
C ILE A 670 -22.08 -3.40 32.15
N ASP A 671 -21.91 -4.15 31.06
CA ASP A 671 -22.04 -3.60 29.72
C ASP A 671 -23.45 -3.11 29.46
N LEU A 672 -24.44 -3.95 29.76
CA LEU A 672 -25.83 -3.56 29.55
C LEU A 672 -26.24 -2.50 30.55
N TYR A 673 -25.62 -2.48 31.74
CA TYR A 673 -25.88 -1.43 32.71
C TYR A 673 -25.42 -0.08 32.19
N ALA A 674 -24.24 -0.05 31.57
CA ALA A 674 -23.74 1.19 30.99
C ALA A 674 -24.57 1.61 29.79
N HIS A 675 -25.06 0.63 29.02
CA HIS A 675 -25.97 0.97 27.93
C HIS A 675 -27.28 1.53 28.45
N HIS A 676 -27.73 1.03 29.60
CA HIS A 676 -28.96 1.55 30.19
C HIS A 676 -28.75 2.93 30.78
N ARG A 677 -27.55 3.20 31.30
CA ARG A 677 -27.26 4.52 31.81
C ARG A 677 -27.03 5.53 30.70
N GLY A 678 -26.28 5.14 29.66
CA GLY A 678 -26.02 6.05 28.58
C GLY A 678 -24.56 6.42 28.43
N ILE A 679 -23.66 5.54 28.87
CA ILE A 679 -22.24 5.74 28.66
C ILE A 679 -21.94 5.58 27.18
N LYS A 680 -21.17 6.53 26.63
CA LYS A 680 -20.98 6.56 25.19
C LYS A 680 -20.04 5.45 24.72
N THR A 681 -18.80 5.48 25.16
CA THR A 681 -17.82 4.48 24.73
C THR A 681 -17.08 3.93 25.94
N ILE A 682 -16.41 2.80 25.73
CA ILE A 682 -15.57 2.19 26.74
C ILE A 682 -14.17 2.04 26.19
N TYR A 683 -13.26 1.48 26.98
CA TYR A 683 -11.87 1.26 26.59
C TYR A 683 -11.52 -0.19 26.87
N TYR A 684 -10.34 -0.59 26.40
CA TYR A 684 -9.67 -1.83 26.77
C TYR A 684 -9.68 -2.04 28.28
N ALA A 685 -9.96 -3.26 28.69
CA ALA A 685 -10.09 -3.62 30.10
C ALA A 685 -8.78 -4.17 30.65
N ARG A 686 -8.57 -3.97 31.94
CA ARG A 686 -7.30 -4.29 32.58
C ARG A 686 -7.48 -5.34 33.68
N THR A 687 -6.49 -6.22 33.80
CA THR A 687 -6.49 -7.24 34.84
C THR A 687 -5.07 -7.63 35.23
N ASN B 4 -18.57 -42.65 -13.94
CA ASN B 4 -17.19 -42.69 -13.49
C ASN B 4 -16.24 -43.15 -14.59
N GLN B 5 -16.82 -43.59 -15.70
CA GLN B 5 -16.02 -44.14 -16.79
C GLN B 5 -15.32 -43.02 -17.56
N VAL B 6 -14.11 -43.31 -17.98
CA VAL B 6 -13.35 -42.37 -18.80
C VAL B 6 -13.98 -42.32 -20.18
N PRO B 7 -14.21 -41.14 -20.76
CA PRO B 7 -14.82 -41.08 -22.09
C PRO B 7 -13.89 -41.58 -23.18
N LYS B 8 -14.47 -41.67 -24.37
CA LYS B 8 -13.87 -42.46 -25.45
C LYS B 8 -12.57 -41.85 -25.96
N TRP B 9 -12.54 -40.53 -26.15
CA TRP B 9 -11.38 -39.90 -26.76
C TRP B 9 -10.17 -39.92 -25.84
N ILE B 10 -10.38 -39.79 -24.53
CA ILE B 10 -9.26 -39.85 -23.59
C ILE B 10 -8.70 -41.27 -23.53
N GLN B 11 -9.59 -42.27 -23.61
CA GLN B 11 -9.15 -43.66 -23.66
C GLN B 11 -8.36 -43.94 -24.92
N LEU B 12 -8.77 -43.34 -26.04
CA LEU B 12 -8.00 -43.48 -27.27
C LEU B 12 -6.67 -42.75 -27.19
N ASN B 13 -6.63 -41.63 -26.48
CA ASN B 13 -5.38 -40.89 -26.34
C ASN B 13 -4.41 -41.58 -25.41
N ASN B 14 -4.91 -42.40 -24.49
CA ASN B 14 -4.01 -43.18 -23.64
C ASN B 14 -3.45 -44.41 -24.34
N GLU B 15 -3.85 -44.69 -25.57
CA GLU B 15 -3.44 -45.90 -26.25
C GLU B 15 -2.04 -45.79 -26.86
N ILE B 16 -1.45 -44.60 -26.88
CA ILE B 16 -0.26 -44.39 -27.69
C ILE B 16 0.97 -45.02 -27.01
N MET B 17 0.93 -45.18 -25.69
CA MET B 17 2.06 -45.78 -24.99
C MET B 17 2.10 -47.29 -25.10
N ILE B 18 1.14 -47.91 -25.79
CA ILE B 18 1.19 -49.35 -26.00
C ILE B 18 2.22 -49.66 -27.07
N GLN B 19 3.14 -50.56 -26.76
CA GLN B 19 4.25 -50.88 -27.67
C GLN B 19 3.75 -51.81 -28.76
N LYS B 20 3.53 -51.24 -29.94
CA LYS B 20 3.26 -52.03 -31.14
C LYS B 20 4.54 -52.07 -31.94
N ASP B 21 5.21 -53.22 -31.91
CA ASP B 21 6.53 -53.45 -32.52
C ASP B 21 7.56 -52.46 -32.00
N GLY B 22 7.51 -52.20 -30.70
CA GLY B 22 8.41 -51.24 -30.09
C GLY B 22 8.15 -49.81 -30.47
N LYS B 23 6.93 -49.48 -30.88
CA LYS B 23 6.63 -48.12 -31.33
C LYS B 23 5.45 -47.56 -30.57
N PHE B 24 4.94 -46.41 -31.02
CA PHE B 24 3.83 -45.73 -30.39
C PHE B 24 2.65 -45.67 -31.34
N GLN B 25 1.45 -45.63 -30.78
CA GLN B 25 0.23 -45.68 -31.57
C GLN B 25 -0.13 -44.26 -31.99
N PHE B 26 0.65 -43.73 -32.94
CA PHE B 26 0.41 -42.39 -33.46
C PHE B 26 -0.89 -42.30 -34.23
N ASP B 27 -1.21 -43.33 -35.01
CA ASP B 27 -2.38 -43.30 -35.89
C ASP B 27 -3.69 -43.31 -35.12
N LYS B 28 -3.68 -43.81 -33.88
CA LYS B 28 -4.83 -43.71 -33.01
C LYS B 28 -5.16 -42.28 -32.64
N ASP B 29 -4.16 -41.39 -32.66
CA ASP B 29 -4.29 -40.05 -32.09
C ASP B 29 -5.33 -39.23 -32.82
N LYS B 30 -5.26 -39.22 -34.16
CA LYS B 30 -6.28 -38.59 -34.99
C LYS B 30 -7.66 -39.13 -34.71
N GLU B 31 -7.75 -40.45 -34.49
CA GLU B 31 -9.02 -41.08 -34.14
C GLU B 31 -9.58 -40.51 -32.85
N ALA B 32 -8.70 -40.29 -31.87
CA ALA B 32 -9.10 -39.64 -30.63
C ALA B 32 -9.62 -38.23 -30.91
N VAL B 33 -8.94 -37.52 -31.80
CA VAL B 33 -9.40 -36.20 -32.21
C VAL B 33 -10.71 -36.34 -32.95
N HIS B 34 -10.85 -37.39 -33.76
CA HIS B 34 -12.10 -37.59 -34.46
C HIS B 34 -13.18 -38.06 -33.50
N SER B 35 -12.78 -38.59 -32.34
CA SER B 35 -13.77 -38.81 -31.30
C SER B 35 -14.16 -37.50 -30.65
N TYR B 36 -13.20 -36.60 -30.48
CA TYR B 36 -13.40 -35.42 -29.65
C TYR B 36 -14.35 -34.43 -30.31
N PHE B 37 -14.44 -34.46 -31.62
CA PHE B 37 -15.39 -33.62 -32.33
C PHE B 37 -16.73 -34.27 -32.53
N VAL B 38 -17.02 -35.37 -31.85
CA VAL B 38 -18.31 -36.05 -31.95
C VAL B 38 -19.03 -36.08 -30.62
N ASP B 39 -18.30 -36.37 -29.55
CA ASP B 39 -18.95 -36.67 -28.29
C ASP B 39 -18.80 -35.59 -27.23
N TYR B 40 -18.09 -34.51 -27.51
CA TYR B 40 -18.15 -33.40 -26.57
C TYR B 40 -18.32 -32.03 -27.21
N ILE B 41 -17.82 -31.80 -28.42
CA ILE B 41 -17.82 -30.45 -28.96
C ILE B 41 -19.10 -30.15 -29.69
N ASN B 42 -19.48 -30.99 -30.65
CA ASN B 42 -20.66 -30.74 -31.45
C ASN B 42 -21.97 -31.01 -30.72
N GLN B 43 -21.93 -31.23 -29.41
CA GLN B 43 -23.13 -31.35 -28.60
C GLN B 43 -23.19 -30.28 -27.52
N ASN B 44 -22.46 -29.18 -27.68
CA ASN B 44 -22.61 -28.04 -26.79
C ASN B 44 -22.53 -26.70 -27.52
N THR B 45 -22.66 -26.70 -28.84
CA THR B 45 -22.64 -25.47 -29.60
C THR B 45 -24.05 -24.93 -29.76
N VAL B 46 -24.24 -23.65 -29.45
CA VAL B 46 -25.54 -23.03 -29.59
C VAL B 46 -25.90 -22.94 -31.07
N PHE B 47 -27.06 -23.47 -31.42
CA PHE B 47 -27.44 -23.63 -32.82
C PHE B 47 -28.16 -22.42 -33.35
N PHE B 48 -27.83 -22.07 -34.60
CA PHE B 48 -28.34 -20.89 -35.28
C PHE B 48 -28.78 -21.28 -36.68
N HIS B 49 -29.71 -20.49 -37.23
CA HIS B 49 -30.09 -20.72 -38.61
C HIS B 49 -29.00 -20.24 -39.54
N ASN B 50 -28.70 -18.96 -39.51
CA ASN B 50 -27.72 -18.39 -40.40
C ASN B 50 -27.05 -17.21 -39.71
N LEU B 51 -26.38 -16.38 -40.49
CA LEU B 51 -25.43 -15.43 -39.95
C LEU B 51 -26.09 -14.24 -39.27
N LYS B 52 -27.21 -13.79 -39.84
CA LYS B 52 -27.72 -12.47 -39.51
C LYS B 52 -28.27 -12.42 -38.10
N GLU B 53 -29.20 -13.33 -37.81
CA GLU B 53 -29.81 -13.42 -36.46
C GLU B 53 -28.68 -13.74 -35.48
N LYS B 54 -27.75 -14.62 -35.88
CA LYS B 54 -26.61 -14.94 -35.02
C LYS B 54 -25.92 -13.69 -34.53
N LEU B 55 -25.55 -12.80 -35.45
CA LEU B 55 -24.86 -11.59 -35.03
C LEU B 55 -25.77 -10.67 -34.25
N ASP B 56 -27.06 -10.67 -34.57
CA ASP B 56 -28.01 -9.83 -33.86
C ASP B 56 -28.18 -10.31 -32.42
N TYR B 57 -28.22 -11.63 -32.22
CA TYR B 57 -28.23 -12.18 -30.87
C TYR B 57 -26.93 -11.90 -30.13
N LEU B 58 -25.82 -11.86 -30.86
CA LEU B 58 -24.55 -11.58 -30.21
C LEU B 58 -24.43 -10.12 -29.81
N VAL B 59 -25.14 -9.22 -30.48
CA VAL B 59 -25.07 -7.82 -30.08
C VAL B 59 -25.90 -7.57 -28.83
N GLU B 60 -27.12 -8.08 -28.80
CA GLU B 60 -28.10 -7.68 -27.80
C GLU B 60 -27.92 -8.37 -26.46
N ASN B 61 -26.77 -8.97 -26.20
CA ASN B 61 -26.50 -9.54 -24.88
C ASN B 61 -25.13 -9.14 -24.37
N GLN B 62 -24.59 -8.03 -24.90
CA GLN B 62 -23.37 -7.38 -24.42
C GLN B 62 -22.16 -8.29 -24.52
N TYR B 63 -21.87 -8.72 -25.74
CA TYR B 63 -20.67 -9.50 -26.02
C TYR B 63 -19.71 -8.74 -26.91
N TYR B 64 -20.16 -8.32 -28.08
CA TYR B 64 -19.30 -7.68 -29.06
C TYR B 64 -19.43 -6.17 -28.98
N GLU B 65 -18.29 -5.48 -29.02
CA GLU B 65 -18.29 -4.02 -29.14
C GLU B 65 -18.81 -3.65 -30.52
N GLU B 66 -19.99 -3.04 -30.55
CA GLU B 66 -20.78 -2.90 -31.76
C GLU B 66 -20.28 -1.83 -32.71
N GLU B 67 -19.25 -1.08 -32.35
CA GLU B 67 -18.84 0.05 -33.18
C GLU B 67 -18.16 -0.40 -34.45
N PHE B 68 -17.04 -1.11 -34.34
CA PHE B 68 -16.29 -1.54 -35.51
C PHE B 68 -17.02 -2.62 -36.27
N LEU B 69 -17.93 -3.33 -35.62
CA LEU B 69 -18.79 -4.29 -36.30
C LEU B 69 -20.01 -3.64 -36.93
N SER B 70 -20.03 -2.31 -36.99
CA SER B 70 -21.03 -1.57 -37.75
C SER B 70 -20.42 -0.83 -38.92
N LEU B 71 -19.13 -0.99 -39.16
CA LEU B 71 -18.42 -0.18 -40.14
C LEU B 71 -18.22 -0.88 -41.46
N TYR B 72 -19.03 -1.87 -41.78
CA TYR B 72 -18.93 -2.56 -43.06
C TYR B 72 -20.34 -2.90 -43.53
N SER B 73 -20.44 -3.56 -44.67
CA SER B 73 -21.72 -4.13 -45.04
C SER B 73 -21.87 -5.51 -44.42
N PHE B 74 -23.10 -6.01 -44.42
CA PHE B 74 -23.34 -7.38 -44.00
C PHE B 74 -22.72 -8.35 -44.99
N GLU B 75 -22.74 -8.00 -46.27
CA GLU B 75 -22.31 -8.91 -47.32
C GLU B 75 -20.81 -9.11 -47.31
N ASP B 76 -20.04 -8.07 -46.98
CA ASP B 76 -18.59 -8.21 -46.93
C ASP B 76 -18.17 -9.11 -45.78
N ILE B 77 -18.85 -8.97 -44.64
CA ILE B 77 -18.61 -9.85 -43.50
C ILE B 77 -18.98 -11.28 -43.85
N LYS B 78 -20.05 -11.43 -44.64
CA LYS B 78 -20.44 -12.75 -45.12
C LYS B 78 -19.37 -13.34 -46.03
N GLU B 79 -18.74 -12.50 -46.85
CA GLU B 79 -17.67 -12.98 -47.72
C GLU B 79 -16.44 -13.38 -46.93
N VAL B 80 -16.17 -12.65 -45.83
CA VAL B 80 -15.03 -12.98 -44.98
C VAL B 80 -15.25 -14.31 -44.27
N PHE B 81 -16.44 -14.51 -43.71
CA PHE B 81 -16.75 -15.78 -43.07
C PHE B 81 -16.79 -16.92 -44.08
N LYS B 82 -17.21 -16.63 -45.31
CA LYS B 82 -17.20 -17.65 -46.35
C LYS B 82 -15.78 -18.05 -46.71
N THR B 83 -14.88 -17.08 -46.78
CA THR B 83 -13.48 -17.36 -47.04
C THR B 83 -12.85 -18.14 -45.90
N ALA B 84 -13.30 -17.87 -44.68
CA ALA B 84 -12.80 -18.64 -43.53
C ALA B 84 -13.29 -20.08 -43.56
N TYR B 85 -14.57 -20.31 -43.83
CA TYR B 85 -15.05 -21.68 -43.88
C TYR B 85 -14.62 -22.42 -45.13
N ALA B 86 -14.15 -21.72 -46.16
CA ALA B 86 -13.75 -22.38 -47.38
C ALA B 86 -12.46 -23.19 -47.23
N LYS B 87 -11.76 -23.07 -46.11
CA LYS B 87 -10.53 -23.80 -45.93
C LYS B 87 -10.77 -25.28 -45.68
N LYS B 88 -11.86 -25.60 -44.98
CA LYS B 88 -12.12 -26.92 -44.39
C LYS B 88 -10.92 -27.33 -43.52
N PHE B 89 -10.73 -26.55 -42.48
CA PHE B 89 -9.57 -26.69 -41.61
C PHE B 89 -9.77 -27.82 -40.63
N ARG B 90 -8.68 -28.49 -40.29
CA ARG B 90 -8.67 -29.52 -39.28
C ARG B 90 -7.49 -29.31 -38.34
N PHE B 91 -7.60 -29.86 -37.15
CA PHE B 91 -6.55 -29.89 -36.16
C PHE B 91 -5.69 -31.14 -36.33
N PRO B 92 -4.39 -31.04 -36.06
CA PRO B 92 -3.51 -32.20 -36.23
C PRO B 92 -3.33 -33.06 -34.99
N SER B 93 -3.67 -32.57 -33.80
CA SER B 93 -3.30 -33.29 -32.59
C SER B 93 -4.43 -33.18 -31.59
N PHE B 94 -4.26 -33.86 -30.45
CA PHE B 94 -5.33 -33.86 -29.45
C PHE B 94 -5.36 -32.59 -28.64
N MET B 95 -4.20 -32.08 -28.22
CA MET B 95 -4.20 -30.84 -27.46
C MET B 95 -4.52 -29.65 -28.32
N SER B 96 -4.39 -29.80 -29.65
CA SER B 96 -4.66 -28.75 -30.61
C SER B 96 -6.11 -28.27 -30.57
N ALA B 97 -7.01 -29.11 -30.09
CA ALA B 97 -8.35 -28.66 -29.77
C ALA B 97 -8.53 -28.33 -28.31
N PHE B 98 -7.89 -29.08 -27.42
CA PHE B 98 -8.27 -29.02 -26.01
C PHE B 98 -7.78 -27.74 -25.37
N LYS B 99 -6.65 -27.21 -25.83
CA LYS B 99 -6.23 -25.96 -25.25
C LYS B 99 -6.99 -24.77 -25.82
N PHE B 100 -7.77 -24.95 -26.88
CA PHE B 100 -8.51 -23.82 -27.40
C PHE B 100 -9.98 -23.84 -27.02
N TYR B 101 -10.63 -24.99 -27.06
CA TYR B 101 -12.03 -25.01 -26.66
C TYR B 101 -12.23 -25.18 -25.17
N ASN B 102 -11.20 -25.01 -24.36
CA ASN B 102 -11.41 -24.99 -22.92
C ASN B 102 -11.18 -23.61 -22.34
N ASP B 103 -10.22 -22.87 -22.85
CA ASP B 103 -9.93 -21.61 -22.18
C ASP B 103 -10.03 -20.39 -23.07
N TYR B 104 -9.51 -20.44 -24.29
CA TYR B 104 -9.39 -19.21 -25.05
C TYR B 104 -10.67 -18.86 -25.77
N ALA B 105 -11.35 -19.84 -26.34
CA ALA B 105 -12.56 -19.58 -27.09
C ALA B 105 -13.68 -19.11 -26.18
N LEU B 106 -14.62 -18.40 -26.77
CA LEU B 106 -15.62 -17.69 -26.00
C LEU B 106 -16.69 -18.64 -25.49
N LYS B 107 -17.01 -18.52 -24.22
CA LYS B 107 -18.10 -19.27 -23.62
C LYS B 107 -19.27 -18.34 -23.37
N THR B 108 -20.29 -18.87 -22.72
CA THR B 108 -21.52 -18.15 -22.46
C THR B 108 -21.48 -17.55 -21.05
N ASN B 109 -22.61 -17.00 -20.62
CA ASN B 109 -22.65 -16.35 -19.31
C ASN B 109 -22.61 -17.36 -18.18
N ASP B 110 -23.26 -18.50 -18.37
CA ASP B 110 -23.21 -19.56 -17.36
C ASP B 110 -21.95 -20.40 -17.46
N LYS B 111 -21.07 -20.10 -18.42
CA LYS B 111 -19.81 -20.79 -18.66
C LYS B 111 -20.00 -22.28 -18.94
N LYS B 112 -21.09 -22.62 -19.63
CA LYS B 112 -21.40 -24.01 -19.89
C LYS B 112 -21.64 -24.33 -21.35
N LYS B 113 -21.67 -23.34 -22.23
CA LYS B 113 -21.83 -23.60 -23.65
C LYS B 113 -20.85 -22.77 -24.44
N ILE B 114 -20.77 -23.06 -25.73
CA ILE B 114 -19.72 -22.56 -26.62
C ILE B 114 -20.37 -21.84 -27.79
N LEU B 115 -19.95 -20.60 -28.03
CA LEU B 115 -20.50 -19.76 -29.07
C LEU B 115 -19.58 -19.59 -30.27
N GLU B 116 -18.36 -19.15 -30.04
CA GLU B 116 -17.44 -18.89 -31.13
C GLU B 116 -16.78 -20.19 -31.57
N ARG B 117 -16.86 -20.49 -32.85
CA ARG B 117 -16.13 -21.61 -33.42
C ARG B 117 -14.71 -21.16 -33.73
N TYR B 118 -13.92 -22.05 -34.33
CA TYR B 118 -12.53 -21.70 -34.57
C TYR B 118 -12.38 -20.72 -35.72
N GLU B 119 -13.29 -20.76 -36.70
CA GLU B 119 -13.29 -19.72 -37.73
C GLU B 119 -13.70 -18.37 -37.14
N ASP B 120 -14.58 -18.41 -36.14
CA ASP B 120 -15.21 -17.21 -35.61
C ASP B 120 -14.20 -16.27 -34.99
N ARG B 121 -13.38 -16.81 -34.08
CA ARG B 121 -12.43 -16.00 -33.34
C ARG B 121 -11.42 -15.37 -34.26
N ILE B 122 -10.92 -16.15 -35.23
CA ILE B 122 -9.94 -15.68 -36.18
C ILE B 122 -10.52 -14.59 -37.07
N SER B 123 -11.75 -14.75 -37.53
CA SER B 123 -12.27 -13.76 -38.46
C SER B 123 -12.72 -12.49 -37.75
N ILE B 124 -13.11 -12.61 -36.48
CA ILE B 124 -13.36 -11.41 -35.69
C ILE B 124 -12.08 -10.63 -35.47
N VAL B 125 -10.98 -11.33 -35.18
CA VAL B 125 -9.66 -10.69 -35.09
C VAL B 125 -9.30 -10.05 -36.43
N ALA B 126 -9.70 -10.69 -37.53
CA ALA B 126 -9.40 -10.18 -38.86
C ALA B 126 -10.13 -8.87 -39.13
N LEU B 127 -11.42 -8.82 -38.82
CA LEU B 127 -12.13 -7.56 -38.99
C LEU B 127 -11.67 -6.49 -38.02
N PHE B 128 -11.14 -6.88 -36.86
CA PHE B 128 -10.59 -5.88 -35.96
C PHE B 128 -9.30 -5.29 -36.51
N PHE B 129 -8.47 -6.14 -37.13
CA PHE B 129 -7.26 -5.62 -37.75
C PHE B 129 -7.54 -4.94 -39.08
N ALA B 130 -8.73 -5.08 -39.62
CA ALA B 130 -9.03 -4.50 -40.92
C ALA B 130 -9.11 -2.98 -40.82
N ASN B 131 -10.09 -2.49 -40.06
CA ASN B 131 -10.43 -1.07 -39.94
C ASN B 131 -10.61 -0.42 -41.32
N GLY B 132 -11.39 -1.08 -42.17
CA GLY B 132 -11.82 -0.40 -43.37
C GLY B 132 -11.78 -1.17 -44.68
N ASP B 133 -10.78 -2.03 -44.90
CA ASP B 133 -10.65 -2.71 -46.17
C ASP B 133 -11.06 -4.16 -46.07
N THR B 134 -11.96 -4.57 -46.95
CA THR B 134 -12.44 -5.95 -46.94
C THR B 134 -11.36 -6.89 -47.43
N GLU B 135 -10.64 -6.50 -48.48
CA GLU B 135 -9.62 -7.36 -49.05
C GLU B 135 -8.43 -7.51 -48.13
N LYS B 136 -8.10 -6.48 -47.36
CA LYS B 136 -7.05 -6.61 -46.36
C LYS B 136 -7.47 -7.58 -45.26
N ALA B 137 -8.76 -7.58 -44.92
CA ALA B 137 -9.26 -8.55 -43.95
C ALA B 137 -9.17 -9.95 -44.49
N LYS B 138 -9.44 -10.12 -45.78
CA LYS B 138 -9.25 -11.42 -46.41
C LYS B 138 -7.78 -11.83 -46.42
N GLU B 139 -6.89 -10.85 -46.56
CA GLU B 139 -5.47 -11.12 -46.46
C GLU B 139 -5.07 -11.56 -45.07
N TYR B 140 -5.66 -10.93 -44.05
CA TYR B 140 -5.42 -11.38 -42.67
C TYR B 140 -5.96 -12.77 -42.43
N VAL B 141 -7.07 -13.11 -43.08
CA VAL B 141 -7.63 -14.47 -42.96
C VAL B 141 -6.68 -15.48 -43.59
N ASN B 142 -6.23 -15.20 -44.82
CA ASN B 142 -5.30 -16.09 -45.50
C ASN B 142 -3.96 -16.17 -44.79
N LEU B 143 -3.61 -15.13 -44.04
CA LEU B 143 -2.43 -15.20 -43.20
C LEU B 143 -2.66 -16.10 -42.00
N MET B 144 -3.76 -15.91 -41.29
CA MET B 144 -3.91 -16.61 -40.01
C MET B 144 -4.38 -18.04 -40.18
N ILE B 145 -5.23 -18.31 -41.18
CA ILE B 145 -5.85 -19.63 -41.22
C ILE B 145 -4.89 -20.67 -41.75
N ASN B 146 -3.80 -20.25 -42.38
CA ASN B 146 -2.72 -21.18 -42.71
C ASN B 146 -1.72 -21.31 -41.59
N GLN B 147 -2.04 -20.78 -40.41
CA GLN B 147 -1.19 -20.79 -39.21
C GLN B 147 0.17 -20.15 -39.48
N GLU B 148 0.18 -19.12 -40.31
CA GLU B 148 1.41 -18.45 -40.68
C GLU B 148 1.76 -17.32 -39.73
N TYR B 149 0.84 -16.90 -38.88
CA TYR B 149 1.08 -15.81 -37.95
C TYR B 149 0.18 -15.98 -36.74
N GLN B 150 0.71 -15.65 -35.58
CA GLN B 150 -0.04 -15.74 -34.34
C GLN B 150 0.10 -14.46 -33.55
N PRO B 151 -0.97 -13.72 -33.32
CA PRO B 151 -0.90 -12.58 -32.41
C PRO B 151 -0.76 -13.04 -30.97
N SER B 152 -0.43 -12.09 -30.11
CA SER B 152 -0.10 -12.37 -28.73
C SER B 152 -1.36 -12.71 -27.94
N THR B 153 -1.12 -13.17 -26.69
CA THR B 153 -2.19 -13.77 -25.89
C THR B 153 -3.34 -12.83 -25.56
N PRO B 154 -3.15 -11.64 -24.98
CA PRO B 154 -4.35 -10.85 -24.63
C PRO B 154 -5.02 -10.23 -25.83
N THR B 155 -4.29 -10.00 -26.92
CA THR B 155 -4.95 -9.53 -28.14
C THR B 155 -5.82 -10.62 -28.73
N PHE B 156 -5.33 -11.86 -28.70
CA PHE B 156 -6.09 -12.99 -29.19
C PHE B 156 -7.27 -13.29 -28.30
N LEU B 157 -7.19 -12.93 -27.02
CA LEU B 157 -8.33 -13.15 -26.14
C LEU B 157 -9.38 -12.06 -26.30
N ASN B 158 -8.99 -10.82 -26.02
CA ASN B 158 -9.96 -9.76 -25.74
C ASN B 158 -10.25 -8.87 -26.94
N ALA B 159 -10.30 -9.43 -28.14
CA ALA B 159 -10.72 -8.66 -29.30
C ALA B 159 -12.23 -8.58 -29.32
N GLY B 160 -12.77 -7.36 -29.24
CA GLY B 160 -14.20 -7.16 -29.39
C GLY B 160 -15.05 -7.71 -28.27
N ARG B 161 -14.62 -7.52 -27.03
CA ARG B 161 -15.31 -8.06 -25.86
C ARG B 161 -15.32 -6.99 -24.78
N LYS B 162 -15.48 -7.42 -23.53
CA LYS B 162 -15.41 -6.47 -22.41
C LYS B 162 -14.23 -6.77 -21.50
N GLU B 166 -5.92 -4.85 -19.87
CA GLU B 166 -6.66 -4.47 -21.06
C GLU B 166 -6.21 -5.31 -22.21
N LEU B 167 -5.19 -4.84 -22.94
CA LEU B 167 -4.82 -5.47 -24.21
C LEU B 167 -3.35 -5.77 -24.33
N VAL B 168 -2.52 -5.21 -23.46
CA VAL B 168 -1.07 -5.36 -23.54
C VAL B 168 -0.59 -5.91 -22.20
N SER B 169 0.20 -6.98 -22.25
CA SER B 169 0.56 -7.74 -21.05
C SER B 169 1.97 -7.46 -20.57
N CYS B 170 2.43 -6.21 -20.66
CA CYS B 170 3.81 -5.91 -20.35
C CYS B 170 3.95 -4.45 -19.95
N PHE B 171 4.27 -4.19 -18.69
CA PHE B 171 4.42 -2.83 -18.18
C PHE B 171 5.71 -2.70 -17.40
N LEU B 172 6.38 -1.56 -17.59
CA LEU B 172 7.68 -1.31 -16.99
C LEU B 172 7.68 0.09 -16.43
N LEU B 173 8.01 0.23 -15.15
CA LEU B 173 7.90 1.51 -14.46
C LEU B 173 9.21 1.85 -13.76
N GLU B 174 9.24 3.06 -13.20
CA GLU B 174 10.32 3.49 -12.35
C GLU B 174 9.76 4.17 -11.11
N VAL B 175 10.52 4.07 -10.02
CA VAL B 175 10.10 4.60 -8.73
C VAL B 175 11.10 5.66 -8.34
N ASN B 176 10.67 6.91 -8.36
CA ASN B 176 11.49 8.00 -7.85
C ASN B 176 11.51 7.92 -6.32
N ASP B 177 12.32 8.74 -5.67
CA ASP B 177 12.54 8.56 -4.24
C ASP B 177 11.77 9.63 -3.47
N SER B 178 10.52 9.31 -3.10
CA SER B 178 9.80 10.05 -2.07
C SER B 178 8.76 9.12 -1.47
N LEU B 179 8.13 9.61 -0.41
CA LEU B 179 6.92 8.95 0.09
C LEU B 179 5.81 8.99 -0.94
N ASN B 180 5.63 10.16 -1.56
CA ASN B 180 4.61 10.34 -2.59
C ASN B 180 4.84 9.42 -3.78
N ASP B 181 6.11 9.17 -4.10
CA ASP B 181 6.42 8.31 -5.23
C ASP B 181 6.04 6.87 -4.94
N ILE B 182 6.29 6.41 -3.70
CA ILE B 182 5.93 5.05 -3.34
C ILE B 182 4.43 4.88 -3.32
N SER B 183 3.71 5.92 -2.87
CA SER B 183 2.25 5.90 -2.95
C SER B 183 1.76 5.79 -4.38
N ARG B 184 2.34 6.60 -5.27
CA ARG B 184 1.95 6.57 -6.68
C ARG B 184 2.30 5.22 -7.31
N ALA B 185 3.39 4.61 -6.88
CA ALA B 185 3.81 3.32 -7.44
C ALA B 185 2.85 2.21 -7.03
N ILE B 186 2.47 2.15 -5.76
CA ILE B 186 1.53 1.14 -5.31
C ILE B 186 0.16 1.37 -5.93
N ASP B 187 -0.21 2.64 -6.13
CA ASP B 187 -1.45 2.98 -6.84
C ASP B 187 -1.46 2.44 -8.26
N ILE B 188 -0.38 2.69 -9.02
CA ILE B 188 -0.37 2.27 -10.40
C ILE B 188 -0.27 0.75 -10.52
N SER B 189 0.41 0.10 -9.56
CA SER B 189 0.46 -1.35 -9.58
C SER B 189 -0.89 -1.97 -9.31
N MET B 190 -1.66 -1.40 -8.38
CA MET B 190 -2.99 -1.93 -8.15
C MET B 190 -3.94 -1.57 -9.29
N GLN B 191 -3.69 -0.46 -9.99
CA GLN B 191 -4.50 -0.14 -11.17
C GLN B 191 -4.28 -1.15 -12.29
N LEU B 192 -3.03 -1.43 -12.60
CA LEU B 192 -2.76 -2.36 -13.69
C LEU B 192 -2.98 -3.81 -13.29
N SER B 193 -3.08 -4.08 -11.99
CA SER B 193 -3.24 -5.46 -11.54
C SER B 193 -4.57 -6.05 -11.96
N LYS B 194 -5.63 -5.23 -12.01
CA LYS B 194 -6.91 -5.75 -12.48
C LYS B 194 -6.97 -5.84 -13.99
N LEU B 195 -6.03 -5.21 -14.68
CA LEU B 195 -5.98 -5.33 -16.13
C LEU B 195 -5.21 -6.55 -16.58
N GLY B 196 -4.61 -7.29 -15.65
CA GLY B 196 -4.08 -8.61 -15.91
C GLY B 196 -2.71 -8.67 -16.55
N GLY B 197 -2.13 -7.53 -16.91
CA GLY B 197 -0.86 -7.53 -17.60
C GLY B 197 0.31 -7.84 -16.68
N GLY B 198 1.50 -7.87 -17.29
CA GLY B 198 2.72 -8.04 -16.55
C GLY B 198 3.32 -6.72 -16.11
N VAL B 199 3.50 -6.55 -14.80
CA VAL B 199 3.98 -5.29 -14.23
C VAL B 199 5.20 -5.59 -13.38
N SER B 200 6.32 -4.95 -13.71
CA SER B 200 7.53 -5.11 -12.93
C SER B 200 8.16 -3.76 -12.65
N LEU B 201 8.72 -3.61 -11.46
CA LEU B 201 9.26 -2.37 -10.97
C LEU B 201 10.78 -2.44 -10.90
N ASN B 202 11.37 -1.39 -10.34
CA ASN B 202 12.81 -1.25 -10.23
C ASN B 202 13.10 -0.28 -9.10
N LEU B 203 14.09 -0.62 -8.28
CA LEU B 203 14.36 0.09 -7.04
C LEU B 203 15.77 0.67 -7.04
N SER B 204 16.14 1.31 -8.15
CA SER B 204 17.50 1.82 -8.27
C SER B 204 17.74 3.02 -7.35
N LYS B 205 16.90 4.05 -7.49
CA LYS B 205 17.19 5.35 -6.91
C LYS B 205 16.71 5.49 -5.47
N LEU B 206 16.57 4.40 -4.74
CA LEU B 206 16.11 4.48 -3.35
C LEU B 206 17.29 4.47 -2.40
N ARG B 207 17.13 5.21 -1.29
CA ARG B 207 18.12 5.18 -0.24
C ARG B 207 18.04 3.86 0.53
N ALA B 208 19.15 3.48 1.15
CA ALA B 208 19.28 2.15 1.70
C ALA B 208 18.98 2.14 3.20
N LYS B 209 19.11 0.96 3.81
CA LYS B 209 18.68 0.75 5.18
C LYS B 209 19.62 1.42 6.17
N GLY B 210 19.06 1.95 7.25
CA GLY B 210 19.87 2.50 8.32
C GLY B 210 20.42 3.86 8.02
N GLU B 211 19.71 4.66 7.24
CA GLU B 211 20.20 5.93 6.76
C GLU B 211 19.30 7.06 7.24
N ALA B 212 19.79 8.28 7.04
CA ALA B 212 19.09 9.45 7.53
C ALA B 212 17.87 9.75 6.67
N ILE B 213 16.74 10.04 7.33
CA ILE B 213 15.62 10.57 6.59
C ILE B 213 15.48 12.04 6.98
N LYS B 214 16.26 12.89 6.31
CA LYS B 214 16.12 14.35 6.21
C LYS B 214 16.35 15.12 7.51
N ASP B 215 16.31 14.44 8.66
CA ASP B 215 16.59 15.07 9.94
C ASP B 215 17.42 14.22 10.89
N VAL B 216 17.30 12.90 10.85
CA VAL B 216 17.80 12.02 11.91
C VAL B 216 18.48 10.83 11.26
N GLU B 217 19.73 10.60 11.63
CA GLU B 217 20.50 9.47 11.11
C GLU B 217 19.90 8.15 11.57
N ASN B 218 20.13 7.10 10.76
CA ASN B 218 19.76 5.71 11.03
C ASN B 218 18.25 5.59 11.26
N ALA B 219 17.50 5.89 10.20
CA ALA B 219 16.06 5.95 10.28
C ALA B 219 15.35 5.15 9.20
N THR B 220 16.07 4.62 8.22
CA THR B 220 15.44 3.99 7.05
C THR B 220 15.35 2.49 7.24
N LYS B 221 14.14 1.95 7.10
CA LYS B 221 13.97 0.51 7.19
C LYS B 221 14.48 -0.20 5.95
N GLY B 222 14.63 0.49 4.83
CA GLY B 222 15.33 -0.06 3.70
C GLY B 222 14.44 -0.70 2.66
N VAL B 223 15.09 -1.49 1.82
CA VAL B 223 14.44 -2.03 0.62
C VAL B 223 13.47 -3.14 0.98
N VAL B 224 13.72 -3.83 2.10
CA VAL B 224 12.95 -5.01 2.47
C VAL B 224 11.51 -4.64 2.82
N GLY B 225 11.30 -3.47 3.41
CA GLY B 225 9.94 -3.04 3.72
C GLY B 225 9.14 -2.69 2.48
N VAL B 226 9.79 -2.10 1.49
CA VAL B 226 9.10 -1.78 0.25
C VAL B 226 8.77 -3.06 -0.51
N MET B 227 9.67 -4.04 -0.46
CA MET B 227 9.38 -5.35 -1.02
C MET B 227 8.22 -6.02 -0.29
N LYS B 228 8.16 -5.83 1.02
CA LYS B 228 7.07 -6.39 1.82
C LYS B 228 5.73 -5.77 1.44
N LEU B 229 5.72 -4.45 1.24
CA LEU B 229 4.49 -3.77 0.81
C LEU B 229 4.07 -4.22 -0.58
N LEU B 230 5.02 -4.39 -1.49
CA LEU B 230 4.64 -4.84 -2.83
C LEU B 230 4.16 -6.29 -2.82
N ASP B 231 4.76 -7.12 -1.97
CA ASP B 231 4.35 -8.51 -1.86
C ASP B 231 2.95 -8.63 -1.29
N ASN B 232 2.61 -7.76 -0.33
CA ASN B 232 1.23 -7.72 0.11
C ASN B 232 0.34 -7.10 -0.96
N ALA B 233 0.89 -6.21 -1.78
CA ALA B 233 0.08 -5.46 -2.72
C ALA B 233 -0.42 -6.33 -3.86
N PHE B 234 0.45 -7.17 -4.40
CA PHE B 234 -0.01 -8.01 -5.50
C PHE B 234 -0.88 -9.17 -5.02
N ARG B 235 -0.92 -9.46 -3.72
CA ARG B 235 -1.83 -10.49 -3.24
C ARG B 235 -3.28 -10.04 -3.23
N TYR B 236 -3.55 -8.77 -3.50
CA TYR B 236 -4.93 -8.31 -3.40
C TYR B 236 -5.68 -8.52 -4.70
N ALA B 237 -5.00 -8.46 -5.84
CA ALA B 237 -5.69 -8.60 -7.12
C ALA B 237 -5.09 -9.72 -7.95
N SER B 246 0.91 -10.40 -10.29
CA SER B 246 2.16 -11.05 -9.93
C SER B 246 3.26 -10.69 -10.90
N GLY B 247 4.23 -9.89 -10.45
CA GLY B 247 5.32 -9.43 -11.28
C GLY B 247 6.66 -9.70 -10.61
N ALA B 248 7.56 -8.73 -10.74
CA ALA B 248 8.92 -8.87 -10.22
C ALA B 248 9.52 -7.48 -10.05
N ALA B 249 10.80 -7.45 -9.68
CA ALA B 249 11.53 -6.20 -9.53
C ALA B 249 13.02 -6.46 -9.72
N TYR B 250 13.74 -5.45 -10.18
CA TYR B 250 15.16 -5.55 -10.47
C TYR B 250 15.94 -4.58 -9.59
N LEU B 251 17.26 -4.77 -9.60
CA LEU B 251 18.15 -3.97 -8.76
C LEU B 251 19.57 -4.02 -9.33
N ASN B 252 20.20 -2.85 -9.43
CA ASN B 252 21.62 -2.80 -9.76
C ASN B 252 22.44 -3.19 -8.54
N ILE B 253 23.58 -3.83 -8.80
CA ILE B 253 24.26 -4.57 -7.73
C ILE B 253 25.02 -3.67 -6.78
N PHE B 254 25.40 -2.47 -7.20
CA PHE B 254 26.24 -1.60 -6.38
C PHE B 254 25.37 -0.92 -5.32
N HIS B 255 25.14 -1.65 -4.24
CA HIS B 255 24.19 -1.26 -3.22
C HIS B 255 24.47 -2.12 -2.00
N ARG B 256 24.35 -1.55 -0.80
CA ARG B 256 24.75 -2.32 0.38
C ARG B 256 23.78 -3.45 0.67
N ASP B 257 22.49 -3.22 0.49
CA ASP B 257 21.50 -4.20 0.90
C ASP B 257 21.31 -5.33 -0.09
N ILE B 258 22.21 -5.47 -1.08
CA ILE B 258 22.09 -6.49 -2.11
C ILE B 258 22.08 -7.89 -1.53
N ASN B 259 22.82 -8.10 -0.42
CA ASN B 259 22.79 -9.37 0.28
C ASN B 259 21.41 -9.65 0.82
N ASP B 260 20.81 -8.65 1.48
CA ASP B 260 19.43 -8.78 1.91
C ASP B 260 18.46 -8.81 0.74
N PHE B 261 18.87 -8.28 -0.42
CA PHE B 261 18.06 -8.41 -1.61
C PHE B 261 18.09 -9.83 -2.14
N LEU B 262 19.12 -10.60 -1.80
CA LEU B 262 19.23 -11.97 -2.26
C LEU B 262 18.88 -12.98 -1.19
N ASP B 263 18.69 -12.56 0.06
CA ASP B 263 18.30 -13.48 1.10
C ASP B 263 16.79 -13.74 1.13
N THR B 264 16.04 -13.07 0.25
CA THR B 264 14.59 -13.27 0.21
C THR B 264 14.24 -14.63 -0.34
N LYS B 265 14.73 -14.95 -1.54
CA LYS B 265 14.57 -16.28 -2.08
C LYS B 265 15.46 -17.24 -1.31
N LYS B 266 14.90 -17.88 -0.29
CA LYS B 266 15.68 -18.74 0.59
C LYS B 266 14.84 -19.96 0.94
N ILE B 267 15.45 -21.13 0.88
CA ILE B 267 14.74 -22.35 1.24
C ILE B 267 14.48 -22.41 2.74
N SER B 268 15.35 -21.80 3.53
CA SER B 268 15.08 -21.60 4.95
C SER B 268 14.48 -20.21 5.15
N ALA B 269 13.26 -20.07 4.65
CA ALA B 269 12.63 -18.77 4.54
C ALA B 269 12.20 -18.23 5.90
N ASP B 270 12.54 -16.97 6.15
CA ASP B 270 12.05 -16.26 7.33
C ASP B 270 10.56 -15.96 7.15
N GLU B 271 9.89 -15.73 8.28
CA GLU B 271 8.47 -15.38 8.23
C GLU B 271 8.27 -13.99 7.63
N ASP B 272 9.05 -13.00 8.09
CA ASP B 272 8.95 -11.66 7.52
C ASP B 272 9.59 -11.61 6.14
N VAL B 273 10.79 -12.16 6.02
CA VAL B 273 11.52 -12.14 4.74
C VAL B 273 10.96 -13.32 3.95
N ARG B 274 9.87 -13.07 3.24
CA ARG B 274 9.14 -14.15 2.58
C ARG B 274 8.35 -13.53 1.43
N VAL B 275 8.81 -13.76 0.21
CA VAL B 275 8.16 -13.23 -0.98
C VAL B 275 7.81 -14.41 -1.87
N LYS B 276 6.54 -14.77 -1.91
CA LYS B 276 6.06 -15.82 -2.79
C LYS B 276 5.45 -15.26 -4.06
N THR B 277 5.55 -13.95 -4.27
CA THR B 277 4.90 -13.31 -5.42
C THR B 277 5.91 -12.72 -6.39
N LEU B 278 6.78 -11.83 -5.94
CA LEU B 278 7.67 -11.12 -6.82
C LEU B 278 8.94 -11.93 -7.05
N SER B 279 9.39 -11.97 -8.29
CA SER B 279 10.74 -12.42 -8.52
C SER B 279 11.71 -11.25 -8.36
N ILE B 280 12.99 -11.57 -8.34
CA ILE B 280 14.04 -10.58 -8.20
C ILE B 280 15.06 -10.78 -9.30
N GLY B 281 15.95 -9.81 -9.46
CA GLY B 281 16.95 -9.87 -10.51
C GLY B 281 18.04 -8.87 -10.30
N VAL B 282 19.20 -9.15 -10.90
CA VAL B 282 20.43 -8.43 -10.63
C VAL B 282 20.92 -7.78 -11.92
N VAL B 283 21.33 -6.52 -11.84
CA VAL B 283 21.96 -5.82 -12.95
C VAL B 283 23.45 -5.73 -12.68
N ILE B 284 24.26 -6.14 -13.66
CA ILE B 284 25.71 -6.24 -13.50
C ILE B 284 26.41 -5.60 -14.69
N PRO B 285 27.23 -4.56 -14.49
CA PRO B 285 28.09 -4.06 -15.57
C PRO B 285 29.45 -4.74 -15.61
N ASP B 286 30.34 -4.27 -16.51
CA ASP B 286 31.60 -4.98 -16.74
C ASP B 286 32.60 -4.78 -15.62
N LYS B 287 32.48 -3.70 -14.84
CA LYS B 287 33.48 -3.40 -13.82
C LYS B 287 33.46 -4.42 -12.69
N PHE B 288 32.26 -4.83 -12.28
CA PHE B 288 32.14 -5.86 -11.26
C PHE B 288 32.61 -7.21 -11.77
N VAL B 289 32.39 -7.49 -13.05
CA VAL B 289 32.91 -8.70 -13.68
C VAL B 289 34.43 -8.69 -13.66
N GLU B 290 35.02 -7.53 -13.94
CA GLU B 290 36.47 -7.38 -13.92
C GLU B 290 37.03 -7.58 -12.52
N LEU B 291 36.38 -6.99 -11.51
CA LEU B 291 36.85 -7.12 -10.13
C LEU B 291 36.69 -8.55 -9.62
N ALA B 292 35.65 -9.25 -10.08
CA ALA B 292 35.50 -10.65 -9.68
C ALA B 292 36.52 -11.54 -10.38
N ARG B 293 36.92 -11.19 -11.61
CA ARG B 293 37.96 -11.95 -12.29
C ARG B 293 39.30 -11.76 -11.62
N GLU B 294 39.71 -10.51 -11.42
CA GLU B 294 41.08 -10.22 -10.99
C GLU B 294 41.29 -10.40 -9.50
N ASP B 295 40.25 -10.83 -8.76
CA ASP B 295 40.33 -11.20 -7.34
C ASP B 295 40.81 -10.05 -6.47
N LYS B 296 40.02 -8.98 -6.46
CA LYS B 296 40.29 -7.84 -5.60
C LYS B 296 39.07 -7.51 -4.75
N ALA B 297 39.07 -6.35 -4.11
CA ALA B 297 37.94 -5.94 -3.29
C ALA B 297 36.82 -5.38 -4.16
N ALA B 298 35.69 -5.07 -3.51
CA ALA B 298 34.59 -4.39 -4.17
C ALA B 298 33.99 -3.40 -3.18
N TYR B 299 33.32 -2.37 -3.70
CA TYR B 299 32.75 -1.32 -2.87
C TYR B 299 31.33 -1.02 -3.29
N VAL B 300 30.37 -1.44 -2.48
CA VAL B 300 28.99 -1.00 -2.63
C VAL B 300 28.80 0.30 -1.86
N PHE B 301 27.76 1.04 -2.23
CA PHE B 301 27.67 2.45 -1.88
C PHE B 301 26.40 2.75 -1.11
N TYR B 302 26.30 4.01 -0.67
CA TYR B 302 25.04 4.57 -0.21
C TYR B 302 24.61 5.61 -1.22
N PRO B 303 23.61 5.32 -2.05
CA PRO B 303 23.37 6.16 -3.24
C PRO B 303 22.81 7.52 -2.92
N HIS B 304 22.21 7.70 -1.75
CA HIS B 304 21.68 8.99 -1.38
C HIS B 304 22.81 9.99 -1.12
N THR B 305 23.95 9.51 -0.65
CA THR B 305 25.12 10.35 -0.52
C THR B 305 25.61 10.81 -1.88
N ILE B 306 25.53 9.92 -2.88
CA ILE B 306 25.89 10.27 -4.24
C ILE B 306 24.91 11.31 -4.79
N TYR B 307 23.63 11.16 -4.46
CA TYR B 307 22.63 12.14 -4.89
C TYR B 307 22.86 13.49 -4.23
N LYS B 308 23.33 13.50 -2.99
CA LYS B 308 23.66 14.76 -2.35
C LYS B 308 24.95 15.34 -2.91
N GLU B 309 25.85 14.49 -3.37
CA GLU B 309 27.16 14.98 -3.81
C GLU B 309 27.11 15.50 -5.24
N TYR B 310 26.68 14.67 -6.17
CA TYR B 310 26.75 15.01 -7.58
C TYR B 310 25.42 15.51 -8.15
N GLY B 311 24.33 15.38 -7.40
CA GLY B 311 23.03 15.81 -7.86
C GLY B 311 22.27 14.79 -8.67
N GLN B 312 22.97 13.95 -9.43
CA GLN B 312 22.33 12.93 -10.24
C GLN B 312 22.09 11.68 -9.39
N HIS B 313 21.69 10.60 -10.03
CA HIS B 313 21.53 9.32 -9.36
C HIS B 313 22.65 8.37 -9.78
N MET B 314 22.64 7.19 -9.16
CA MET B 314 23.83 6.35 -9.15
C MET B 314 24.06 5.70 -10.51
N ASP B 315 23.13 4.89 -10.97
CA ASP B 315 23.33 4.14 -12.21
C ASP B 315 23.05 4.96 -13.46
N GLU B 316 22.98 6.29 -13.35
CA GLU B 316 22.90 7.15 -14.50
C GLU B 316 24.27 7.57 -15.01
N MET B 317 25.34 7.03 -14.43
CA MET B 317 26.70 7.29 -14.87
C MET B 317 27.44 5.97 -15.01
N ASP B 318 28.56 6.01 -15.73
CA ASP B 318 29.33 4.80 -15.98
C ASP B 318 30.08 4.38 -14.73
N MET B 319 29.96 3.09 -14.40
CA MET B 319 30.75 2.53 -13.31
C MET B 319 32.22 2.46 -13.69
N ASN B 320 32.51 2.17 -14.96
CA ASN B 320 33.89 2.08 -15.43
C ASN B 320 34.59 3.42 -15.40
N GLU B 321 33.84 4.52 -15.52
CA GLU B 321 34.41 5.85 -15.49
C GLU B 321 34.47 6.43 -14.09
N MET B 322 33.61 6.00 -13.19
CA MET B 322 33.43 6.69 -11.94
C MET B 322 33.68 5.86 -10.70
N TYR B 323 33.99 4.56 -10.84
CA TYR B 323 34.07 3.68 -9.68
C TYR B 323 35.20 4.07 -8.75
N ASP B 324 36.42 4.18 -9.30
CA ASP B 324 37.55 4.59 -8.50
C ASP B 324 37.45 6.06 -8.08
N LYS B 325 36.68 6.87 -8.80
CA LYS B 325 36.47 8.24 -8.37
C LYS B 325 35.57 8.30 -7.15
N PHE B 326 34.56 7.42 -7.09
CA PHE B 326 33.78 7.29 -5.86
C PHE B 326 34.60 6.68 -4.75
N VAL B 327 35.56 5.81 -5.09
CA VAL B 327 36.48 5.30 -4.08
C VAL B 327 37.34 6.44 -3.53
N ASP B 328 37.75 7.35 -4.39
CA ASP B 328 38.60 8.46 -3.98
C ASP B 328 37.85 9.55 -3.23
N ASN B 329 36.54 9.57 -3.30
CA ASN B 329 35.80 10.62 -2.62
C ASN B 329 35.64 10.28 -1.14
N PRO B 330 36.03 11.17 -0.23
CA PRO B 330 35.71 10.95 1.18
C PRO B 330 34.24 11.15 1.51
N ARG B 331 33.49 11.79 0.63
CA ARG B 331 32.08 12.07 0.90
C ARG B 331 31.23 10.81 0.82
N VAL B 332 31.48 9.97 -0.18
CA VAL B 332 30.65 8.79 -0.41
C VAL B 332 31.07 7.72 0.59
N LYS B 333 30.16 7.37 1.49
CA LYS B 333 30.42 6.27 2.40
C LYS B 333 30.30 4.95 1.64
N LYS B 334 31.25 4.05 1.89
CA LYS B 334 31.41 2.86 1.06
C LYS B 334 31.35 1.62 1.94
N GLU B 335 31.40 0.47 1.27
CA GLU B 335 31.50 -0.80 1.98
C GLU B 335 32.25 -1.80 1.11
N LYS B 336 33.26 -2.42 1.70
CA LYS B 336 34.12 -3.37 1.00
C LYS B 336 33.59 -4.77 1.15
N ILE B 337 33.51 -5.50 0.03
CA ILE B 337 32.99 -6.86 -0.03
C ILE B 337 33.82 -7.68 -1.00
N ASN B 338 33.52 -8.98 -1.05
CA ASN B 338 34.19 -9.93 -1.92
C ASN B 338 33.31 -10.22 -3.12
N PRO B 339 33.78 -9.92 -4.34
CA PRO B 339 32.97 -10.27 -5.52
C PRO B 339 32.96 -11.77 -5.82
N ARG B 340 34.07 -12.46 -5.57
CA ARG B 340 34.16 -13.87 -5.95
C ARG B 340 33.25 -14.73 -5.08
N LYS B 341 33.23 -14.48 -3.77
CA LYS B 341 32.28 -15.15 -2.89
C LYS B 341 30.85 -14.77 -3.22
N LEU B 342 30.64 -13.58 -3.78
CA LEU B 342 29.29 -13.18 -4.15
C LEU B 342 28.80 -13.94 -5.38
N LEU B 343 29.67 -14.15 -6.37
CA LEU B 343 29.28 -15.01 -7.50
C LEU B 343 29.12 -16.45 -7.07
N GLU B 344 29.90 -16.89 -6.08
CA GLU B 344 29.69 -18.22 -5.50
C GLU B 344 28.32 -18.32 -4.85
N LYS B 345 27.90 -17.27 -4.14
CA LYS B 345 26.59 -17.26 -3.51
C LYS B 345 25.48 -17.21 -4.56
N LEU B 346 25.71 -16.49 -5.65
CA LEU B 346 24.76 -16.48 -6.77
C LEU B 346 24.62 -17.87 -7.38
N ALA B 347 25.74 -18.57 -7.54
CA ALA B 347 25.69 -19.93 -8.06
C ALA B 347 24.96 -20.86 -7.12
N MET B 348 25.13 -20.66 -5.81
CA MET B 348 24.43 -21.48 -4.83
C MET B 348 22.93 -21.22 -4.86
N LEU B 349 22.53 -19.95 -4.94
CA LEU B 349 21.10 -19.63 -4.95
C LEU B 349 20.45 -20.05 -6.25
N ARG B 350 21.19 -20.01 -7.37
CA ARG B 350 20.63 -20.55 -8.59
C ARG B 350 20.60 -22.07 -8.58
N SER B 351 21.51 -22.69 -7.82
CA SER B 351 21.43 -24.13 -7.62
C SER B 351 20.24 -24.50 -6.75
N GLU B 352 19.80 -23.60 -5.89
CA GLU B 352 18.59 -23.84 -5.11
C GLU B 352 17.36 -23.88 -6.02
N SER B 353 17.07 -22.76 -6.68
CA SER B 353 15.99 -22.73 -7.65
C SER B 353 16.49 -22.37 -9.05
N GLY B 354 17.19 -21.26 -9.20
CA GLY B 354 17.46 -20.69 -10.51
C GLY B 354 17.25 -19.19 -10.45
N TYR B 355 16.56 -18.76 -9.40
CA TYR B 355 16.45 -17.34 -9.08
C TYR B 355 17.81 -16.79 -8.68
N PRO B 356 18.06 -15.49 -8.93
CA PRO B 356 17.27 -14.45 -9.57
C PRO B 356 17.50 -14.35 -11.07
N TYR B 357 17.10 -13.22 -11.63
CA TYR B 357 17.38 -12.92 -13.02
C TYR B 357 18.66 -12.13 -13.16
N ILE B 358 19.22 -12.15 -14.36
CA ILE B 358 20.54 -11.57 -14.64
C ILE B 358 20.47 -10.78 -15.94
N MET B 359 20.90 -9.53 -15.89
CA MET B 359 21.05 -8.69 -17.07
C MET B 359 22.46 -8.10 -17.11
N PHE B 360 23.11 -8.23 -18.26
CA PHE B 360 24.44 -7.67 -18.50
C PHE B 360 24.29 -6.44 -19.39
N GLN B 361 24.19 -5.27 -18.75
CA GLN B 361 23.78 -4.05 -19.43
C GLN B 361 24.81 -3.53 -20.43
N ASP B 362 26.08 -3.87 -20.24
CA ASP B 362 27.10 -3.32 -21.13
C ASP B 362 27.09 -4.02 -22.47
N ASN B 363 26.69 -5.29 -22.49
CA ASN B 363 26.44 -5.94 -23.76
C ASN B 363 25.25 -5.31 -24.47
N VAL B 364 24.29 -4.79 -23.71
CA VAL B 364 23.07 -4.25 -24.28
C VAL B 364 23.31 -2.86 -24.85
N ASN B 365 23.90 -1.98 -24.06
CA ASN B 365 24.02 -0.59 -24.45
C ASN B 365 25.02 -0.40 -25.57
N LYS B 366 26.04 -1.24 -25.65
CA LYS B 366 27.03 -1.10 -26.70
C LYS B 366 26.51 -1.52 -28.07
N VAL B 367 25.36 -2.17 -28.12
CA VAL B 367 24.70 -2.46 -29.40
C VAL B 367 23.38 -1.70 -29.53
N HIS B 368 22.92 -1.05 -28.46
CA HIS B 368 21.66 -0.33 -28.50
C HIS B 368 21.73 0.88 -29.42
N ALA B 369 20.67 1.06 -30.21
CA ALA B 369 20.58 2.23 -31.07
C ALA B 369 20.27 3.49 -30.28
N ASN B 370 19.25 3.45 -29.41
CA ASN B 370 18.76 4.67 -28.79
C ASN B 370 19.40 4.94 -27.44
N ASN B 371 20.72 4.95 -27.36
CA ASN B 371 21.35 5.31 -26.10
C ASN B 371 21.43 6.80 -25.88
N HIS B 372 21.01 7.61 -26.85
CA HIS B 372 21.09 9.06 -26.69
C HIS B 372 20.01 9.58 -25.76
N ILE B 373 18.91 8.84 -25.59
CA ILE B 373 17.90 9.24 -24.62
C ILE B 373 18.34 8.84 -23.22
N SER B 374 18.56 7.55 -23.01
CA SER B 374 19.09 7.03 -21.76
C SER B 374 19.70 5.66 -22.07
N LYS B 375 20.22 5.02 -21.04
CA LYS B 375 20.68 3.64 -21.16
C LYS B 375 19.73 2.72 -20.43
N VAL B 376 19.61 1.50 -20.95
CA VAL B 376 18.66 0.54 -20.39
C VAL B 376 19.19 0.06 -19.05
N LYS B 377 18.31 0.02 -18.05
CA LYS B 377 18.72 -0.26 -16.69
C LYS B 377 18.11 -1.53 -16.12
N PHE B 378 17.17 -2.14 -16.81
CA PHE B 378 16.28 -3.16 -16.22
C PHE B 378 15.50 -3.81 -17.36
N SER B 379 14.57 -4.69 -16.99
CA SER B 379 13.73 -5.35 -17.97
C SER B 379 12.40 -5.70 -17.32
N ASN B 380 11.52 -6.29 -18.13
CA ASN B 380 10.17 -6.65 -17.70
C ASN B 380 10.17 -7.98 -16.96
N LEU B 381 8.98 -8.51 -16.72
CA LEU B 381 8.86 -9.86 -16.17
C LEU B 381 9.33 -10.90 -17.17
N CYS B 382 8.98 -10.73 -18.44
CA CYS B 382 9.33 -11.68 -19.48
C CYS B 382 10.80 -11.59 -19.90
N SER B 383 11.58 -10.71 -19.28
CA SER B 383 13.04 -10.63 -19.42
C SER B 383 13.47 -10.40 -20.86
N GLU B 384 12.72 -9.59 -21.56
CA GLU B 384 13.00 -9.43 -22.98
C GLU B 384 13.13 -7.99 -23.44
N VAL B 385 12.32 -7.08 -22.92
CA VAL B 385 12.19 -5.75 -23.52
C VAL B 385 13.20 -4.82 -22.84
N LEU B 386 14.05 -4.20 -23.64
CA LEU B 386 15.15 -3.39 -23.14
C LEU B 386 15.11 -2.05 -23.86
N GLN B 387 14.37 -1.11 -23.31
CA GLN B 387 14.18 0.18 -23.97
C GLN B 387 14.54 1.28 -22.98
N ALA B 388 14.46 2.52 -23.45
CA ALA B 388 14.78 3.65 -22.59
C ALA B 388 13.69 3.86 -21.55
N SER B 389 14.03 4.58 -20.49
CA SER B 389 13.08 4.78 -19.39
C SER B 389 13.50 6.01 -18.60
N GLN B 390 12.65 7.03 -18.61
CA GLN B 390 12.90 8.23 -17.81
C GLN B 390 11.97 8.25 -16.62
N VAL B 391 12.53 8.50 -15.43
CA VAL B 391 11.74 8.48 -14.23
C VAL B 391 10.93 9.76 -14.11
N SER B 392 9.72 9.65 -13.56
CA SER B 392 8.89 10.79 -13.26
C SER B 392 9.21 11.34 -11.88
N SER B 393 8.46 12.34 -11.45
CA SER B 393 8.59 12.92 -10.11
C SER B 393 7.21 13.34 -9.65
N TYR B 394 6.65 12.59 -8.70
CA TYR B 394 5.28 12.79 -8.27
C TYR B 394 5.29 13.66 -7.01
N THR B 395 4.91 14.91 -7.18
CA THR B 395 4.92 15.90 -6.12
C THR B 395 3.67 15.80 -5.25
N ASP B 396 3.39 16.85 -4.49
CA ASP B 396 2.28 16.85 -3.56
C ASP B 396 0.95 17.07 -4.30
N TYR B 397 -0.12 17.33 -3.54
CA TYR B 397 -1.47 17.24 -4.09
C TYR B 397 -1.76 18.40 -5.04
N ASP B 398 -1.75 19.62 -4.52
CA ASP B 398 -1.94 20.77 -5.40
C ASP B 398 -0.74 21.02 -6.30
N GLU B 399 0.43 20.47 -5.94
CA GLU B 399 1.62 20.62 -6.74
C GLU B 399 1.51 19.77 -8.01
N GLU B 400 1.92 20.33 -9.13
CA GLU B 400 1.93 19.59 -10.37
C GLU B 400 3.11 18.65 -10.42
N ASP B 401 3.00 17.62 -11.25
CA ASP B 401 4.05 16.62 -11.36
C ASP B 401 4.83 16.82 -12.65
N GLU B 402 5.88 16.02 -12.81
CA GLU B 402 6.68 15.98 -14.02
C GLU B 402 6.67 14.56 -14.55
N ILE B 403 6.39 14.40 -15.83
CA ILE B 403 6.10 13.11 -16.43
C ILE B 403 7.36 12.58 -17.11
N GLY B 404 7.77 11.38 -16.72
CA GLY B 404 8.90 10.73 -17.37
C GLY B 404 8.50 9.89 -18.57
N LEU B 405 9.16 8.74 -18.76
CA LEU B 405 8.84 7.84 -19.86
C LEU B 405 8.77 6.41 -19.33
N ASP B 406 7.88 5.62 -19.90
CA ASP B 406 7.69 4.24 -19.50
C ASP B 406 7.77 3.30 -20.70
N ILE B 407 7.64 2.01 -20.45
CA ILE B 407 7.78 0.99 -21.47
C ILE B 407 6.57 0.08 -21.40
N SER B 408 5.88 -0.08 -22.53
CA SER B 408 4.71 -0.95 -22.64
C SER B 408 4.77 -1.64 -23.99
N CYS B 409 5.00 -2.94 -23.99
CA CYS B 409 5.30 -3.66 -25.22
C CYS B 409 4.26 -4.74 -25.48
N ASN B 410 3.45 -4.54 -26.52
CA ASN B 410 2.61 -5.61 -27.03
C ASN B 410 3.44 -6.54 -27.91
N LEU B 411 2.96 -7.78 -28.02
CA LEU B 411 3.82 -8.85 -28.49
C LEU B 411 3.24 -9.49 -29.73
N GLY B 412 3.85 -10.60 -30.14
CA GLY B 412 3.38 -11.38 -31.27
C GLY B 412 4.50 -12.10 -31.99
N SER B 413 4.30 -13.39 -32.29
CA SER B 413 5.32 -14.17 -32.98
C SER B 413 4.75 -14.83 -34.22
N LEU B 414 5.50 -15.74 -34.82
CA LEU B 414 5.05 -16.38 -36.04
C LEU B 414 5.67 -17.77 -36.15
N ASN B 415 5.05 -18.60 -36.97
CA ASN B 415 5.59 -19.91 -37.31
C ASN B 415 6.69 -19.75 -38.35
N ILE B 416 7.78 -20.50 -38.15
CA ILE B 416 8.80 -20.55 -39.18
C ILE B 416 8.37 -21.50 -40.29
N LEU B 417 7.63 -22.55 -39.94
CA LEU B 417 7.40 -23.68 -40.83
C LEU B 417 6.57 -23.29 -42.05
N ASN B 418 5.42 -22.66 -41.83
CA ASN B 418 4.54 -22.32 -42.94
C ASN B 418 5.13 -21.23 -43.81
N VAL B 419 5.93 -20.36 -43.20
CA VAL B 419 6.72 -19.38 -43.96
C VAL B 419 7.65 -20.09 -44.92
N MET B 420 8.32 -21.14 -44.44
CA MET B 420 9.17 -21.94 -45.32
C MET B 420 8.35 -22.70 -46.34
N GLU B 421 7.10 -23.01 -46.03
CA GLU B 421 6.25 -23.71 -46.98
C GLU B 421 5.79 -22.80 -48.11
N HIS B 422 5.53 -21.53 -47.80
CA HIS B 422 4.86 -20.67 -48.76
C HIS B 422 5.72 -19.55 -49.31
N LYS B 423 6.88 -19.26 -48.70
CA LYS B 423 7.85 -18.24 -49.13
C LYS B 423 7.24 -16.84 -49.20
N SER B 424 6.20 -16.56 -48.41
CA SER B 424 5.54 -15.26 -48.41
C SER B 424 5.97 -14.44 -47.20
N ILE B 425 7.25 -14.57 -46.84
CA ILE B 425 7.80 -13.99 -45.63
C ILE B 425 7.71 -12.47 -45.63
N GLU B 426 7.92 -11.86 -46.80
CA GLU B 426 7.84 -10.41 -46.92
C GLU B 426 6.45 -9.90 -46.63
N LYS B 427 5.45 -10.43 -47.34
CA LYS B 427 4.05 -10.06 -47.17
C LYS B 427 3.55 -10.38 -45.77
N THR B 428 4.10 -11.44 -45.16
CA THR B 428 3.82 -11.77 -43.78
C THR B 428 4.23 -10.64 -42.84
N VAL B 429 5.46 -10.16 -43.00
CA VAL B 429 5.93 -9.05 -42.17
C VAL B 429 5.15 -7.76 -42.48
N LYS B 430 4.80 -7.56 -43.76
CA LYS B 430 3.98 -6.42 -44.19
C LYS B 430 2.66 -6.36 -43.43
N LEU B 431 2.01 -7.51 -43.29
CA LEU B 431 0.73 -7.53 -42.60
C LEU B 431 0.89 -7.43 -41.09
N ALA B 432 1.86 -8.15 -40.52
CA ALA B 432 1.98 -8.20 -39.06
C ALA B 432 2.40 -6.87 -38.49
N THR B 433 3.19 -6.12 -39.25
CA THR B 433 3.61 -4.79 -38.82
C THR B 433 2.42 -3.85 -38.70
N ASP B 434 1.56 -3.84 -39.71
CA ASP B 434 0.35 -3.02 -39.67
C ASP B 434 -0.59 -3.48 -38.57
N SER B 435 -0.62 -4.78 -38.31
CA SER B 435 -1.48 -5.31 -37.25
C SER B 435 -1.07 -4.76 -35.89
N LEU B 436 0.20 -4.93 -35.53
CA LEU B 436 0.64 -4.43 -34.23
C LEU B 436 0.65 -2.91 -34.18
N THR B 437 0.78 -2.26 -35.34
CA THR B 437 0.66 -0.82 -35.41
C THR B 437 -0.74 -0.37 -35.02
N HIS B 438 -1.76 -1.03 -35.58
CA HIS B 438 -3.14 -0.68 -35.24
C HIS B 438 -3.47 -1.03 -33.80
N VAL B 439 -2.83 -2.08 -33.26
CA VAL B 439 -3.03 -2.41 -31.85
C VAL B 439 -2.50 -1.29 -30.96
N SER B 440 -1.27 -0.83 -31.24
CA SER B 440 -0.73 0.27 -30.46
C SER B 440 -1.44 1.58 -30.72
N GLU B 441 -2.10 1.72 -31.87
CA GLU B 441 -3.03 2.84 -32.06
C GLU B 441 -4.19 2.75 -31.08
N THR B 442 -4.74 1.54 -30.93
CA THR B 442 -6.00 1.38 -30.22
C THR B 442 -5.83 1.55 -28.71
N THR B 443 -4.64 1.31 -28.19
CA THR B 443 -4.43 1.17 -26.76
C THR B 443 -4.57 2.51 -26.05
N ASP B 444 -5.26 2.52 -24.91
CA ASP B 444 -5.29 3.68 -24.04
C ASP B 444 -5.51 3.22 -22.61
N ILE B 445 -4.74 3.78 -21.69
CA ILE B 445 -4.89 3.58 -20.27
C ILE B 445 -5.14 4.94 -19.64
N ARG B 446 -6.09 4.99 -18.70
CA ARG B 446 -6.52 6.26 -18.13
C ARG B 446 -6.24 6.34 -16.64
N ASN B 447 -5.16 5.72 -16.18
CA ASN B 447 -4.74 5.88 -14.79
C ASN B 447 -3.25 6.08 -14.59
N ALA B 448 -2.40 5.79 -15.56
CA ALA B 448 -0.97 6.00 -15.42
C ALA B 448 -0.51 6.92 -16.54
N PRO B 449 -0.29 8.21 -16.25
CA PRO B 449 -0.09 9.16 -17.34
C PRO B 449 1.22 9.02 -18.09
N ALA B 450 2.26 8.48 -17.44
CA ALA B 450 3.53 8.36 -18.12
C ALA B 450 3.51 7.22 -19.13
N VAL B 451 2.80 6.15 -18.82
CA VAL B 451 2.57 5.08 -19.78
C VAL B 451 1.79 5.61 -20.97
N ARG B 452 0.83 6.50 -20.70
CA ARG B 452 0.05 7.15 -21.75
C ARG B 452 0.94 7.95 -22.68
N ARG B 453 1.79 8.80 -22.10
CA ARG B 453 2.65 9.68 -22.89
C ARG B 453 3.67 8.88 -23.69
N ALA B 454 4.24 7.84 -23.09
CA ALA B 454 5.24 7.05 -23.79
C ALA B 454 4.62 6.20 -24.90
N ASN B 455 3.44 5.64 -24.65
CA ASN B 455 2.80 4.81 -25.66
C ASN B 455 2.32 5.66 -26.81
N LYS B 456 1.96 6.91 -26.56
CA LYS B 456 1.76 7.80 -27.70
C LYS B 456 3.08 8.13 -28.37
N ALA B 457 4.16 8.24 -27.61
CA ALA B 457 5.40 8.78 -28.15
C ALA B 457 6.22 7.74 -28.88
N MET B 458 6.64 6.68 -28.17
CA MET B 458 7.70 5.83 -28.68
C MET B 458 7.24 4.89 -29.78
N LYS B 459 5.99 4.41 -29.69
CA LYS B 459 5.37 3.52 -30.69
C LYS B 459 6.17 2.24 -30.90
N SER B 460 6.41 1.53 -29.81
CA SER B 460 7.24 0.34 -29.85
C SER B 460 6.41 -0.89 -30.09
N ILE B 461 6.73 -1.64 -31.14
CA ILE B 461 6.06 -2.89 -31.45
C ILE B 461 7.06 -4.03 -31.22
N GLY B 462 6.52 -5.22 -31.04
CA GLY B 462 7.36 -6.37 -30.78
C GLY B 462 6.99 -7.60 -31.58
N LEU B 463 7.91 -8.07 -32.42
CA LEU B 463 7.66 -9.19 -33.29
C LEU B 463 8.70 -10.27 -33.05
N GLY B 464 8.27 -11.53 -33.05
CA GLY B 464 9.17 -12.64 -32.89
C GLY B 464 8.81 -13.87 -33.69
N ALA B 465 9.26 -15.03 -33.24
CA ALA B 465 8.98 -16.27 -33.93
C ALA B 465 9.13 -17.44 -32.98
N MET B 466 8.29 -18.44 -33.16
CA MET B 466 8.44 -19.74 -32.55
C MET B 466 8.81 -20.75 -33.62
N ASN B 467 8.86 -22.03 -33.23
CA ASN B 467 9.08 -23.18 -34.11
C ASN B 467 10.44 -23.12 -34.80
N LEU B 468 11.49 -23.14 -33.99
CA LEU B 468 12.84 -23.30 -34.50
C LEU B 468 13.31 -24.74 -34.44
N HIS B 469 13.11 -25.37 -33.29
CA HIS B 469 13.63 -26.71 -33.04
C HIS B 469 12.94 -27.73 -33.93
N GLY B 470 11.62 -27.63 -34.05
CA GLY B 470 10.86 -28.70 -34.67
C GLY B 470 11.03 -28.77 -36.18
N TYR B 471 11.05 -27.62 -36.84
CA TYR B 471 11.18 -27.58 -38.29
C TYR B 471 12.53 -28.11 -38.74
N LEU B 472 13.60 -27.61 -38.14
CA LEU B 472 14.93 -28.04 -38.50
C LEU B 472 15.23 -29.44 -38.00
N ALA B 473 14.52 -29.90 -36.96
CA ALA B 473 14.66 -31.30 -36.56
C ALA B 473 13.90 -32.22 -37.50
N GLN B 474 12.77 -31.76 -38.03
CA GLN B 474 11.97 -32.57 -38.93
C GLN B 474 12.62 -32.67 -40.30
N ASN B 475 13.38 -31.62 -40.69
CA ASN B 475 14.07 -31.68 -41.96
C ASN B 475 15.30 -32.57 -41.91
N GLY B 476 15.77 -32.94 -40.72
CA GLY B 476 16.90 -33.83 -40.61
C GLY B 476 18.21 -33.12 -40.43
N ILE B 477 18.22 -32.06 -39.62
CA ILE B 477 19.43 -31.33 -39.29
C ILE B 477 19.53 -31.24 -37.78
N ALA B 478 20.69 -31.61 -37.25
CA ALA B 478 20.91 -31.64 -35.81
C ALA B 478 20.86 -30.24 -35.22
N TYR B 479 20.52 -30.19 -33.93
CA TYR B 479 20.35 -28.90 -33.25
C TYR B 479 21.69 -28.24 -32.98
N GLU B 480 22.75 -29.02 -32.81
CA GLU B 480 24.06 -28.48 -32.51
C GLU B 480 24.91 -28.28 -33.77
N SER B 481 24.30 -28.34 -34.95
CA SER B 481 25.05 -28.22 -36.18
C SER B 481 25.41 -26.76 -36.47
N PRO B 482 26.55 -26.52 -37.11
CA PRO B 482 26.86 -25.16 -37.57
C PRO B 482 25.97 -24.72 -38.71
N GLU B 483 25.43 -25.68 -39.47
CA GLU B 483 24.56 -25.39 -40.59
C GLU B 483 23.28 -24.70 -40.13
N ALA B 484 22.76 -25.11 -38.98
CA ALA B 484 21.60 -24.45 -38.39
C ALA B 484 21.93 -23.03 -37.95
N ARG B 485 23.17 -22.80 -37.50
CA ARG B 485 23.57 -21.46 -37.11
C ARG B 485 23.66 -20.53 -38.32
N ASP B 486 24.24 -21.02 -39.42
CA ASP B 486 24.28 -20.23 -40.65
C ASP B 486 22.88 -20.00 -41.21
N PHE B 487 22.01 -21.02 -41.09
CA PHE B 487 20.63 -20.94 -41.53
C PHE B 487 19.88 -19.85 -40.78
N ALA B 488 19.99 -19.87 -39.45
CA ALA B 488 19.32 -18.88 -38.62
C ALA B 488 19.90 -17.49 -38.86
N ASN B 489 21.21 -17.40 -39.13
CA ASN B 489 21.84 -16.13 -39.44
C ASN B 489 21.23 -15.52 -40.69
N THR B 490 21.17 -16.29 -41.78
CA THR B 490 20.62 -15.80 -43.03
C THR B 490 19.13 -15.48 -42.89
N PHE B 491 18.41 -16.32 -42.16
CA PHE B 491 16.97 -16.16 -41.99
C PHE B 491 16.64 -14.88 -41.24
N PHE B 492 17.23 -14.71 -40.05
CA PHE B 492 16.96 -13.52 -39.25
C PHE B 492 17.55 -12.26 -39.87
N MET B 493 18.61 -12.39 -40.68
CA MET B 493 19.10 -11.28 -41.47
C MET B 493 18.02 -10.79 -42.43
N MET B 494 17.41 -11.71 -43.17
CA MET B 494 16.36 -11.31 -44.11
C MET B 494 15.12 -10.81 -43.39
N VAL B 495 14.83 -11.38 -42.21
CA VAL B 495 13.72 -10.92 -41.38
C VAL B 495 13.89 -9.47 -40.99
N ASN B 496 15.06 -9.14 -40.45
CA ASN B 496 15.33 -7.76 -40.03
C ASN B 496 15.38 -6.83 -41.23
N PHE B 497 15.84 -7.34 -42.38
CA PHE B 497 15.87 -6.55 -43.61
C PHE B 497 14.48 -6.11 -44.03
N TYR B 498 13.56 -7.08 -44.17
CA TYR B 498 12.21 -6.72 -44.57
C TYR B 498 11.48 -5.94 -43.48
N SER B 499 11.87 -6.14 -42.22
CA SER B 499 11.26 -5.41 -41.12
C SER B 499 11.57 -3.93 -41.21
N ILE B 500 12.85 -3.59 -41.35
CA ILE B 500 13.24 -2.20 -41.50
C ILE B 500 12.71 -1.62 -42.79
N GLN B 501 12.61 -2.46 -43.83
CA GLN B 501 12.03 -2.03 -45.09
C GLN B 501 10.58 -1.59 -44.92
N ARG B 502 9.79 -2.39 -44.21
CA ARG B 502 8.40 -2.03 -43.98
C ARG B 502 8.26 -0.82 -43.06
N SER B 503 9.15 -0.71 -42.07
CA SER B 503 9.11 0.45 -41.18
C SER B 503 9.42 1.73 -41.93
N ALA B 504 10.36 1.67 -42.87
CA ALA B 504 10.65 2.82 -43.70
C ALA B 504 9.50 3.13 -44.64
N GLU B 505 8.81 2.11 -45.14
CA GLU B 505 7.65 2.33 -45.99
C GLU B 505 6.55 3.06 -45.23
N ILE B 506 6.25 2.61 -44.01
CA ILE B 506 5.20 3.23 -43.22
C ILE B 506 5.62 4.62 -42.77
N ALA B 507 6.91 4.83 -42.51
CA ALA B 507 7.41 6.15 -42.20
C ALA B 507 7.26 7.10 -43.38
N LYS B 508 7.42 6.59 -44.60
CA LYS B 508 7.15 7.41 -45.78
C LYS B 508 5.65 7.66 -45.93
N GLU B 509 4.83 6.68 -45.55
CA GLU B 509 3.38 6.83 -45.64
C GLU B 509 2.85 7.90 -44.71
N LYS B 510 3.44 8.03 -43.53
CA LYS B 510 2.95 9.01 -42.57
C LYS B 510 3.78 10.27 -42.52
N GLY B 511 5.08 10.19 -42.81
CA GLY B 511 5.94 11.34 -42.70
C GLY B 511 6.18 11.83 -41.30
N GLU B 512 6.00 10.96 -40.31
CA GLU B 512 6.05 11.34 -38.89
C GLU B 512 6.81 10.24 -38.15
N THR B 513 8.12 10.40 -38.01
CA THR B 513 8.86 9.43 -37.23
C THR B 513 8.67 9.67 -35.75
N PHE B 514 9.26 8.82 -34.94
CA PHE B 514 9.22 9.04 -33.51
C PHE B 514 10.15 10.19 -33.13
N ASP B 515 9.96 10.69 -31.91
CA ASP B 515 10.67 11.87 -31.47
C ASP B 515 12.15 11.59 -31.24
N GLN B 516 12.97 12.63 -31.48
CA GLN B 516 14.43 12.58 -31.36
C GLN B 516 15.03 11.52 -32.28
N TYR B 517 14.49 11.43 -33.50
CA TYR B 517 14.96 10.45 -34.47
C TYR B 517 16.38 10.74 -34.92
N GLU B 518 16.75 12.00 -35.02
CA GLU B 518 18.12 12.37 -35.36
C GLU B 518 19.09 12.04 -34.25
N GLY B 519 18.62 11.92 -33.00
CA GLY B 519 19.50 11.47 -31.94
C GLY B 519 19.84 10.00 -32.02
N SER B 520 19.05 9.23 -32.76
CA SER B 520 19.28 7.80 -32.88
C SER B 520 20.49 7.54 -33.78
N THR B 521 20.94 6.30 -33.75
CA THR B 521 21.94 5.84 -34.69
C THR B 521 21.33 5.44 -36.03
N TYR B 522 20.01 5.26 -36.07
CA TYR B 522 19.33 4.93 -37.33
C TYR B 522 19.41 6.07 -38.33
N ALA B 523 19.37 7.31 -37.87
CA ALA B 523 19.47 8.44 -38.78
C ALA B 523 20.88 8.57 -39.32
N THR B 524 21.87 8.14 -38.55
CA THR B 524 23.26 8.20 -38.97
C THR B 524 23.72 6.95 -39.72
N GLY B 525 22.94 5.88 -39.68
CA GLY B 525 23.32 4.67 -40.36
C GLY B 525 24.42 3.88 -39.68
N GLU B 526 24.68 4.19 -38.40
CA GLU B 526 25.70 3.46 -37.65
C GLU B 526 25.28 2.02 -37.40
N TYR B 527 23.98 1.78 -37.25
CA TYR B 527 23.47 0.42 -37.24
C TYR B 527 23.63 -0.25 -38.60
N PHE B 528 23.57 0.54 -39.68
CA PHE B 528 23.67 -0.03 -41.02
C PHE B 528 25.10 -0.39 -41.40
N ASP B 529 26.09 0.07 -40.62
CA ASP B 529 27.48 -0.15 -40.97
C ASP B 529 27.89 -1.61 -40.87
N LYS B 530 27.15 -2.43 -40.13
CA LYS B 530 27.39 -3.85 -40.14
C LYS B 530 27.00 -4.48 -41.47
N TYR B 531 25.99 -3.94 -42.14
CA TYR B 531 25.41 -4.59 -43.31
C TYR B 531 25.95 -4.07 -44.64
N VAL B 532 26.76 -3.01 -44.62
CA VAL B 532 27.34 -2.54 -45.88
C VAL B 532 28.41 -3.49 -46.37
N SER B 533 28.98 -4.29 -45.48
CA SER B 533 29.91 -5.36 -45.80
C SER B 533 29.45 -6.62 -45.07
N THR B 534 30.30 -7.65 -45.12
CA THR B 534 30.15 -8.93 -44.40
C THR B 534 28.82 -9.60 -44.75
N ASP B 535 28.72 -9.98 -46.02
CA ASP B 535 27.48 -10.53 -46.55
C ASP B 535 27.18 -11.88 -45.92
N PHE B 536 25.90 -12.14 -45.69
CA PHE B 536 25.43 -13.31 -44.96
C PHE B 536 24.89 -14.39 -45.89
N SER B 537 25.57 -14.61 -47.01
CA SER B 537 25.20 -15.65 -47.94
C SER B 537 25.32 -17.03 -47.28
N PRO B 538 24.49 -17.99 -47.68
CA PRO B 538 24.55 -19.32 -47.06
C PRO B 538 25.85 -20.04 -47.39
N LYS B 539 26.44 -20.63 -46.35
CA LYS B 539 27.73 -21.29 -46.44
C LYS B 539 27.61 -22.80 -46.60
N TYR B 540 26.41 -23.30 -46.86
CA TYR B 540 26.20 -24.73 -47.04
C TYR B 540 25.17 -24.94 -48.14
N GLU B 541 25.35 -26.04 -48.89
CA GLU B 541 24.46 -26.31 -50.01
C GLU B 541 23.08 -26.75 -49.53
N LYS B 542 23.03 -27.61 -48.51
CA LYS B 542 21.76 -28.10 -47.98
C LYS B 542 20.95 -26.99 -47.35
N ILE B 543 21.62 -26.02 -46.73
CA ILE B 543 20.95 -24.82 -46.25
C ILE B 543 20.45 -23.99 -47.43
N ALA B 544 21.25 -23.92 -48.49
CA ALA B 544 20.88 -23.12 -49.65
C ALA B 544 19.70 -23.70 -50.41
N ASN B 545 19.50 -25.01 -50.32
CA ASN B 545 18.34 -25.62 -50.98
C ASN B 545 17.05 -25.25 -50.26
N LEU B 546 17.14 -24.92 -48.97
CA LEU B 546 15.93 -24.59 -48.22
C LEU B 546 15.40 -23.22 -48.62
N PHE B 547 16.28 -22.23 -48.74
CA PHE B 547 15.87 -20.92 -49.22
C PHE B 547 15.79 -20.85 -50.73
N GLU B 548 16.09 -21.95 -51.42
CA GLU B 548 16.08 -21.97 -52.87
C GLU B 548 14.65 -21.84 -53.40
N GLY B 549 14.46 -20.92 -54.34
CA GLY B 549 13.15 -20.63 -54.88
C GLY B 549 12.64 -19.24 -54.57
N MET B 550 13.47 -18.37 -54.01
CA MET B 550 13.06 -17.01 -53.68
C MET B 550 14.30 -16.13 -53.64
N HIS B 551 14.05 -14.82 -53.66
CA HIS B 551 15.15 -13.86 -53.70
C HIS B 551 15.76 -13.65 -52.33
N ILE B 552 17.08 -13.48 -52.31
CA ILE B 552 17.82 -13.11 -51.11
C ILE B 552 18.59 -11.83 -51.42
N PRO B 553 18.51 -10.81 -50.58
CA PRO B 553 19.13 -9.52 -50.91
C PRO B 553 20.65 -9.56 -50.78
N THR B 554 21.26 -8.46 -51.23
CA THR B 554 22.70 -8.25 -51.22
C THR B 554 23.03 -7.05 -50.34
N THR B 555 24.32 -6.78 -50.18
CA THR B 555 24.75 -5.63 -49.40
C THR B 555 24.47 -4.32 -50.11
N GLU B 556 24.44 -4.33 -51.45
CA GLU B 556 24.03 -3.14 -52.18
C GLU B 556 22.55 -2.86 -51.99
N ASP B 557 21.76 -3.91 -51.78
CA ASP B 557 20.38 -3.71 -51.40
C ASP B 557 20.28 -3.09 -50.01
N TRP B 558 21.19 -3.45 -49.11
CA TRP B 558 21.28 -2.76 -47.84
C TRP B 558 21.70 -1.30 -48.01
N LYS B 559 22.52 -1.02 -49.03
CA LYS B 559 22.92 0.37 -49.26
C LYS B 559 21.76 1.19 -49.80
N LYS B 560 20.97 0.60 -50.69
CA LYS B 560 19.74 1.24 -51.15
C LYS B 560 18.77 1.42 -50.01
N LEU B 561 18.73 0.46 -49.09
CA LEU B 561 17.91 0.56 -47.90
C LEU B 561 18.39 1.71 -47.01
N LYS B 562 19.70 1.86 -46.87
CA LYS B 562 20.28 2.94 -46.08
C LYS B 562 19.94 4.29 -46.70
N ALA B 563 20.00 4.38 -48.02
CA ALA B 563 19.64 5.62 -48.71
C ALA B 563 18.15 5.93 -48.54
N PHE B 564 17.31 4.90 -48.60
CA PHE B 564 15.87 5.11 -48.46
C PHE B 564 15.51 5.48 -47.02
N VAL B 565 16.27 4.96 -46.06
CA VAL B 565 16.12 5.40 -44.67
C VAL B 565 16.55 6.85 -44.52
N ALA B 566 17.68 7.21 -45.14
CA ALA B 566 18.18 8.58 -45.09
C ALA B 566 17.25 9.56 -45.81
N GLU B 567 16.40 9.07 -46.70
CA GLU B 567 15.37 9.91 -47.29
C GLU B 567 14.38 10.39 -46.23
N HIS B 568 13.71 9.46 -45.56
CA HIS B 568 12.68 9.83 -44.59
C HIS B 568 13.06 9.41 -43.18
N GLY B 569 13.30 8.13 -42.94
CA GLY B 569 13.51 7.65 -41.60
C GLY B 569 12.70 6.40 -41.33
N MET B 570 12.59 6.05 -40.05
CA MET B 570 11.88 4.86 -39.64
C MET B 570 10.73 5.23 -38.72
N TYR B 571 9.63 4.48 -38.84
CA TYR B 571 8.44 4.81 -38.08
C TYR B 571 8.55 4.37 -36.63
N HIS B 572 9.15 3.23 -36.38
CA HIS B 572 9.21 2.65 -35.05
C HIS B 572 10.60 2.84 -34.45
N SER B 573 10.66 2.79 -33.13
CA SER B 573 11.93 2.82 -32.44
C SER B 573 12.41 1.44 -32.00
N TYR B 574 11.51 0.47 -31.95
CA TYR B 574 11.85 -0.90 -31.57
C TYR B 574 10.94 -1.81 -32.36
N ARG B 575 11.44 -3.00 -32.71
CA ARG B 575 10.65 -3.84 -33.60
C ARG B 575 10.50 -5.27 -33.10
N LEU B 576 11.50 -5.79 -32.40
CA LEU B 576 11.64 -7.23 -32.24
C LEU B 576 11.67 -7.62 -30.77
N CYS B 577 11.19 -8.82 -30.48
CA CYS B 577 11.19 -9.39 -29.15
C CYS B 577 11.02 -10.89 -29.29
N ILE B 578 11.49 -11.64 -28.30
CA ILE B 578 11.38 -13.09 -28.31
C ILE B 578 10.87 -13.52 -26.94
N ALA B 579 9.65 -14.06 -26.91
CA ALA B 579 9.00 -14.38 -25.66
C ALA B 579 8.74 -15.88 -25.55
N PRO B 580 8.78 -16.44 -24.36
CA PRO B 580 8.44 -17.88 -24.23
C PRO B 580 6.93 -18.11 -24.35
N THR B 581 6.44 -18.06 -25.58
CA THR B 581 5.01 -18.07 -25.84
C THR B 581 4.49 -19.51 -25.87
N GLY B 582 4.56 -20.15 -24.71
CA GLY B 582 4.14 -21.53 -24.60
C GLY B 582 2.64 -21.71 -24.55
N SER B 583 1.95 -20.72 -23.97
CA SER B 583 0.51 -20.87 -23.77
C SER B 583 -0.26 -20.73 -25.07
N ILE B 584 0.32 -20.08 -26.07
CA ILE B 584 -0.25 -20.06 -27.41
C ILE B 584 0.64 -20.80 -28.39
N SER B 585 1.56 -21.61 -27.88
CA SER B 585 2.27 -22.55 -28.72
C SER B 585 1.38 -23.71 -29.12
N TYR B 586 0.48 -24.11 -28.23
CA TYR B 586 -0.29 -25.32 -28.43
C TYR B 586 -1.33 -25.14 -29.52
N VAL B 587 -1.85 -23.93 -29.69
CA VAL B 587 -2.85 -23.69 -30.71
C VAL B 587 -2.22 -23.74 -32.09
N GLN B 588 -1.02 -23.19 -32.21
CA GLN B 588 -0.31 -23.29 -33.48
C GLN B 588 0.21 -24.69 -33.75
N SER B 589 0.12 -25.60 -32.77
CA SER B 589 0.48 -27.01 -32.89
C SER B 589 1.94 -27.18 -33.27
N SER B 590 2.80 -26.69 -32.39
CA SER B 590 4.20 -26.61 -32.71
C SER B 590 5.01 -26.65 -31.43
N THR B 591 6.30 -26.39 -31.56
CA THR B 591 7.22 -26.37 -30.44
C THR B 591 7.12 -25.03 -29.73
N ALA B 592 8.08 -24.79 -28.84
CA ALA B 592 8.25 -23.47 -28.27
C ALA B 592 9.01 -22.57 -29.23
N SER B 593 9.52 -21.46 -28.71
CA SER B 593 10.52 -20.68 -29.45
C SER B 593 11.89 -21.35 -29.33
N VAL B 594 12.93 -20.59 -29.66
CA VAL B 594 14.29 -21.07 -29.96
C VAL B 594 14.92 -22.03 -28.94
N MET B 595 14.40 -22.07 -27.72
CA MET B 595 14.83 -23.08 -26.75
C MET B 595 14.37 -24.44 -27.20
N PRO B 596 15.25 -25.45 -27.25
CA PRO B 596 14.82 -26.79 -27.68
C PRO B 596 13.96 -27.46 -26.61
N ILE B 597 13.28 -28.52 -27.03
CA ILE B 597 12.23 -29.11 -26.20
C ILE B 597 12.82 -29.87 -25.03
N MET B 598 12.06 -29.95 -23.95
CA MET B 598 12.53 -30.68 -22.78
C MET B 598 12.38 -32.19 -22.97
N GLU B 599 11.15 -32.66 -23.15
CA GLU B 599 10.89 -34.10 -23.26
C GLU B 599 10.15 -34.38 -24.56
N ARG B 600 10.34 -35.61 -25.05
CA ARG B 600 9.70 -36.00 -26.29
C ARG B 600 8.21 -36.19 -26.12
N ILE B 601 7.78 -36.56 -24.92
CA ILE B 601 6.37 -36.74 -24.60
C ILE B 601 6.07 -35.91 -23.37
N GLU B 602 5.05 -35.06 -23.46
CA GLU B 602 4.55 -34.36 -22.30
C GLU B 602 3.39 -35.16 -21.72
N GLU B 603 3.30 -35.17 -20.40
CA GLU B 603 2.23 -35.90 -19.72
C GLU B 603 1.57 -34.99 -18.71
N ARG B 604 0.26 -34.84 -18.82
CA ARG B 604 -0.49 -34.04 -17.86
C ARG B 604 -1.65 -34.85 -17.31
N THR B 605 -2.16 -34.40 -16.17
CA THR B 605 -3.36 -34.95 -15.55
C THR B 605 -4.36 -33.82 -15.43
N TYR B 606 -5.32 -33.77 -16.36
CA TYR B 606 -6.37 -32.78 -16.29
C TYR B 606 -7.27 -33.04 -15.09
N GLY B 607 -7.87 -34.21 -15.04
CA GLY B 607 -8.46 -34.72 -13.82
C GLY B 607 -8.96 -36.13 -14.04
N ASN B 608 -8.52 -37.03 -13.16
CA ASN B 608 -8.69 -38.49 -13.31
C ASN B 608 -8.28 -38.97 -14.71
N SER B 609 -7.20 -38.41 -15.23
CA SER B 609 -6.85 -38.59 -16.64
C SER B 609 -5.35 -38.54 -16.80
N LYS B 610 -4.87 -39.14 -17.89
CA LYS B 610 -3.46 -39.11 -18.26
C LYS B 610 -3.38 -38.68 -19.73
N THR B 611 -3.39 -37.37 -19.94
CA THR B 611 -3.23 -36.81 -21.28
C THR B 611 -1.78 -36.95 -21.71
N TYR B 612 -1.60 -37.55 -22.87
CA TYR B 612 -0.27 -37.86 -23.41
C TYR B 612 -0.08 -37.03 -24.68
N TYR B 613 0.78 -36.03 -24.61
CA TYR B 613 1.04 -35.18 -25.75
C TYR B 613 2.33 -35.61 -26.41
N PRO B 614 2.29 -36.07 -27.66
CA PRO B 614 3.53 -36.22 -28.42
C PRO B 614 3.91 -34.90 -29.07
N MET B 615 5.21 -34.72 -29.25
CA MET B 615 5.70 -33.59 -30.02
C MET B 615 5.30 -33.76 -31.48
N PRO B 616 5.04 -32.66 -32.20
CA PRO B 616 4.64 -32.79 -33.60
C PRO B 616 5.79 -33.25 -34.47
N GLY B 617 5.48 -34.14 -35.41
CA GLY B 617 6.48 -34.72 -36.27
C GLY B 617 7.20 -35.91 -35.69
N LEU B 618 6.69 -36.49 -34.60
CA LEU B 618 7.35 -37.61 -33.94
C LEU B 618 7.11 -38.87 -34.75
N ALA B 619 8.12 -39.31 -35.49
CA ALA B 619 8.09 -40.57 -36.21
C ALA B 619 9.31 -41.38 -35.79
N SER B 620 9.48 -42.54 -36.40
CA SER B 620 10.60 -43.40 -36.04
C SER B 620 11.92 -42.87 -36.57
N ASN B 621 11.89 -42.23 -37.74
CA ASN B 621 13.12 -41.80 -38.40
C ASN B 621 13.77 -40.64 -37.67
N ASN B 622 12.98 -39.65 -37.28
CA ASN B 622 13.49 -38.44 -36.65
C ASN B 622 13.55 -38.54 -35.13
N TRP B 623 13.69 -39.75 -34.59
CA TRP B 623 13.85 -39.93 -33.16
C TRP B 623 15.15 -39.30 -32.66
N PHE B 624 16.19 -39.32 -33.49
CA PHE B 624 17.48 -38.81 -33.05
C PHE B 624 17.57 -37.30 -33.12
N PHE B 625 16.90 -36.69 -34.10
CA PHE B 625 16.93 -35.23 -34.18
C PHE B 625 16.07 -34.58 -33.11
N TYR B 626 15.12 -35.31 -32.55
CA TYR B 626 14.42 -34.88 -31.35
C TYR B 626 15.27 -35.25 -30.13
N LYS B 627 16.32 -34.47 -29.93
CA LYS B 627 17.20 -34.69 -28.79
C LYS B 627 16.53 -34.26 -27.49
N GLU B 628 17.22 -34.50 -26.39
CA GLU B 628 16.72 -34.15 -25.07
C GLU B 628 17.53 -33.01 -24.49
N ALA B 629 16.83 -32.11 -23.78
CA ALA B 629 17.41 -30.86 -23.32
C ALA B 629 18.47 -31.07 -22.25
N TYR B 630 18.43 -32.18 -21.53
CA TYR B 630 19.45 -32.46 -20.52
C TYR B 630 20.71 -33.06 -21.13
N ASP B 631 20.76 -33.25 -22.43
CA ASP B 631 21.83 -33.99 -23.09
C ASP B 631 22.37 -33.20 -24.27
N MET B 632 22.67 -31.92 -24.03
CA MET B 632 23.10 -31.03 -25.09
C MET B 632 24.32 -30.23 -24.65
N ASP B 633 25.05 -29.71 -25.64
CA ASP B 633 26.15 -28.79 -25.39
C ASP B 633 25.57 -27.40 -25.14
N MET B 634 25.79 -26.88 -23.94
CA MET B 634 25.31 -25.54 -23.62
C MET B 634 26.05 -24.47 -24.40
N PHE B 635 27.33 -24.71 -24.70
CA PHE B 635 28.13 -23.71 -25.40
C PHE B 635 27.64 -23.50 -26.83
N LYS B 636 27.26 -24.57 -27.51
CA LYS B 636 26.71 -24.44 -28.85
C LYS B 636 25.33 -23.79 -28.81
N VAL B 637 24.58 -24.00 -27.74
CA VAL B 637 23.30 -23.32 -27.58
C VAL B 637 23.52 -21.82 -27.42
N VAL B 638 24.51 -21.44 -26.62
CA VAL B 638 24.82 -20.02 -26.43
C VAL B 638 25.34 -19.41 -27.72
N ASP B 639 26.08 -20.18 -28.51
CA ASP B 639 26.56 -19.67 -29.79
C ASP B 639 25.42 -19.53 -30.79
N MET B 640 24.44 -20.43 -30.74
CA MET B 640 23.22 -20.30 -31.53
C MET B 640 22.48 -19.02 -31.16
N ILE B 641 22.33 -18.78 -29.87
CA ILE B 641 21.61 -17.59 -29.41
C ILE B 641 22.40 -16.32 -29.73
N ALA B 642 23.73 -16.41 -29.74
CA ALA B 642 24.54 -15.25 -30.11
C ALA B 642 24.43 -14.96 -31.61
N THR B 643 24.31 -16.02 -32.41
CA THR B 643 24.08 -15.84 -33.84
C THR B 643 22.70 -15.22 -34.08
N ILE B 644 21.73 -15.61 -33.27
CA ILE B 644 20.40 -15.00 -33.33
C ILE B 644 20.46 -13.55 -32.88
N GLN B 645 21.33 -13.26 -31.91
CA GLN B 645 21.46 -11.94 -31.31
C GLN B 645 21.99 -10.90 -32.29
N GLN B 646 22.57 -11.35 -33.40
CA GLN B 646 23.18 -10.49 -34.40
C GLN B 646 22.18 -9.57 -35.10
N HIS B 647 20.88 -9.79 -34.93
CA HIS B 647 19.89 -9.00 -35.63
C HIS B 647 18.79 -8.46 -34.75
N ILE B 648 18.74 -8.83 -33.47
CA ILE B 648 17.63 -8.51 -32.58
C ILE B 648 18.03 -7.31 -31.73
N ASP B 649 17.13 -6.32 -31.63
CA ASP B 649 17.42 -5.17 -30.80
C ASP B 649 17.24 -5.47 -29.32
N GLN B 650 16.21 -6.21 -28.97
CA GLN B 650 15.91 -6.46 -27.56
C GLN B 650 16.58 -7.74 -27.10
N GLY B 651 16.14 -8.23 -25.95
CA GLY B 651 16.64 -9.48 -25.42
C GLY B 651 15.97 -10.68 -26.05
N ILE B 652 16.49 -11.86 -25.69
CA ILE B 652 16.05 -13.13 -26.21
C ILE B 652 15.80 -14.05 -25.03
N SER B 653 14.68 -14.75 -25.04
CA SER B 653 14.23 -15.53 -23.88
C SER B 653 15.08 -16.79 -23.72
N PHE B 654 16.30 -16.59 -23.24
CA PHE B 654 17.25 -17.68 -23.10
C PHE B 654 17.08 -18.36 -21.76
N THR B 655 16.77 -19.65 -21.77
CA THR B 655 16.51 -20.42 -20.57
C THR B 655 17.56 -21.50 -20.41
N LEU B 656 18.14 -21.60 -19.21
CA LEU B 656 19.13 -22.63 -18.93
C LEU B 656 18.47 -23.96 -18.57
N PHE B 657 19.07 -25.04 -19.06
CA PHE B 657 18.57 -26.39 -18.85
C PHE B 657 19.66 -27.15 -18.11
N LEU B 658 19.41 -27.50 -16.86
CA LEU B 658 20.46 -28.05 -16.02
C LEU B 658 20.08 -29.42 -15.49
N LYS B 659 21.06 -30.09 -14.90
CA LYS B 659 20.86 -31.37 -14.23
C LYS B 659 21.42 -31.29 -12.82
N ASP B 660 20.96 -32.22 -11.98
CA ASP B 660 21.47 -32.30 -10.61
C ASP B 660 22.91 -32.77 -10.56
N THR B 661 23.34 -33.52 -11.57
CA THR B 661 24.71 -33.99 -11.67
C THR B 661 25.68 -32.91 -12.13
N MET B 662 25.19 -31.74 -12.53
CA MET B 662 26.06 -30.69 -13.04
C MET B 662 26.71 -29.96 -11.87
N THR B 663 27.44 -28.89 -12.20
CA THR B 663 28.33 -28.25 -11.24
C THR B 663 28.21 -26.74 -11.36
N THR B 664 28.17 -26.06 -10.22
CA THR B 664 28.15 -24.60 -10.18
C THR B 664 29.42 -23.98 -10.75
N ARG B 665 30.54 -24.71 -10.68
CA ARG B 665 31.73 -24.35 -11.43
C ARG B 665 31.44 -24.26 -12.92
N ASP B 666 30.83 -25.32 -13.48
CA ASP B 666 30.45 -25.31 -14.88
C ASP B 666 29.35 -24.30 -15.16
N LEU B 667 28.46 -24.08 -14.19
CA LEU B 667 27.41 -23.07 -14.33
C LEU B 667 27.99 -21.68 -14.49
N ASN B 668 28.89 -21.30 -13.58
CA ASN B 668 29.51 -19.98 -13.64
C ASN B 668 30.42 -19.86 -14.84
N ARG B 669 31.00 -20.97 -15.29
CA ARG B 669 31.76 -20.97 -16.54
C ARG B 669 30.85 -20.66 -17.73
N ILE B 670 29.66 -21.25 -17.76
CA ILE B 670 28.67 -20.94 -18.80
C ILE B 670 28.24 -19.48 -18.71
N ASP B 671 28.12 -18.97 -17.48
CA ASP B 671 27.73 -17.57 -17.27
C ASP B 671 28.76 -16.61 -17.84
N LEU B 672 30.02 -16.83 -17.51
CA LEU B 672 31.08 -15.97 -18.03
C LEU B 672 31.29 -16.19 -19.52
N TYR B 673 30.99 -17.39 -20.01
CA TYR B 673 31.03 -17.66 -21.45
C TYR B 673 30.00 -16.84 -22.19
N ALA B 674 28.79 -16.77 -21.64
CA ALA B 674 27.74 -15.97 -22.25
C ALA B 674 28.04 -14.49 -22.15
N HIS B 675 28.69 -14.07 -21.05
CA HIS B 675 29.13 -12.69 -20.96
C HIS B 675 30.21 -12.38 -21.98
N HIS B 676 31.07 -13.35 -22.27
CA HIS B 676 32.10 -13.14 -23.27
C HIS B 676 31.52 -13.14 -24.67
N ARG B 677 30.46 -13.92 -24.90
CA ARG B 677 29.82 -13.90 -26.19
C ARG B 677 28.97 -12.65 -26.38
N GLY B 678 28.22 -12.25 -25.37
CA GLY B 678 27.38 -11.07 -25.50
C GLY B 678 25.90 -11.36 -25.42
N ILE B 679 25.54 -12.44 -24.73
CA ILE B 679 24.14 -12.73 -24.46
C ILE B 679 23.59 -11.68 -23.50
N LYS B 680 22.42 -11.13 -23.83
CA LYS B 680 21.91 -10.01 -23.06
C LYS B 680 21.39 -10.44 -21.71
N THR B 681 20.36 -11.28 -21.68
CA THR B 681 19.76 -11.72 -20.43
C THR B 681 19.57 -13.22 -20.44
N ILE B 682 19.35 -13.78 -19.24
CA ILE B 682 19.06 -15.19 -19.09
C ILE B 682 17.73 -15.34 -18.37
N TYR B 683 17.32 -16.58 -18.12
CA TYR B 683 16.06 -16.88 -17.45
C TYR B 683 16.36 -17.86 -16.32
N TYR B 684 15.34 -18.08 -15.49
CA TYR B 684 15.29 -19.17 -14.52
C TYR B 684 15.72 -20.49 -15.13
N ALA B 685 16.53 -21.24 -14.39
CA ALA B 685 17.10 -22.49 -14.85
C ALA B 685 16.26 -23.67 -14.40
N ARG B 686 16.29 -24.75 -15.19
CA ARG B 686 15.42 -25.89 -14.99
C ARG B 686 16.22 -27.16 -14.74
N THR B 687 15.70 -28.01 -13.86
CA THR B 687 16.32 -29.29 -13.55
C THR B 687 15.28 -30.34 -13.14
N UNK C 1 -15.51 -17.70 32.57
CA UNK C 1 -15.94 -17.84 31.19
C UNK C 1 -17.06 -18.88 31.08
N UNK C 2 -18.30 -18.45 31.27
CA UNK C 2 -19.43 -19.36 31.30
C UNK C 2 -20.58 -18.74 30.52
N UNK C 3 -21.69 -19.47 30.44
CA UNK C 3 -22.84 -19.03 29.68
C UNK C 3 -23.62 -17.95 30.43
N UNK C 4 -24.33 -17.14 29.66
CA UNK C 4 -25.06 -16.00 30.21
C UNK C 4 -26.45 -16.45 30.66
N UNK C 5 -27.25 -15.48 31.11
CA UNK C 5 -28.59 -15.74 31.61
C UNK C 5 -29.45 -14.51 31.32
N UNK C 6 -30.59 -14.40 32.00
CA UNK C 6 -31.50 -13.29 31.80
C UNK C 6 -30.93 -12.03 32.44
N UNK C 7 -30.88 -10.94 31.67
CA UNK C 7 -30.44 -9.66 32.14
C UNK C 7 -31.64 -8.76 32.41
N UNK C 8 -31.39 -7.49 32.69
CA UNK C 8 -32.46 -6.53 32.92
C UNK C 8 -33.11 -6.11 31.61
N UNK D 1 28.28 -29.42 -8.14
CA UNK D 1 28.09 -28.14 -7.47
C UNK D 1 29.30 -27.80 -6.62
N UNK D 2 30.30 -27.18 -7.23
CA UNK D 2 31.56 -26.89 -6.54
C UNK D 2 32.00 -25.48 -6.90
N UNK D 3 33.13 -25.08 -6.33
CA UNK D 3 33.65 -23.73 -6.53
C UNK D 3 34.29 -23.58 -7.90
N UNK D 4 34.32 -22.35 -8.39
CA UNK D 4 34.82 -22.06 -9.72
C UNK D 4 36.34 -21.84 -9.67
N UNK D 5 36.92 -21.48 -10.81
CA UNK D 5 38.35 -21.25 -10.93
C UNK D 5 38.56 -20.19 -12.01
N UNK D 6 39.79 -20.11 -12.53
CA UNK D 6 40.13 -19.13 -13.55
C UNK D 6 39.55 -19.55 -14.89
N UNK D 7 38.84 -18.62 -15.52
CA UNK D 7 38.27 -18.83 -16.84
C UNK D 7 39.13 -18.12 -17.89
N UNK D 8 38.64 -18.09 -19.12
CA UNK D 8 39.35 -17.43 -20.20
C UNK D 8 39.21 -15.91 -20.10
#